data_4FEW
#
_entry.id   4FEW
#
_cell.length_a   57.280
_cell.length_b   93.579
_cell.length_c   96.399
_cell.angle_alpha   61.22
_cell.angle_beta   73.18
_cell.angle_gamma   87.35
#
_symmetry.space_group_name_H-M   'P 1'
#
loop_
_entity.id
_entity.type
_entity.pdbx_description
1 polymer "Aminoglycoside 3'-phosphotransferase AphA1-IAB"
2 non-polymer 'KANAMYCIN A'
3 non-polymer 1-TERT-BUTYL-3-(4-CHLORO-PHENYL)-1H-PYRAZOLO[3,4-D]PYRIMIDIN-4-YLAMINE
4 non-polymer 'SODIUM ION'
5 non-polymer 'CHLORIDE ION'
6 non-polymer 'ACETATE ION'
7 non-polymer DI(HYDROXYETHYL)ETHER
8 water water
#
_entity_poly.entity_id   1
_entity_poly.type   'polypeptide(L)'
_entity_poly.pdbx_seq_one_letter_code
;G(MSE)SHIQRETSCSRPRLNSNLDADLYGYRWARDNVGQSGATIYRLYGKPNAPELFLKHGKGSVANDVTDE(MSE)VR
LNWLTAF(MSE)PLPTIKHFIRTPDDAWLLTTAIPGKTAFQVLEEYPDSGENIVDALAVFLRRLHSIPVCNCPFNSDRVF
RLAQAQSR(MSE)NNGLVDASDFDDERNGWPVEQVWKE(MSE)HKLLPFSPDSVVTHGDFSLDNLIFDEGKLIGCIDVGR
VGIADRYQDLAILWNCLGEFSPSLQKRLFQKYGIDNPD(MSE)NKLQFHL(MSE)LDEFF
;
_entity_poly.pdbx_strand_id   A,B,C,D,E,F
#
loop_
_chem_comp.id
_chem_comp.type
_chem_comp.name
_chem_comp.formula
ACT non-polymer 'ACETATE ION' 'C2 H3 O2 -1'
CL non-polymer 'CHLORIDE ION' 'Cl -1'
KAN non-polymer 'KANAMYCIN A' 'C18 H36 N4 O11'
NA non-polymer 'SODIUM ION' 'Na 1'
PEG non-polymer DI(HYDROXYETHYL)ETHER 'C4 H10 O3'
PP2 non-polymer 1-TERT-BUTYL-3-(4-CHLORO-PHENYL)-1H-PYRAZOLO[3,4-D]PYRIMIDIN-4-YLAMINE 'C15 H17 Cl N5 1'
#
# COMPACT_ATOMS: atom_id res chain seq x y z
N ARG A 7 34.25 23.46 -55.59
CA ARG A 7 34.71 22.74 -56.76
C ARG A 7 34.02 21.38 -56.92
N GLU A 8 33.37 21.18 -58.07
CA GLU A 8 32.75 19.89 -58.37
C GLU A 8 33.07 19.43 -59.78
N THR A 9 33.41 18.15 -59.91
CA THR A 9 33.67 17.54 -61.20
C THR A 9 32.46 16.68 -61.57
N SER A 10 32.18 16.57 -62.87
CA SER A 10 31.11 15.69 -63.33
C SER A 10 31.61 14.25 -63.43
N CYS A 11 30.88 13.32 -62.80
CA CYS A 11 31.31 11.93 -62.78
C CYS A 11 30.31 10.98 -63.44
N SER A 12 30.57 9.68 -63.32
CA SER A 12 29.73 8.66 -63.93
C SER A 12 28.72 8.11 -62.93
N ARG A 13 28.09 7.00 -63.29
CA ARG A 13 27.09 6.38 -62.42
C ARG A 13 27.68 5.22 -61.63
N PRO A 14 27.83 5.41 -60.31
CA PRO A 14 28.29 4.34 -59.42
C PRO A 14 27.11 3.49 -58.92
N ARG A 15 27.36 2.62 -57.96
CA ARG A 15 26.30 1.74 -57.45
C ARG A 15 26.65 1.16 -56.09
N LEU A 16 25.65 0.61 -55.41
CA LEU A 16 25.87 -0.07 -54.14
C LEU A 16 26.08 -1.57 -54.39
N ASN A 17 26.53 -2.27 -53.35
CA ASN A 17 26.84 -3.70 -53.47
C ASN A 17 25.84 -4.63 -52.78
N SER A 18 25.05 -4.11 -51.84
CA SER A 18 24.15 -4.96 -51.05
C SER A 18 22.78 -4.36 -50.71
N ASN A 19 21.74 -5.08 -51.13
CA ASN A 19 20.35 -4.74 -50.81
C ASN A 19 19.72 -5.82 -49.91
N LEU A 20 18.72 -5.41 -49.14
CA LEU A 20 18.15 -6.25 -48.06
C LEU A 20 17.66 -7.62 -48.53
N ASP A 21 17.35 -7.74 -49.81
CA ASP A 21 16.75 -8.95 -50.34
C ASP A 21 17.66 -10.18 -50.22
N ALA A 22 18.94 -10.02 -50.53
CA ALA A 22 19.89 -11.13 -50.53
C ALA A 22 20.19 -11.63 -49.12
N ASP A 23 20.07 -10.75 -48.15
CA ASP A 23 20.34 -11.07 -46.76
C ASP A 23 19.27 -11.99 -46.20
N LEU A 24 18.12 -12.05 -46.86
CA LEU A 24 16.98 -12.74 -46.30
C LEU A 24 16.69 -14.07 -46.97
N TYR A 25 17.41 -14.37 -48.04
CA TYR A 25 17.21 -15.61 -48.80
C TYR A 25 17.27 -16.84 -47.90
N GLY A 26 16.32 -17.75 -48.10
CA GLY A 26 16.34 -19.06 -47.46
C GLY A 26 16.05 -19.16 -45.97
N TYR A 27 15.51 -18.09 -45.37
CA TYR A 27 15.13 -18.15 -43.97
C TYR A 27 13.64 -18.48 -43.81
N ARG A 28 13.30 -19.15 -42.72
CA ARG A 28 11.91 -19.29 -42.31
C ARG A 28 11.51 -18.00 -41.59
N TRP A 29 10.25 -17.60 -41.73
CA TRP A 29 9.77 -16.37 -41.10
C TRP A 29 8.76 -16.61 -39.97
N ALA A 30 8.94 -15.89 -38.86
CA ALA A 30 7.99 -15.89 -37.75
C ALA A 30 7.80 -14.45 -37.23
N ARG A 31 6.59 -14.13 -36.80
CA ARG A 31 6.29 -12.81 -36.23
C ARG A 31 6.20 -12.88 -34.71
N ASP A 32 7.14 -12.26 -34.00
CA ASP A 32 7.09 -12.25 -32.53
C ASP A 32 6.22 -11.09 -32.03
N ASN A 33 6.16 -10.91 -30.71
CA ASN A 33 5.37 -9.80 -30.14
C ASN A 33 5.93 -8.45 -30.57
N VAL A 34 5.24 -7.38 -30.17
CA VAL A 34 5.64 -6.03 -30.60
C VAL A 34 7.09 -5.67 -30.28
N GLY A 35 7.38 -5.37 -29.02
CA GLY A 35 8.72 -4.96 -28.67
C GLY A 35 8.70 -3.57 -28.08
N GLN A 36 9.89 -3.12 -27.68
CA GLN A 36 10.09 -1.94 -26.85
C GLN A 36 9.21 -0.76 -27.19
N SER A 37 9.27 -0.33 -28.44
CA SER A 37 8.53 0.85 -28.86
C SER A 37 7.48 0.53 -29.94
N GLY A 38 7.13 -0.76 -30.03
CA GLY A 38 6.02 -1.17 -30.86
C GLY A 38 6.43 -1.65 -32.24
N ALA A 39 7.73 -1.76 -32.51
CA ALA A 39 8.17 -2.20 -33.84
C ALA A 39 7.65 -3.60 -34.11
N THR A 40 7.41 -3.94 -35.37
CA THR A 40 7.13 -5.32 -35.71
C THR A 40 8.43 -6.11 -35.64
N ILE A 41 8.41 -7.27 -34.99
CA ILE A 41 9.61 -8.09 -34.89
C ILE A 41 9.50 -9.40 -35.62
N TYR A 42 10.43 -9.65 -36.52
CA TYR A 42 10.52 -10.93 -37.23
C TYR A 42 11.73 -11.73 -36.79
N ARG A 43 11.52 -13.03 -36.59
CA ARG A 43 12.62 -13.93 -36.34
C ARG A 43 12.88 -14.71 -37.62
N LEU A 44 14.16 -14.76 -38.00
CA LEU A 44 14.59 -15.47 -39.21
C LEU A 44 15.40 -16.68 -38.79
N TYR A 45 14.97 -17.87 -39.19
CA TYR A 45 15.55 -19.09 -38.65
C TYR A 45 15.44 -20.19 -39.68
N GLY A 46 16.04 -21.33 -39.36
CA GLY A 46 15.87 -22.52 -40.18
C GLY A 46 16.61 -22.45 -41.50
N LYS A 47 17.67 -21.64 -41.54
CA LYS A 47 18.52 -21.60 -42.72
C LYS A 47 19.82 -22.31 -42.40
N PRO A 48 20.10 -23.39 -43.15
CA PRO A 48 21.33 -24.18 -42.95
C PRO A 48 22.57 -23.29 -43.03
N ASN A 49 23.53 -23.52 -42.12
CA ASN A 49 24.81 -22.81 -42.14
C ASN A 49 24.68 -21.30 -42.10
N ALA A 50 23.61 -20.82 -41.48
CA ALA A 50 23.42 -19.39 -41.33
C ALA A 50 22.79 -19.10 -39.98
N PRO A 51 23.26 -18.04 -39.31
CA PRO A 51 22.79 -17.73 -37.96
C PRO A 51 21.35 -17.27 -37.94
N GLU A 52 20.68 -17.45 -36.80
CA GLU A 52 19.36 -16.88 -36.59
C GLU A 52 19.50 -15.36 -36.67
N LEU A 53 18.55 -14.69 -37.34
CA LEU A 53 18.53 -13.23 -37.37
C LEU A 53 17.24 -12.67 -36.77
N PHE A 54 17.28 -11.39 -36.42
CA PHE A 54 16.06 -10.66 -36.10
C PHE A 54 15.91 -9.46 -37.03
N LEU A 55 14.68 -9.24 -37.49
CA LEU A 55 14.36 -8.04 -38.27
C LEU A 55 13.31 -7.21 -37.55
N LYS A 56 13.63 -5.95 -37.29
CA LYS A 56 12.69 -5.01 -36.69
C LYS A 56 12.23 -4.04 -37.74
N HIS A 57 10.92 -3.79 -37.80
CA HIS A 57 10.38 -2.81 -38.73
C HIS A 57 9.55 -1.79 -37.99
N GLY A 58 9.97 -0.53 -38.05
CA GLY A 58 9.22 0.55 -37.47
C GLY A 58 8.66 1.47 -38.55
N LYS A 59 7.38 1.82 -38.42
CA LYS A 59 6.77 2.81 -39.30
C LYS A 59 6.46 4.07 -38.51
N GLY A 60 6.55 5.23 -39.14
CA GLY A 60 6.22 6.48 -38.49
C GLY A 60 7.07 6.77 -37.28
N SER A 61 6.44 7.19 -36.18
CA SER A 61 7.19 7.51 -34.96
C SER A 61 8.09 6.35 -34.57
N VAL A 62 7.56 5.13 -34.67
CA VAL A 62 8.32 3.94 -34.30
C VAL A 62 9.61 3.77 -35.11
N ALA A 63 9.62 4.32 -36.32
CA ALA A 63 10.84 4.30 -37.13
C ALA A 63 11.98 5.03 -36.43
N ASN A 64 11.64 6.09 -35.71
CA ASN A 64 12.66 6.86 -34.98
C ASN A 64 13.24 6.02 -33.86
N ASP A 65 12.38 5.24 -33.20
CA ASP A 65 12.84 4.38 -32.11
C ASP A 65 13.79 3.30 -32.64
N VAL A 66 13.44 2.72 -33.78
CA VAL A 66 14.28 1.71 -34.40
C VAL A 66 15.61 2.32 -34.83
N THR A 67 15.55 3.53 -35.36
CA THR A 67 16.75 4.26 -35.73
C THR A 67 17.60 4.53 -34.49
N ASP A 68 16.96 4.92 -33.41
CA ASP A 68 17.67 5.17 -32.15
C ASP A 68 18.37 3.91 -31.66
N GLU A 69 17.70 2.78 -31.80
CA GLU A 69 18.31 1.51 -31.39
C GLU A 69 19.47 1.15 -32.29
N MSE A 70 19.36 1.45 -33.58
CA MSE A 70 20.45 1.11 -34.50
C MSE A 70 21.77 1.80 -34.06
O MSE A 70 22.79 1.14 -33.96
CB MSE A 70 20.08 1.44 -35.95
CG MSE A 70 21.16 1.02 -36.97
SE MSE A 70 22.62 2.32 -37.17
CE MSE A 70 21.63 3.77 -37.97
N VAL A 71 21.73 3.10 -33.81
CA VAL A 71 22.98 3.84 -33.54
C VAL A 71 23.60 3.47 -32.19
N ARG A 72 22.75 3.05 -31.26
CA ARG A 72 23.21 2.64 -29.95
C ARG A 72 23.82 1.23 -30.02
N LEU A 73 23.22 0.34 -30.81
CA LEU A 73 23.84 -0.96 -31.10
C LEU A 73 25.24 -0.73 -31.66
N ASN A 74 25.31 0.16 -32.63
CA ASN A 74 26.57 0.47 -33.31
C ASN A 74 27.62 0.98 -32.34
N TRP A 75 27.22 1.90 -31.47
CA TRP A 75 28.18 2.49 -30.55
C TRP A 75 28.57 1.48 -29.47
N LEU A 76 27.57 0.94 -28.79
CA LEU A 76 27.81 0.18 -27.57
C LEU A 76 28.52 -1.14 -27.81
N THR A 77 28.41 -1.67 -29.02
CA THR A 77 28.99 -2.99 -29.24
C THR A 77 30.54 -2.98 -29.17
N ALA A 78 31.12 -1.79 -29.26
CA ALA A 78 32.56 -1.68 -29.06
C ALA A 78 32.93 -2.09 -27.64
N PHE A 79 31.98 -1.97 -26.70
CA PHE A 79 32.28 -2.17 -25.28
C PHE A 79 31.64 -3.39 -24.63
N MSE A 80 30.51 -3.84 -25.16
CA MSE A 80 29.70 -4.88 -24.51
C MSE A 80 29.21 -5.90 -25.56
O MSE A 80 29.22 -5.61 -26.75
CB MSE A 80 28.51 -4.24 -23.79
CG MSE A 80 28.93 -3.32 -22.64
SE MSE A 80 29.78 -4.31 -21.20
CE MSE A 80 28.15 -4.99 -20.37
N PRO A 81 28.82 -7.11 -25.12
CA PRO A 81 28.36 -8.10 -26.12
C PRO A 81 26.92 -7.82 -26.51
N LEU A 82 26.71 -7.48 -27.78
CA LEU A 82 25.41 -7.05 -28.29
C LEU A 82 25.15 -7.77 -29.57
N PRO A 83 23.88 -7.76 -30.03
CA PRO A 83 23.66 -8.26 -31.38
C PRO A 83 24.47 -7.46 -32.42
N THR A 84 24.87 -8.10 -33.52
CA THR A 84 25.60 -7.41 -34.59
C THR A 84 24.65 -6.92 -35.68
N ILE A 85 24.81 -5.66 -36.09
CA ILE A 85 24.01 -5.11 -37.17
C ILE A 85 24.40 -5.73 -38.50
N LYS A 86 23.45 -6.35 -39.18
CA LYS A 86 23.72 -6.89 -40.50
C LYS A 86 23.36 -5.88 -41.58
N HIS A 87 22.31 -5.10 -41.32
CA HIS A 87 21.75 -4.22 -42.33
C HIS A 87 20.71 -3.32 -41.68
N PHE A 88 20.68 -2.06 -42.08
CA PHE A 88 19.66 -1.12 -41.60
C PHE A 88 19.23 -0.24 -42.76
N ILE A 89 17.94 0.06 -42.84
CA ILE A 89 17.42 0.92 -43.88
C ILE A 89 16.53 1.97 -43.25
N ARG A 90 16.68 3.22 -43.69
CA ARG A 90 15.76 4.27 -43.29
C ARG A 90 15.17 4.95 -44.52
N THR A 91 13.84 4.94 -44.61
CA THR A 91 13.13 5.68 -45.63
C THR A 91 12.30 6.73 -44.86
N PRO A 92 11.64 7.67 -45.57
CA PRO A 92 10.92 8.73 -44.83
C PRO A 92 10.00 8.26 -43.70
N ASP A 93 9.22 7.20 -43.92
CA ASP A 93 8.27 6.75 -42.90
C ASP A 93 8.62 5.37 -42.35
N ASP A 94 9.77 4.82 -42.72
CA ASP A 94 10.08 3.45 -42.32
C ASP A 94 11.53 3.26 -41.89
N ALA A 95 11.74 2.33 -40.96
CA ALA A 95 13.07 1.87 -40.58
C ALA A 95 13.08 0.35 -40.47
N TRP A 96 14.08 -0.26 -41.07
CA TRP A 96 14.26 -1.70 -40.96
C TRP A 96 15.63 -1.96 -40.32
N LEU A 97 15.66 -2.77 -39.28
CA LEU A 97 16.89 -3.11 -38.60
C LEU A 97 17.08 -4.63 -38.54
N LEU A 98 18.10 -5.14 -39.23
CA LEU A 98 18.39 -6.58 -39.26
C LEU A 98 19.62 -6.87 -38.41
N THR A 99 19.44 -7.69 -37.37
CA THR A 99 20.55 -8.01 -36.49
C THR A 99 20.74 -9.51 -36.35
N THR A 100 21.95 -9.94 -35.96
CA THR A 100 22.19 -11.34 -35.62
C THR A 100 21.67 -11.61 -34.22
N ALA A 101 21.03 -12.76 -34.04
CA ALA A 101 20.49 -13.12 -32.73
C ALA A 101 21.62 -13.49 -31.79
N ILE A 102 21.43 -13.20 -30.52
CA ILE A 102 22.27 -13.77 -29.50
C ILE A 102 21.62 -15.07 -29.06
N PRO A 103 22.28 -16.20 -29.32
CA PRO A 103 21.69 -17.50 -29.00
C PRO A 103 21.44 -17.67 -27.50
N GLY A 104 20.36 -18.35 -27.15
CA GLY A 104 20.07 -18.65 -25.75
C GLY A 104 18.69 -18.23 -25.29
N LYS A 105 18.53 -18.12 -23.98
CA LYS A 105 17.26 -17.75 -23.37
C LYS A 105 17.40 -16.48 -22.54
N THR A 106 16.28 -15.78 -22.32
CA THR A 106 16.31 -14.57 -21.51
C THR A 106 16.55 -14.93 -20.05
N ALA A 107 17.00 -13.96 -19.27
CA ALA A 107 17.15 -14.13 -17.84
C ALA A 107 15.84 -14.58 -17.22
N PHE A 108 14.74 -14.01 -17.71
CA PHE A 108 13.40 -14.38 -17.25
C PHE A 108 13.13 -15.85 -17.50
N GLN A 109 13.39 -16.29 -18.73
CA GLN A 109 13.14 -17.68 -19.07
C GLN A 109 13.95 -18.63 -18.20
N VAL A 110 15.23 -18.33 -18.02
CA VAL A 110 16.10 -19.23 -17.26
C VAL A 110 15.74 -19.23 -15.79
N LEU A 111 15.27 -18.09 -15.29
CA LEU A 111 14.86 -18.00 -13.90
C LEU A 111 13.65 -18.89 -13.65
N GLU A 112 12.75 -18.96 -14.61
CA GLU A 112 11.58 -19.83 -14.50
C GLU A 112 11.91 -21.31 -14.67
N GLU A 113 12.89 -21.60 -15.52
CA GLU A 113 13.24 -22.98 -15.82
C GLU A 113 14.18 -23.56 -14.77
N TYR A 114 14.97 -22.70 -14.12
CA TYR A 114 15.89 -23.14 -13.07
C TYR A 114 15.70 -22.29 -11.80
N PRO A 115 14.58 -22.47 -11.10
CA PRO A 115 14.23 -21.68 -9.91
C PRO A 115 15.33 -21.70 -8.85
N ASP A 116 16.02 -22.83 -8.74
CA ASP A 116 17.13 -22.96 -7.80
C ASP A 116 18.34 -22.14 -8.18
N SER A 117 18.37 -21.64 -9.42
CA SER A 117 19.54 -20.91 -9.90
C SER A 117 19.39 -19.40 -9.74
N GLY A 118 18.31 -18.98 -9.12
CA GLY A 118 18.03 -17.56 -8.95
C GLY A 118 19.22 -16.76 -8.43
N GLU A 119 19.91 -17.30 -7.42
CA GLU A 119 20.98 -16.57 -6.77
C GLU A 119 22.15 -16.36 -7.71
N ASN A 120 22.48 -17.38 -8.49
CA ASN A 120 23.56 -17.28 -9.47
C ASN A 120 23.15 -16.36 -10.60
N ILE A 121 21.87 -16.43 -10.97
CA ILE A 121 21.39 -15.55 -12.03
C ILE A 121 21.51 -14.08 -11.64
N VAL A 122 21.06 -13.74 -10.43
CA VAL A 122 21.13 -12.34 -9.96
C VAL A 122 22.58 -11.83 -9.86
N ASP A 123 23.48 -12.66 -9.32
CA ASP A 123 24.90 -12.29 -9.23
C ASP A 123 25.47 -12.00 -10.61
N ALA A 124 25.17 -12.86 -11.58
CA ALA A 124 25.62 -12.63 -12.95
C ALA A 124 25.06 -11.32 -13.52
N LEU A 125 23.78 -11.07 -13.26
CA LEU A 125 23.12 -9.86 -13.74
C LEU A 125 23.78 -8.63 -13.13
N ALA A 126 24.02 -8.70 -11.82
CA ALA A 126 24.68 -7.60 -11.11
C ALA A 126 26.09 -7.32 -11.64
N VAL A 127 26.86 -8.38 -11.89
CA VAL A 127 28.24 -8.23 -12.38
C VAL A 127 28.27 -7.64 -13.79
N PHE A 128 27.36 -8.12 -14.64
CA PHE A 128 27.22 -7.58 -15.98
C PHE A 128 26.84 -6.11 -15.93
N LEU A 129 25.91 -5.76 -15.04
CA LEU A 129 25.48 -4.36 -14.94
C LEU A 129 26.63 -3.47 -14.51
N ARG A 130 27.46 -3.95 -13.60
CA ARG A 130 28.64 -3.21 -13.17
C ARG A 130 29.62 -2.96 -14.31
N ARG A 131 29.81 -3.96 -15.18
CA ARG A 131 30.63 -3.80 -16.37
C ARG A 131 30.09 -2.66 -17.22
N LEU A 132 28.79 -2.67 -17.44
CA LEU A 132 28.17 -1.65 -18.29
C LEU A 132 28.39 -0.28 -17.67
N HIS A 133 28.12 -0.18 -16.38
CA HIS A 133 28.21 1.09 -15.67
C HIS A 133 29.65 1.60 -15.55
N SER A 134 30.61 0.71 -15.74
CA SER A 134 32.01 1.11 -15.62
C SER A 134 32.54 1.79 -16.91
N ILE A 135 31.77 1.79 -17.98
CA ILE A 135 32.25 2.45 -19.20
C ILE A 135 32.39 3.95 -18.94
N PRO A 136 33.61 4.52 -19.10
CA PRO A 136 33.71 5.96 -18.77
C PRO A 136 32.76 6.79 -19.64
N VAL A 137 32.03 7.72 -19.02
CA VAL A 137 31.01 8.49 -19.76
C VAL A 137 31.59 9.31 -20.92
N CYS A 138 32.89 9.58 -20.87
CA CYS A 138 33.53 10.30 -21.98
C CYS A 138 33.44 9.55 -23.32
N ASN A 139 33.15 8.25 -23.25
CA ASN A 139 32.98 7.45 -24.46
C ASN A 139 31.60 7.59 -25.12
N CYS A 140 30.64 8.14 -24.37
CA CYS A 140 29.23 7.98 -24.75
C CYS A 140 28.60 9.24 -25.31
N PRO A 141 28.14 9.19 -26.57
CA PRO A 141 27.53 10.36 -27.23
C PRO A 141 26.04 10.48 -26.96
N PHE A 142 25.48 9.58 -26.16
CA PHE A 142 24.02 9.62 -25.90
C PHE A 142 23.66 10.13 -24.53
N ASN A 143 22.72 11.09 -24.53
CA ASN A 143 22.14 11.62 -23.31
C ASN A 143 20.80 10.97 -23.05
N SER A 144 20.67 10.29 -21.91
CA SER A 144 19.40 9.71 -21.50
C SER A 144 19.06 10.14 -20.08
N ASP A 145 19.47 11.34 -19.69
CA ASP A 145 19.35 11.72 -18.29
C ASP A 145 17.90 12.01 -17.88
N ARG A 146 17.67 12.19 -16.59
CA ARG A 146 16.30 12.31 -16.12
C ARG A 146 15.58 13.50 -16.72
N VAL A 147 16.32 14.58 -16.98
CA VAL A 147 15.72 15.76 -17.61
C VAL A 147 15.16 15.42 -18.99
N PHE A 148 15.96 14.69 -19.76
CA PHE A 148 15.59 14.23 -21.10
C PHE A 148 14.44 13.23 -21.02
N ARG A 149 14.54 12.27 -20.11
CA ARG A 149 13.50 11.26 -19.98
C ARG A 149 12.18 11.86 -19.47
N LEU A 150 12.25 12.82 -18.55
CA LEU A 150 11.04 13.48 -18.06
C LEU A 150 10.26 14.19 -19.16
N ALA A 151 11.00 14.80 -20.09
CA ALA A 151 10.39 15.51 -21.20
C ALA A 151 9.77 14.51 -22.16
N GLN A 152 10.46 13.38 -22.36
CA GLN A 152 9.90 12.30 -23.19
C GLN A 152 8.63 11.80 -22.55
N ALA A 153 8.63 11.68 -21.22
CA ALA A 153 7.49 11.14 -20.48
C ALA A 153 6.31 12.10 -20.61
N GLN A 154 6.59 13.39 -20.50
CA GLN A 154 5.56 14.41 -20.61
C GLN A 154 4.86 14.34 -21.95
N SER A 155 5.63 14.17 -23.03
CA SER A 155 5.05 14.15 -24.36
C SER A 155 4.22 12.89 -24.56
N ARG A 156 4.73 11.75 -24.12
CA ARG A 156 3.97 10.52 -24.21
C ARG A 156 2.66 10.62 -23.44
N MSE A 157 2.70 11.23 -22.26
CA MSE A 157 1.47 11.45 -21.53
C MSE A 157 0.52 12.34 -22.34
O MSE A 157 -0.65 12.01 -22.55
CB MSE A 157 1.75 12.10 -20.16
CG MSE A 157 0.48 12.52 -19.42
SE MSE A 157 0.81 13.18 -17.62
CE MSE A 157 1.80 14.76 -18.17
N ASN A 158 1.04 13.46 -22.82
CA ASN A 158 0.22 14.46 -23.50
C ASN A 158 -0.29 13.96 -24.85
N ASN A 159 0.45 13.06 -25.46
CA ASN A 159 0.07 12.52 -26.75
C ASN A 159 -0.88 11.34 -26.62
N GLY A 160 -1.16 10.94 -25.39
CA GLY A 160 -2.15 9.91 -25.10
C GLY A 160 -1.59 8.50 -25.21
N LEU A 161 -0.27 8.38 -25.09
CA LEU A 161 0.42 7.13 -25.38
C LEU A 161 0.72 6.24 -24.16
N VAL A 162 0.51 6.76 -22.95
CA VAL A 162 0.88 5.99 -21.76
C VAL A 162 -0.07 4.81 -21.53
N ASP A 163 0.49 3.62 -21.28
CA ASP A 163 -0.34 2.44 -20.99
C ASP A 163 -0.74 2.41 -19.51
N ALA A 164 -1.86 3.05 -19.19
CA ALA A 164 -2.28 3.16 -17.79
C ALA A 164 -2.73 1.80 -17.21
N SER A 165 -3.00 0.84 -18.08
CA SER A 165 -3.38 -0.49 -17.61
C SER A 165 -2.16 -1.30 -17.19
N ASP A 166 -0.96 -0.77 -17.39
CA ASP A 166 0.24 -1.56 -17.17
C ASP A 166 1.07 -1.00 -16.01
N PHE A 167 0.46 -0.15 -15.19
CA PHE A 167 1.19 0.41 -14.06
C PHE A 167 1.53 -0.68 -13.04
N ASP A 168 2.54 -0.43 -12.22
CA ASP A 168 2.86 -1.34 -11.12
C ASP A 168 1.71 -1.38 -10.11
N ASP A 169 1.67 -2.44 -9.31
CA ASP A 169 0.55 -2.66 -8.40
C ASP A 169 0.25 -1.48 -7.49
N GLU A 170 1.30 -0.83 -6.99
CA GLU A 170 1.12 0.30 -6.09
C GLU A 170 0.48 1.50 -6.80
N ARG A 171 0.48 1.49 -8.13
CA ARG A 171 -0.17 2.57 -8.89
C ARG A 171 -1.34 2.06 -9.75
N ASN A 172 -1.81 0.86 -9.44
CA ASN A 172 -2.87 0.27 -10.24
C ASN A 172 -4.10 1.17 -10.16
N GLY A 173 -4.64 1.53 -11.32
CA GLY A 173 -5.82 2.37 -11.36
C GLY A 173 -5.57 3.85 -11.21
N TRP A 174 -4.33 4.27 -11.00
CA TRP A 174 -4.05 5.70 -10.94
C TRP A 174 -4.23 6.34 -12.31
N PRO A 175 -4.77 7.57 -12.35
CA PRO A 175 -4.75 8.32 -13.61
C PRO A 175 -3.29 8.69 -13.92
N VAL A 176 -2.92 8.74 -15.20
CA VAL A 176 -1.55 9.05 -15.58
CA VAL A 176 -1.53 9.02 -15.56
C VAL A 176 -1.08 10.34 -14.96
N GLU A 177 -1.97 11.32 -14.92
CA GLU A 177 -1.65 12.64 -14.40
C GLU A 177 -1.27 12.59 -12.93
N GLN A 178 -1.81 11.61 -12.20
CA GLN A 178 -1.50 11.49 -10.78
C GLN A 178 -0.09 10.94 -10.57
N VAL A 179 0.27 9.94 -11.38
CA VAL A 179 1.63 9.43 -11.37
C VAL A 179 2.60 10.57 -11.67
N TRP A 180 2.28 11.36 -12.69
CA TRP A 180 3.10 12.51 -13.11
C TRP A 180 3.33 13.48 -11.96
N LYS A 181 2.25 13.93 -11.33
CA LYS A 181 2.36 14.84 -10.22
C LYS A 181 3.13 14.25 -9.03
N GLU A 182 2.74 13.05 -8.58
CA GLU A 182 3.40 12.42 -7.44
C GLU A 182 4.90 12.19 -7.64
N MSE A 183 5.28 11.84 -8.86
CA MSE A 183 6.68 11.62 -9.21
C MSE A 183 7.53 12.89 -8.99
O MSE A 183 8.68 12.81 -8.54
CB MSE A 183 6.79 11.15 -10.67
CG MSE A 183 8.20 10.83 -11.12
SE MSE A 183 8.26 10.10 -12.92
CE MSE A 183 7.34 11.50 -13.89
N HIS A 184 6.94 14.04 -9.30
CA HIS A 184 7.65 15.30 -9.20
C HIS A 184 7.98 15.72 -7.76
N LYS A 185 7.28 15.13 -6.81
CA LYS A 185 7.57 15.36 -5.40
C LYS A 185 8.84 14.66 -4.92
N LEU A 186 9.32 13.67 -5.68
CA LEU A 186 10.56 12.99 -5.31
C LEU A 186 11.82 13.77 -5.75
N LEU A 187 11.61 14.83 -6.54
CA LEU A 187 12.69 15.64 -7.07
C LEU A 187 12.95 16.85 -6.17
N PRO A 188 14.21 17.35 -6.15
CA PRO A 188 15.33 16.82 -6.91
C PRO A 188 16.15 15.84 -6.09
N PHE A 189 17.09 15.15 -6.72
CA PHE A 189 18.03 14.30 -6.01
C PHE A 189 19.40 14.45 -6.67
N SER A 190 20.43 13.90 -6.02
CA SER A 190 21.82 14.13 -6.41
C SER A 190 22.15 13.57 -7.78
N PRO A 191 22.85 14.36 -8.60
CA PRO A 191 23.23 13.91 -9.93
C PRO A 191 24.13 12.67 -9.86
N ASP A 192 23.89 11.71 -10.73
CA ASP A 192 24.77 10.56 -10.88
C ASP A 192 24.80 10.24 -12.36
N SER A 193 25.97 9.92 -12.90
CA SER A 193 26.04 9.70 -14.33
C SER A 193 26.87 8.50 -14.71
N VAL A 194 26.22 7.48 -15.25
CA VAL A 194 26.94 6.35 -15.81
C VAL A 194 26.31 6.00 -17.14
N VAL A 195 26.98 5.18 -17.92
CA VAL A 195 26.41 4.61 -19.14
C VAL A 195 25.36 3.59 -18.73
N THR A 196 24.10 3.83 -19.16
CA THR A 196 23.01 2.93 -18.81
C THR A 196 22.40 2.28 -20.04
N HIS A 197 21.76 1.13 -19.80
CA HIS A 197 21.05 0.38 -20.83
C HIS A 197 19.71 1.04 -21.13
N GLY A 198 18.99 1.42 -20.07
CA GLY A 198 17.72 2.11 -20.25
C GLY A 198 16.48 1.26 -20.10
N ASP A 199 16.61 -0.05 -20.33
CA ASP A 199 15.51 -0.99 -20.12
C ASP A 199 16.03 -2.33 -19.59
N PHE A 200 16.68 -2.27 -18.44
CA PHE A 200 17.46 -3.41 -17.96
C PHE A 200 16.55 -4.42 -17.26
N SER A 201 15.67 -5.04 -18.04
CA SER A 201 14.69 -5.98 -17.51
C SER A 201 15.21 -7.40 -17.67
N LEU A 202 14.51 -8.37 -17.08
CA LEU A 202 14.89 -9.78 -17.20
C LEU A 202 14.69 -10.29 -18.61
N ASP A 203 13.90 -9.56 -19.40
CA ASP A 203 13.65 -9.94 -20.78
C ASP A 203 14.83 -9.62 -21.69
N ASN A 204 15.70 -8.71 -21.24
CA ASN A 204 16.70 -8.12 -22.13
C ASN A 204 18.14 -8.57 -21.91
N LEU A 205 18.31 -9.60 -21.10
CA LEU A 205 19.60 -10.20 -20.84
C LEU A 205 19.53 -11.65 -21.25
N ILE A 206 20.54 -12.09 -21.98
CA ILE A 206 20.50 -13.42 -22.61
C ILE A 206 21.52 -14.40 -22.03
N PHE A 207 21.03 -15.55 -21.57
CA PHE A 207 21.88 -16.60 -21.02
C PHE A 207 21.98 -17.70 -22.05
N ASP A 208 23.14 -18.31 -22.16
CA ASP A 208 23.29 -19.49 -23.00
C ASP A 208 24.23 -20.45 -22.30
N GLU A 209 23.81 -21.70 -22.17
CA GLU A 209 24.60 -22.72 -21.48
C GLU A 209 25.06 -22.24 -20.11
N GLY A 210 24.16 -21.60 -19.36
CA GLY A 210 24.46 -21.19 -18.01
C GLY A 210 25.28 -19.92 -17.85
N LYS A 211 25.58 -19.25 -18.95
CA LYS A 211 26.34 -18.00 -18.86
C LYS A 211 25.62 -16.81 -19.46
N LEU A 212 25.71 -15.67 -18.78
CA LEU A 212 25.20 -14.41 -19.30
C LEU A 212 26.13 -13.93 -20.41
N ILE A 213 25.66 -13.98 -21.64
CA ILE A 213 26.52 -13.67 -22.77
C ILE A 213 26.15 -12.40 -23.56
N GLY A 214 25.09 -11.71 -23.18
CA GLY A 214 24.74 -10.51 -23.91
C GLY A 214 23.49 -9.80 -23.46
N CYS A 215 23.31 -8.59 -23.96
CA CYS A 215 22.11 -7.83 -23.68
C CYS A 215 21.52 -7.32 -24.99
N ILE A 216 20.22 -7.07 -25.00
CA ILE A 216 19.52 -6.69 -26.21
C ILE A 216 18.59 -5.51 -25.95
N ASP A 217 17.92 -5.04 -27.00
CA ASP A 217 16.96 -3.94 -26.89
C ASP A 217 17.58 -2.66 -26.32
N VAL A 218 18.60 -2.16 -26.99
CA VAL A 218 19.42 -1.08 -26.43
C VAL A 218 19.00 0.33 -26.85
N GLY A 219 17.76 0.48 -27.34
CA GLY A 219 17.28 1.76 -27.83
C GLY A 219 17.25 2.94 -26.85
N ARG A 220 17.28 2.66 -25.55
CA ARG A 220 17.25 3.73 -24.56
C ARG A 220 18.62 3.95 -23.89
N VAL A 221 19.66 3.37 -24.49
CA VAL A 221 21.03 3.51 -23.97
C VAL A 221 21.49 4.96 -23.91
N GLY A 222 22.17 5.34 -22.83
CA GLY A 222 22.79 6.65 -22.75
C GLY A 222 23.19 6.97 -21.33
N ILE A 223 23.75 8.16 -21.14
CA ILE A 223 24.20 8.61 -19.82
C ILE A 223 22.99 8.98 -18.95
N ALA A 224 22.91 8.36 -17.78
CA ALA A 224 21.80 8.56 -16.85
C ALA A 224 22.20 8.08 -15.44
N ASP A 225 21.28 8.15 -14.50
CA ASP A 225 21.54 7.69 -13.14
C ASP A 225 21.58 6.17 -13.14
N ARG A 226 22.52 5.56 -12.39
CA ARG A 226 22.62 4.10 -12.35
C ARG A 226 21.32 3.43 -11.90
N TYR A 227 20.52 4.15 -11.14
CA TYR A 227 19.23 3.60 -10.70
C TYR A 227 18.23 3.43 -11.84
N GLN A 228 18.48 4.03 -13.00
CA GLN A 228 17.65 3.76 -14.16
C GLN A 228 17.65 2.27 -14.46
N ASP A 229 18.83 1.67 -14.39
CA ASP A 229 18.96 0.24 -14.62
C ASP A 229 18.64 -0.59 -13.37
N LEU A 230 19.17 -0.20 -12.21
CA LEU A 230 18.88 -0.95 -11.00
C LEU A 230 17.37 -1.02 -10.70
N ALA A 231 16.64 0.06 -10.92
CA ALA A 231 15.22 0.12 -10.56
C ALA A 231 14.40 -0.88 -11.38
N ILE A 232 14.62 -0.86 -12.68
CA ILE A 232 13.86 -1.71 -13.58
C ILE A 232 14.10 -3.21 -13.31
N LEU A 233 15.36 -3.60 -13.11
CA LEU A 233 15.68 -4.98 -12.77
C LEU A 233 15.12 -5.36 -11.40
N TRP A 234 15.30 -4.47 -10.42
CA TRP A 234 14.78 -4.70 -9.07
C TRP A 234 13.30 -4.97 -9.14
N ASN A 235 12.59 -4.14 -9.90
CA ASN A 235 11.15 -4.34 -10.11
C ASN A 235 10.86 -5.73 -10.69
N CYS A 236 11.62 -6.14 -11.70
CA CYS A 236 11.38 -7.46 -12.30
C CYS A 236 11.58 -8.57 -11.29
N LEU A 237 12.64 -8.46 -10.50
CA LEU A 237 12.95 -9.48 -9.49
C LEU A 237 11.88 -9.52 -8.41
N GLY A 238 11.16 -8.42 -8.28
CA GLY A 238 10.01 -8.35 -7.37
C GLY A 238 8.88 -9.32 -7.67
N GLU A 239 8.86 -9.89 -8.87
CA GLU A 239 7.85 -10.89 -9.22
C GLU A 239 8.24 -12.23 -8.60
N PHE A 240 9.52 -12.33 -8.22
CA PHE A 240 10.08 -13.61 -7.81
C PHE A 240 10.34 -13.71 -6.31
N SER A 241 11.16 -12.82 -5.76
CA SER A 241 11.41 -12.81 -4.32
C SER A 241 12.14 -11.56 -3.84
N PRO A 242 11.80 -11.09 -2.63
CA PRO A 242 12.46 -9.94 -2.05
C PRO A 242 13.93 -10.22 -1.74
N SER A 243 14.29 -11.50 -1.54
CA SER A 243 15.70 -11.85 -1.33
C SER A 243 16.55 -11.67 -2.59
N LEU A 244 16.00 -12.00 -3.75
CA LEU A 244 16.70 -11.75 -5.02
C LEU A 244 16.81 -10.23 -5.30
N GLN A 245 15.74 -9.51 -5.01
CA GLN A 245 15.77 -8.04 -5.12
C GLN A 245 16.92 -7.47 -4.29
N LYS A 246 16.95 -7.85 -3.02
CA LYS A 246 17.98 -7.37 -2.10
C LYS A 246 19.36 -7.78 -2.60
N ARG A 247 19.48 -9.02 -3.05
CA ARG A 247 20.78 -9.56 -3.47
C ARG A 247 21.36 -8.77 -4.64
N LEU A 248 20.50 -8.26 -5.50
CA LEU A 248 20.94 -7.45 -6.63
C LEU A 248 21.78 -6.26 -6.14
N PHE A 249 21.22 -5.47 -5.22
CA PHE A 249 21.95 -4.34 -4.65
C PHE A 249 23.22 -4.79 -3.89
N GLN A 250 23.11 -5.88 -3.15
CA GLN A 250 24.28 -6.38 -2.41
C GLN A 250 25.42 -6.77 -3.31
N LYS A 251 25.14 -7.53 -4.36
CA LYS A 251 26.19 -7.97 -5.27
C LYS A 251 26.76 -6.77 -6.02
N TYR A 252 25.88 -5.85 -6.41
CA TYR A 252 26.28 -4.64 -7.12
C TYR A 252 27.19 -3.78 -6.24
N GLY A 253 26.96 -3.83 -4.93
CA GLY A 253 27.83 -3.16 -3.98
C GLY A 253 27.22 -1.97 -3.27
N ILE A 254 25.89 -1.83 -3.31
CA ILE A 254 25.22 -0.73 -2.63
C ILE A 254 24.68 -1.15 -1.27
N ASP A 255 25.01 -0.39 -0.22
CA ASP A 255 24.65 -0.79 1.14
C ASP A 255 23.23 -0.43 1.55
N ASN A 256 22.76 0.72 1.09
CA ASN A 256 21.46 1.25 1.47
C ASN A 256 20.78 1.77 0.23
N PRO A 257 20.00 0.91 -0.43
CA PRO A 257 19.30 1.30 -1.65
C PRO A 257 18.55 2.61 -1.43
N ASP A 258 18.81 3.56 -2.33
CA ASP A 258 18.17 4.85 -2.23
C ASP A 258 16.71 4.68 -2.67
N MSE A 259 15.80 4.63 -1.71
CA MSE A 259 14.40 4.37 -2.03
C MSE A 259 13.77 5.52 -2.83
O MSE A 259 12.91 5.30 -3.67
CB MSE A 259 13.57 4.12 -0.76
CG MSE A 259 14.15 3.04 0.14
SE MSE A 259 14.42 1.38 -0.82
CE MSE A 259 12.56 0.82 -0.95
N ASN A 260 14.21 6.74 -2.56
CA ASN A 260 13.74 7.86 -3.36
C ASN A 260 14.07 7.69 -4.85
N LYS A 261 15.33 7.44 -5.17
CA LYS A 261 15.75 7.21 -6.55
C LYS A 261 15.11 5.97 -7.13
N LEU A 262 14.95 4.94 -6.31
CA LEU A 262 14.30 3.71 -6.75
C LEU A 262 12.85 4.02 -7.18
N GLN A 263 12.12 4.71 -6.32
CA GLN A 263 10.71 4.99 -6.60
C GLN A 263 10.59 5.89 -7.82
N PHE A 264 11.46 6.90 -7.90
CA PHE A 264 11.43 7.79 -9.06
C PHE A 264 11.57 7.06 -10.38
N HIS A 265 12.57 6.19 -10.51
CA HIS A 265 12.81 5.51 -11.78
C HIS A 265 11.75 4.46 -12.10
N LEU A 266 11.13 3.88 -11.07
CA LEU A 266 10.00 2.97 -11.33
C LEU A 266 8.79 3.78 -11.85
N MSE A 267 8.49 4.89 -11.20
CA MSE A 267 7.44 5.79 -11.67
C MSE A 267 7.74 6.30 -13.08
O MSE A 267 6.85 6.34 -13.92
CB MSE A 267 7.22 6.96 -10.70
CG MSE A 267 6.72 6.49 -9.35
SE MSE A 267 6.41 7.90 -8.06
CE MSE A 267 4.66 8.50 -8.64
N LEU A 268 8.99 6.68 -13.32
CA LEU A 268 9.32 7.20 -14.64
C LEU A 268 9.07 6.15 -15.74
N ASP A 269 9.34 4.88 -15.44
CA ASP A 269 9.19 3.83 -16.46
C ASP A 269 7.72 3.50 -16.74
N GLU A 270 6.83 3.98 -15.89
CA GLU A 270 5.39 3.80 -16.08
C GLU A 270 4.96 4.51 -17.35
N PHE A 271 5.72 5.54 -17.75
CA PHE A 271 5.36 6.37 -18.88
C PHE A 271 5.83 5.80 -20.21
N PHE A 272 6.57 4.70 -20.19
CA PHE A 272 7.18 4.19 -21.41
C PHE A 272 6.71 2.82 -21.85
N GLN B 6 5.17 -16.70 -23.04
CA GLN B 6 5.84 -16.34 -24.28
C GLN B 6 5.07 -16.83 -25.50
N ARG B 7 5.08 -16.04 -26.58
CA ARG B 7 4.34 -16.39 -27.79
C ARG B 7 4.99 -15.93 -29.09
N GLU B 8 5.02 -16.83 -30.07
CA GLU B 8 5.53 -16.53 -31.41
C GLU B 8 4.64 -17.19 -32.46
N THR B 9 4.33 -16.44 -33.52
CA THR B 9 3.48 -16.96 -34.58
C THR B 9 4.23 -17.06 -35.92
N SER B 10 3.90 -18.08 -36.71
CA SER B 10 4.48 -18.24 -38.04
C SER B 10 3.80 -17.33 -39.07
N CYS B 11 4.58 -16.78 -40.00
CA CYS B 11 4.08 -15.76 -40.90
C CYS B 11 4.72 -15.80 -42.28
N SER B 12 4.37 -14.83 -43.12
CA SER B 12 4.90 -14.74 -44.48
C SER B 12 5.89 -13.58 -44.57
N ARG B 13 6.68 -13.56 -45.63
CA ARG B 13 7.64 -12.49 -45.82
C ARG B 13 6.91 -11.18 -46.12
N PRO B 14 7.28 -10.10 -45.42
CA PRO B 14 6.71 -8.77 -45.62
C PRO B 14 7.25 -8.12 -46.90
N ARG B 15 6.77 -6.92 -47.18
CA ARG B 15 7.17 -6.20 -48.40
C ARG B 15 7.58 -4.79 -48.03
N LEU B 16 8.23 -4.09 -48.96
CA LEU B 16 8.77 -2.76 -48.67
C LEU B 16 8.18 -1.68 -49.58
N LEU B 24 15.94 6.75 -57.94
CA LEU B 24 17.29 7.27 -58.13
C LEU B 24 17.67 7.20 -59.61
N TYR B 25 16.67 7.44 -60.46
CA TYR B 25 16.80 7.18 -61.88
C TYR B 25 17.03 8.47 -62.66
N GLY B 26 17.77 8.35 -63.77
CA GLY B 26 17.98 9.46 -64.67
C GLY B 26 18.50 10.72 -64.02
N TYR B 27 19.54 10.58 -63.20
CA TYR B 27 20.16 11.75 -62.58
C TYR B 27 21.53 12.04 -63.18
N ARG B 28 21.86 13.33 -63.28
CA ARG B 28 23.22 13.71 -63.61
C ARG B 28 24.06 13.60 -62.34
N TRP B 29 25.20 12.90 -62.43
CA TRP B 29 26.05 12.68 -61.27
C TRP B 29 27.30 13.57 -61.28
N ALA B 30 27.44 14.38 -60.23
CA ALA B 30 28.60 15.25 -60.09
C ALA B 30 29.34 14.95 -58.80
N ARG B 31 30.67 14.89 -58.87
CA ARG B 31 31.50 14.51 -57.72
C ARG B 31 32.15 15.72 -57.07
N ASP B 32 31.98 15.87 -55.76
CA ASP B 32 32.73 16.89 -55.02
C ASP B 32 33.27 16.39 -53.68
N ASN B 33 34.59 16.16 -53.59
CA ASN B 33 35.51 16.37 -54.72
C ASN B 33 36.66 15.36 -54.71
N GLY B 38 36.84 13.33 -45.76
CA GLY B 38 35.82 12.50 -45.12
C GLY B 38 35.03 11.66 -46.11
N ALA B 39 33.70 11.78 -46.05
CA ALA B 39 32.83 10.97 -46.91
C ALA B 39 32.86 11.43 -48.36
N THR B 40 32.68 10.49 -49.29
CA THR B 40 32.47 10.83 -50.68
C THR B 40 31.10 11.49 -50.83
N ILE B 41 31.05 12.63 -51.50
CA ILE B 41 29.79 13.34 -51.69
C ILE B 41 29.45 13.47 -53.15
N TYR B 42 28.24 13.03 -53.51
CA TYR B 42 27.76 13.20 -54.86
C TYR B 42 26.58 14.17 -54.87
N ARG B 43 26.49 14.98 -55.92
CA ARG B 43 25.31 15.83 -56.12
C ARG B 43 24.49 15.29 -57.30
N LEU B 44 23.20 15.10 -57.08
CA LEU B 44 22.30 14.57 -58.10
C LEU B 44 21.35 15.65 -58.61
N TYR B 45 21.45 15.97 -59.90
CA TYR B 45 20.68 17.06 -60.48
C TYR B 45 20.22 16.70 -61.90
N GLY B 46 19.63 17.68 -62.59
CA GLY B 46 19.27 17.53 -63.99
C GLY B 46 18.13 16.58 -64.28
N LYS B 47 17.31 16.31 -63.26
CA LYS B 47 16.16 15.43 -63.44
C LYS B 47 14.86 16.23 -63.50
N PRO B 48 14.07 15.98 -64.56
CA PRO B 48 12.79 16.68 -64.80
C PRO B 48 11.80 16.49 -63.66
N ASN B 49 11.33 17.61 -63.11
CA ASN B 49 10.34 17.62 -62.03
C ASN B 49 10.82 17.08 -60.67
N ALA B 50 11.93 16.35 -60.65
CA ALA B 50 12.48 15.86 -59.39
C ALA B 50 13.54 16.82 -58.86
N PRO B 51 13.65 16.94 -57.53
CA PRO B 51 14.55 17.91 -56.89
C PRO B 51 16.00 17.43 -56.84
N GLU B 52 16.91 18.38 -56.71
CA GLU B 52 18.33 18.09 -56.59
C GLU B 52 18.63 17.36 -55.27
N LEU B 53 19.45 16.32 -55.34
CA LEU B 53 19.77 15.51 -54.16
C LEU B 53 21.26 15.42 -53.90
N PHE B 54 21.63 15.11 -52.67
CA PHE B 54 23.02 14.82 -52.34
C PHE B 54 23.14 13.40 -51.80
N LEU B 55 24.26 12.75 -52.09
CA LEU B 55 24.50 11.42 -51.54
C LEU B 55 25.88 11.39 -50.90
N LYS B 56 25.93 10.95 -49.65
CA LYS B 56 27.18 10.73 -48.95
C LYS B 56 27.46 9.23 -48.83
N HIS B 57 28.68 8.82 -49.16
CA HIS B 57 29.12 7.46 -48.92
C HIS B 57 30.29 7.44 -47.96
N GLY B 58 30.13 6.72 -46.86
CA GLY B 58 31.20 6.53 -45.90
C GLY B 58 31.62 5.08 -45.78
N LYS B 59 32.91 4.82 -45.82
CA LYS B 59 33.41 3.47 -45.60
C LYS B 59 34.28 3.46 -44.36
N GLY B 60 34.33 2.32 -43.66
CA GLY B 60 35.13 2.21 -42.45
C GLY B 60 34.76 3.22 -41.38
N SER B 61 35.76 3.95 -40.88
CA SER B 61 35.53 4.95 -39.85
C SER B 61 34.49 5.95 -40.31
N VAL B 62 34.55 6.29 -41.60
CA VAL B 62 33.70 7.34 -42.15
C VAL B 62 32.23 6.90 -42.22
N ALA B 63 31.99 5.60 -42.29
CA ALA B 63 30.61 5.09 -42.23
C ALA B 63 29.96 5.52 -40.92
N ASN B 64 30.72 5.50 -39.83
CA ASN B 64 30.18 5.94 -38.55
C ASN B 64 29.90 7.43 -38.53
N ASP B 65 30.75 8.21 -39.17
CA ASP B 65 30.54 9.65 -39.24
C ASP B 65 29.26 9.94 -40.01
N VAL B 66 29.10 9.24 -41.13
CA VAL B 66 27.88 9.41 -41.92
C VAL B 66 26.64 8.99 -41.12
N THR B 67 26.77 7.89 -40.38
CA THR B 67 25.69 7.41 -39.52
C THR B 67 25.34 8.42 -38.42
N ASP B 68 26.37 8.97 -37.75
CA ASP B 68 26.17 10.11 -36.85
C ASP B 68 25.33 11.24 -37.48
N GLU B 69 25.62 11.60 -38.72
CA GLU B 69 24.88 12.71 -39.32
C GLU B 69 23.41 12.33 -39.56
N MSE B 70 23.19 11.12 -40.07
CA MSE B 70 21.84 10.62 -40.33
C MSE B 70 20.94 10.74 -39.12
O MSE B 70 19.84 11.29 -39.19
CB MSE B 70 21.91 9.17 -40.80
CG MSE B 70 20.57 8.60 -41.25
SE MSE B 70 19.48 7.95 -39.78
CE MSE B 70 20.83 6.98 -38.84
N VAL B 71 21.41 10.25 -37.97
CA VAL B 71 20.53 10.18 -36.81
C VAL B 71 20.30 11.58 -36.24
N ARG B 72 21.27 12.47 -36.45
CA ARG B 72 21.16 13.85 -35.99
C ARG B 72 20.28 14.69 -36.92
N LEU B 73 20.38 14.41 -38.22
CA LEU B 73 19.43 14.92 -39.20
C LEU B 73 18.01 14.49 -38.83
N ASN B 74 17.87 13.21 -38.49
CA ASN B 74 16.59 12.59 -38.18
C ASN B 74 15.94 13.23 -36.95
N TRP B 75 16.77 13.61 -35.97
CA TRP B 75 16.28 14.22 -34.74
C TRP B 75 15.98 15.72 -34.85
N LEU B 76 16.96 16.47 -35.32
CA LEU B 76 16.89 17.93 -35.30
C LEU B 76 15.87 18.50 -36.29
N THR B 77 15.49 17.72 -37.30
CA THR B 77 14.57 18.24 -38.32
C THR B 77 13.20 18.60 -37.74
N ALA B 78 12.91 18.13 -36.52
CA ALA B 78 11.68 18.51 -35.84
C ALA B 78 11.72 19.95 -35.33
N PHE B 79 12.93 20.52 -35.24
CA PHE B 79 13.14 21.83 -34.60
C PHE B 79 13.70 22.90 -35.54
N MSE B 80 14.44 22.47 -36.56
CA MSE B 80 15.15 23.39 -37.45
C MSE B 80 15.01 22.91 -38.88
O MSE B 80 14.79 21.72 -39.11
CB MSE B 80 16.65 23.44 -37.08
CG MSE B 80 16.94 23.94 -35.68
SE MSE B 80 16.32 25.74 -35.37
CE MSE B 80 17.73 26.69 -36.32
N PRO B 81 15.14 23.83 -39.86
CA PRO B 81 15.03 23.43 -41.27
C PRO B 81 16.34 22.82 -41.77
N LEU B 82 16.30 21.53 -42.10
CA LEU B 82 17.47 20.76 -42.46
C LEU B 82 17.20 20.04 -43.77
N PRO B 83 18.25 19.47 -44.39
CA PRO B 83 17.98 18.60 -45.54
C PRO B 83 17.11 17.44 -45.08
N THR B 84 16.20 17.00 -45.94
CA THR B 84 15.32 15.90 -45.62
C THR B 84 16.00 14.60 -45.98
N ILE B 85 15.88 13.59 -45.12
CA ILE B 85 16.44 12.28 -45.42
C ILE B 85 15.52 11.54 -46.37
N LYS B 86 16.01 11.24 -47.56
CA LYS B 86 15.24 10.52 -48.56
C LYS B 86 15.47 9.02 -48.44
N HIS B 87 16.70 8.63 -48.15
CA HIS B 87 17.06 7.22 -48.05
C HIS B 87 18.37 7.11 -47.27
N PHE B 88 18.49 6.09 -46.43
CA PHE B 88 19.75 5.79 -45.74
C PHE B 88 19.97 4.29 -45.66
N ILE B 89 21.20 3.86 -45.89
CA ILE B 89 21.55 2.44 -45.80
C ILE B 89 22.84 2.26 -44.99
N ARG B 90 22.81 1.34 -44.03
CA ARG B 90 24.01 0.99 -43.27
C ARG B 90 24.26 -0.51 -43.33
N THR B 91 25.41 -0.89 -43.87
CA THR B 91 25.90 -2.27 -43.78
C THR B 91 27.12 -2.21 -42.85
N PRO B 92 27.72 -3.36 -42.47
CA PRO B 92 28.82 -3.28 -41.49
C PRO B 92 29.92 -2.26 -41.80
N ASP B 93 30.38 -2.19 -43.04
CA ASP B 93 31.51 -1.32 -43.33
C ASP B 93 31.15 -0.09 -44.16
N ASP B 94 29.86 0.09 -44.45
CA ASP B 94 29.45 1.14 -45.37
C ASP B 94 28.20 1.88 -44.93
N ALA B 95 28.15 3.16 -45.27
CA ALA B 95 26.96 3.98 -45.00
C ALA B 95 26.69 4.87 -46.21
N TRP B 96 25.43 4.87 -46.64
CA TRP B 96 25.00 5.72 -47.75
C TRP B 96 23.85 6.60 -47.27
N LEU B 97 24.01 7.91 -47.41
CA LEU B 97 23.00 8.86 -46.92
C LEU B 97 22.52 9.73 -48.07
N LEU B 98 21.25 9.58 -48.43
CA LEU B 98 20.65 10.37 -49.51
C LEU B 98 19.68 11.40 -48.96
N THR B 99 20.01 12.66 -49.19
CA THR B 99 19.19 13.76 -48.68
C THR B 99 18.79 14.71 -49.79
N THR B 100 17.71 15.44 -49.55
CA THR B 100 17.26 16.48 -50.47
C THR B 100 18.15 17.71 -50.31
N ALA B 101 18.40 18.44 -51.39
CA ALA B 101 19.26 19.61 -51.33
C ALA B 101 18.49 20.83 -50.82
N ILE B 102 19.16 21.64 -50.01
CA ILE B 102 18.63 22.96 -49.67
C ILE B 102 19.11 23.92 -50.75
N PRO B 103 18.17 24.49 -51.52
CA PRO B 103 18.59 25.34 -52.63
C PRO B 103 19.20 26.65 -52.14
N GLY B 104 20.17 27.17 -52.88
CA GLY B 104 20.76 28.45 -52.54
C GLY B 104 22.27 28.42 -52.43
N LYS B 105 22.82 29.43 -51.77
CA LYS B 105 24.26 29.58 -51.64
C LYS B 105 24.63 29.57 -50.17
N THR B 106 25.90 29.37 -49.87
CA THR B 106 26.36 29.36 -48.49
C THR B 106 26.54 30.79 -48.01
N ALA B 107 26.54 30.95 -46.70
CA ALA B 107 26.74 32.24 -46.05
C ALA B 107 28.08 32.84 -46.46
N PHE B 108 29.09 31.97 -46.52
CA PHE B 108 30.39 32.36 -47.06
C PHE B 108 30.25 33.04 -48.41
N GLN B 109 29.68 32.30 -49.36
CA GLN B 109 29.48 32.78 -50.73
C GLN B 109 28.71 34.10 -50.79
N VAL B 110 27.66 34.21 -49.98
CA VAL B 110 26.80 35.40 -50.02
C VAL B 110 27.49 36.60 -49.37
N LEU B 111 28.30 36.35 -48.33
CA LEU B 111 29.11 37.41 -47.73
C LEU B 111 30.12 37.96 -48.73
N GLU B 112 30.76 37.06 -49.47
CA GLU B 112 31.66 37.45 -50.56
C GLU B 112 30.90 38.21 -51.64
N GLU B 113 29.86 37.58 -52.20
CA GLU B 113 29.11 38.15 -53.31
C GLU B 113 28.48 39.50 -52.98
N TYR B 114 27.99 39.66 -51.76
CA TYR B 114 27.27 40.88 -51.38
C TYR B 114 27.86 41.53 -50.13
N PRO B 115 29.04 42.17 -50.25
CA PRO B 115 29.76 42.79 -49.13
C PRO B 115 28.89 43.81 -48.40
N ASP B 116 28.18 44.65 -49.16
CA ASP B 116 27.31 45.67 -48.60
C ASP B 116 26.14 45.09 -47.79
N SER B 117 25.93 43.77 -47.89
CA SER B 117 24.89 43.11 -47.12
C SER B 117 25.45 42.34 -45.93
N GLY B 118 26.70 42.64 -45.58
CA GLY B 118 27.39 41.95 -44.49
C GLY B 118 26.63 41.96 -43.18
N GLU B 119 26.27 43.14 -42.72
CA GLU B 119 25.57 43.28 -41.44
C GLU B 119 24.20 42.60 -41.44
N ASN B 120 23.46 42.69 -42.55
CA ASN B 120 22.19 41.99 -42.67
C ASN B 120 22.40 40.50 -42.58
N ILE B 121 23.47 40.03 -43.23
CA ILE B 121 23.78 38.62 -43.25
C ILE B 121 24.09 38.11 -41.84
N VAL B 122 24.97 38.82 -41.13
CA VAL B 122 25.34 38.44 -39.78
C VAL B 122 24.12 38.47 -38.84
N ASP B 123 23.30 39.50 -38.98
CA ASP B 123 22.05 39.61 -38.22
C ASP B 123 21.16 38.40 -38.40
N ALA B 124 21.03 37.92 -39.63
CA ALA B 124 20.25 36.73 -39.90
C ALA B 124 20.93 35.51 -39.26
N LEU B 125 22.26 35.47 -39.35
CA LEU B 125 23.01 34.38 -38.76
C LEU B 125 22.76 34.31 -37.26
N ALA B 126 22.84 35.46 -36.61
CA ALA B 126 22.63 35.57 -35.18
C ALA B 126 21.23 35.10 -34.78
N VAL B 127 20.23 35.53 -35.54
CA VAL B 127 18.85 35.12 -35.31
C VAL B 127 18.70 33.61 -35.41
N PHE B 128 19.20 33.04 -36.50
CA PHE B 128 19.19 31.58 -36.70
C PHE B 128 19.92 30.87 -35.54
N LEU B 129 21.04 31.40 -35.10
CA LEU B 129 21.78 30.78 -34.01
C LEU B 129 21.01 30.83 -32.68
N ARG B 130 20.33 31.95 -32.45
CA ARG B 130 19.45 32.09 -31.29
C ARG B 130 18.32 31.07 -31.32
N ARG B 131 17.75 30.84 -32.50
CA ARG B 131 16.70 29.84 -32.64
C ARG B 131 17.21 28.47 -32.21
N LEU B 132 18.39 28.10 -32.72
CA LEU B 132 18.97 26.80 -32.42
C LEU B 132 19.20 26.67 -30.91
N HIS B 133 19.75 27.71 -30.30
CA HIS B 133 20.14 27.66 -28.90
C HIS B 133 18.96 27.83 -27.93
N SER B 134 17.77 28.08 -28.46
CA SER B 134 16.61 28.23 -27.60
C SER B 134 15.85 26.89 -27.48
N ILE B 135 16.24 25.90 -28.27
CA ILE B 135 15.66 24.57 -28.13
C ILE B 135 15.97 24.03 -26.73
N PRO B 136 14.94 23.71 -25.94
CA PRO B 136 15.21 23.21 -24.59
C PRO B 136 16.09 21.96 -24.62
N VAL B 137 17.14 21.90 -23.81
CA VAL B 137 18.08 20.79 -23.99
C VAL B 137 17.46 19.45 -23.57
N CYS B 138 16.36 19.51 -22.84
CA CYS B 138 15.63 18.29 -22.48
C CYS B 138 15.10 17.54 -23.70
N ASN B 139 15.14 18.16 -24.87
CA ASN B 139 14.68 17.51 -26.10
C ASN B 139 15.78 16.73 -26.81
N CYS B 140 17.03 16.97 -26.43
CA CYS B 140 18.19 16.50 -27.19
C CYS B 140 18.84 15.23 -26.61
N PRO B 141 18.90 14.14 -27.39
CA PRO B 141 19.46 12.87 -26.91
C PRO B 141 20.95 12.71 -27.21
N PHE B 142 21.58 13.76 -27.71
CA PHE B 142 23.00 13.69 -28.06
C PHE B 142 23.87 14.48 -27.12
N ASN B 143 24.95 13.83 -26.67
CA ASN B 143 25.92 14.45 -25.80
C ASN B 143 27.14 14.89 -26.62
N SER B 144 27.37 16.20 -26.67
CA SER B 144 28.59 16.74 -27.30
C SER B 144 29.42 17.55 -26.32
N ASP B 145 29.36 17.24 -25.02
CA ASP B 145 30.03 18.09 -24.04
C ASP B 145 31.54 18.01 -24.13
N ARG B 146 32.23 18.89 -23.43
CA ARG B 146 33.67 18.97 -23.61
C ARG B 146 34.41 17.72 -23.13
N VAL B 147 33.86 17.01 -22.15
CA VAL B 147 34.49 15.79 -21.68
C VAL B 147 34.51 14.77 -22.81
N PHE B 148 33.38 14.65 -23.48
CA PHE B 148 33.26 13.79 -24.64
C PHE B 148 34.20 14.24 -25.77
N ARG B 149 34.17 15.52 -26.11
CA ARG B 149 34.98 16.02 -27.22
C ARG B 149 36.49 16.00 -26.91
N LEU B 150 36.87 16.28 -25.66
CA LEU B 150 38.29 16.24 -25.31
C LEU B 150 38.86 14.83 -25.48
N ALA B 151 38.09 13.82 -25.11
CA ALA B 151 38.50 12.43 -25.26
C ALA B 151 38.68 12.08 -26.73
N GLN B 152 37.78 12.58 -27.58
CA GLN B 152 37.89 12.38 -29.02
C GLN B 152 39.14 13.07 -29.54
N ALA B 153 39.32 14.32 -29.12
CA ALA B 153 40.48 15.11 -29.53
C ALA B 153 41.77 14.40 -29.15
N GLN B 154 41.81 13.90 -27.92
CA GLN B 154 42.98 13.19 -27.44
C GLN B 154 43.30 11.98 -28.32
N SER B 155 42.26 11.23 -28.65
CA SER B 155 42.41 10.05 -29.50
C SER B 155 42.93 10.43 -30.89
N ARG B 156 42.37 11.48 -31.49
CA ARG B 156 42.84 11.92 -32.80
C ARG B 156 44.30 12.39 -32.74
N MSE B 157 44.66 13.06 -31.65
CA MSE B 157 46.06 13.47 -31.46
C MSE B 157 46.95 12.25 -31.38
O MSE B 157 47.94 12.15 -32.11
CB MSE B 157 46.24 14.32 -30.21
CG MSE B 157 47.69 14.73 -29.96
SE MSE B 157 47.86 15.81 -28.36
CE MSE B 157 47.15 14.54 -27.07
N ASN B 158 46.61 11.32 -30.50
CA ASN B 158 47.43 10.13 -30.28
C ASN B 158 47.54 9.29 -31.55
N ASN B 159 46.49 9.32 -32.36
CA ASN B 159 46.47 8.53 -33.59
C ASN B 159 47.00 9.25 -34.83
N GLY B 160 47.56 10.45 -34.62
CA GLY B 160 48.19 11.19 -35.69
C GLY B 160 47.23 11.75 -36.73
N LEU B 161 45.99 12.00 -36.32
CA LEU B 161 44.96 12.44 -37.28
C LEU B 161 44.75 13.94 -37.30
N VAL B 162 45.44 14.67 -36.44
CA VAL B 162 45.17 16.11 -36.34
C VAL B 162 45.90 16.88 -37.43
N ASP B 163 45.17 17.67 -38.21
CA ASP B 163 45.76 18.45 -39.30
C ASP B 163 46.49 19.70 -38.79
N ALA B 164 47.78 19.55 -38.47
CA ALA B 164 48.54 20.65 -37.88
C ALA B 164 48.71 21.82 -38.84
N SER B 165 48.59 21.57 -40.13
CA SER B 165 48.84 22.60 -41.12
C SER B 165 47.64 23.52 -41.26
N ASP B 166 46.52 23.13 -40.63
CA ASP B 166 45.26 23.82 -40.79
C ASP B 166 44.89 24.60 -39.52
N PHE B 167 45.86 24.76 -38.62
CA PHE B 167 45.60 25.52 -37.40
C PHE B 167 45.34 27.00 -37.72
N ASP B 168 44.61 27.66 -36.82
CA ASP B 168 44.41 29.10 -36.92
C ASP B 168 45.76 29.82 -36.85
N ASP B 169 45.76 31.06 -37.34
CA ASP B 169 46.97 31.86 -37.45
C ASP B 169 47.75 31.96 -36.14
N GLU B 170 47.03 32.17 -35.05
CA GLU B 170 47.63 32.33 -33.73
C GLU B 170 48.35 31.07 -33.27
N ARG B 171 48.05 29.93 -33.90
CA ARG B 171 48.74 28.69 -33.57
C ARG B 171 49.56 28.13 -34.74
N ASN B 172 49.89 29.01 -35.68
CA ASN B 172 50.64 28.66 -36.88
C ASN B 172 51.96 27.92 -36.61
N GLY B 173 52.05 26.68 -37.08
CA GLY B 173 53.27 25.91 -36.90
C GLY B 173 53.44 25.27 -35.53
N TRP B 174 52.46 25.44 -34.65
CA TRP B 174 52.49 24.79 -33.34
C TRP B 174 52.43 23.28 -33.47
N PRO B 175 53.19 22.57 -32.62
CA PRO B 175 53.01 21.12 -32.51
C PRO B 175 51.64 20.81 -31.89
N VAL B 176 51.02 19.70 -32.29
CA VAL B 176 49.68 19.38 -31.78
C VAL B 176 49.70 19.31 -30.26
N GLU B 177 50.75 18.71 -29.70
CA GLU B 177 50.89 18.58 -28.25
C GLU B 177 50.80 19.91 -27.52
N GLN B 178 51.40 20.95 -28.10
CA GLN B 178 51.35 22.29 -27.52
C GLN B 178 49.93 22.86 -27.50
N VAL B 179 49.18 22.66 -28.58
CA VAL B 179 47.79 23.06 -28.61
C VAL B 179 47.06 22.35 -27.47
N TRP B 180 47.26 21.04 -27.38
CA TRP B 180 46.68 20.24 -26.31
C TRP B 180 46.99 20.79 -24.90
N LYS B 181 48.26 20.94 -24.57
CA LYS B 181 48.62 21.44 -23.25
C LYS B 181 48.06 22.83 -22.96
N GLU B 182 48.21 23.75 -23.90
CA GLU B 182 47.81 25.13 -23.67
C GLU B 182 46.31 25.28 -23.51
N MSE B 183 45.55 24.49 -24.27
CA MSE B 183 44.11 24.51 -24.20
C MSE B 183 43.63 24.13 -22.80
O MSE B 183 42.64 24.67 -22.29
CB MSE B 183 43.51 23.56 -25.26
CG MSE B 183 42.00 23.39 -25.18
SE MSE B 183 41.30 22.16 -26.55
CE MSE B 183 42.39 20.60 -26.13
N HIS B 184 44.36 23.21 -22.16
CA HIS B 184 44.00 22.77 -20.82
C HIS B 184 44.25 23.84 -19.77
N LYS B 185 45.14 24.79 -20.07
CA LYS B 185 45.39 25.90 -19.15
C LYS B 185 44.14 26.77 -19.01
N LEU B 186 43.21 26.63 -19.95
CA LEU B 186 41.97 27.39 -19.94
C LEU B 186 40.85 26.72 -19.14
N LEU B 187 41.10 25.50 -18.64
CA LEU B 187 40.10 24.75 -17.88
C LEU B 187 40.34 24.90 -16.38
N PRO B 188 39.25 24.85 -15.57
CA PRO B 188 37.87 24.61 -16.02
C PRO B 188 37.08 25.90 -16.23
N PHE B 189 35.90 25.76 -16.84
CA PHE B 189 34.88 26.80 -16.83
C PHE B 189 33.52 26.12 -16.68
N SER B 190 32.54 26.82 -16.13
CA SER B 190 31.22 26.24 -15.99
C SER B 190 30.54 26.25 -17.36
N PRO B 191 30.00 25.10 -17.77
CA PRO B 191 29.35 25.04 -19.09
C PRO B 191 28.04 25.79 -19.09
N ASP B 192 27.76 26.44 -20.21
CA ASP B 192 26.48 27.08 -20.45
C ASP B 192 25.84 26.25 -21.56
N SER B 193 25.18 25.16 -21.18
CA SER B 193 24.81 24.12 -22.13
C SER B 193 23.55 24.43 -22.93
N VAL B 194 23.65 24.25 -24.25
CA VAL B 194 22.50 24.42 -25.15
C VAL B 194 22.63 23.35 -26.24
N VAL B 195 21.62 23.25 -27.09
CA VAL B 195 21.70 22.39 -28.26
C VAL B 195 22.61 23.06 -29.26
N THR B 196 23.72 22.41 -29.61
CA THR B 196 24.66 23.01 -30.56
C THR B 196 24.74 22.25 -31.86
N HIS B 197 25.18 22.97 -32.89
CA HIS B 197 25.34 22.40 -34.22
C HIS B 197 26.67 21.63 -34.33
N GLY B 198 27.72 22.19 -33.73
CA GLY B 198 29.02 21.53 -33.68
C GLY B 198 30.01 21.92 -34.77
N ASP B 199 29.52 22.43 -35.90
CA ASP B 199 30.39 22.95 -36.96
C ASP B 199 29.69 24.12 -37.66
N PHE B 200 29.35 25.12 -36.86
CA PHE B 200 28.54 26.24 -37.30
C PHE B 200 29.40 27.26 -38.06
N SER B 201 29.89 26.83 -39.22
CA SER B 201 30.78 27.65 -40.04
C SER B 201 29.98 28.31 -41.16
N LEU B 202 30.61 29.23 -41.86
CA LEU B 202 29.92 29.93 -42.94
C LEU B 202 29.59 29.00 -44.09
N ASP B 203 30.30 27.88 -44.16
CA ASP B 203 30.10 26.89 -45.22
C ASP B 203 28.83 26.06 -44.99
N ASN B 204 28.28 26.14 -43.77
CA ASN B 204 27.23 25.19 -43.37
C ASN B 204 25.83 25.76 -43.25
N LEU B 205 25.69 27.04 -43.60
CA LEU B 205 24.41 27.71 -43.53
C LEU B 205 24.02 28.21 -44.92
N ILE B 206 22.80 27.88 -45.35
CA ILE B 206 22.41 28.13 -46.72
C ILE B 206 21.38 29.26 -46.85
N PHE B 207 21.70 30.24 -47.69
CA PHE B 207 20.79 31.34 -47.98
C PHE B 207 20.09 31.08 -49.31
N ASP B 208 18.82 31.43 -49.39
CA ASP B 208 18.12 31.45 -50.67
C ASP B 208 17.15 32.61 -50.68
N GLU B 209 17.13 33.35 -51.78
CA GLU B 209 16.27 34.52 -51.93
C GLU B 209 16.46 35.49 -50.76
N GLY B 210 17.71 35.67 -50.33
CA GLY B 210 18.02 36.59 -49.26
C GLY B 210 17.61 36.17 -47.85
N LYS B 211 17.13 34.94 -47.70
CA LYS B 211 16.77 34.43 -46.38
C LYS B 211 17.61 33.22 -46.04
N LEU B 212 17.86 33.02 -44.75
CA LEU B 212 18.63 31.88 -44.27
C LEU B 212 17.65 30.74 -44.07
N ILE B 213 17.70 29.76 -44.98
CA ILE B 213 16.61 28.79 -45.03
C ILE B 213 17.00 27.43 -44.49
N GLY B 214 18.24 27.28 -44.04
CA GLY B 214 18.63 26.01 -43.45
C GLY B 214 20.11 25.88 -43.13
N CYS B 215 20.45 24.85 -42.36
CA CYS B 215 21.85 24.51 -42.13
C CYS B 215 22.10 23.07 -42.56
N ILE B 216 23.36 22.74 -42.74
CA ILE B 216 23.75 21.42 -43.23
C ILE B 216 24.92 20.88 -42.39
N ASP B 217 25.38 19.67 -42.72
CA ASP B 217 26.50 19.05 -42.00
C ASP B 217 26.31 19.00 -40.49
N VAL B 218 25.27 18.29 -40.04
CA VAL B 218 24.90 18.30 -38.63
C VAL B 218 25.47 17.13 -37.81
N GLY B 219 26.45 16.43 -38.36
CA GLY B 219 26.99 15.24 -37.71
C GLY B 219 27.54 15.40 -36.30
N ARG B 220 27.82 16.65 -35.90
CA ARG B 220 28.39 16.92 -34.59
C ARG B 220 27.38 17.56 -33.63
N VAL B 221 26.11 17.59 -34.03
CA VAL B 221 25.05 18.14 -33.18
C VAL B 221 25.01 17.48 -31.80
N GLY B 222 24.77 18.28 -30.77
CA GLY B 222 24.59 17.75 -29.44
C GLY B 222 24.63 18.85 -28.41
N ILE B 223 24.37 18.48 -27.16
CA ILE B 223 24.41 19.43 -26.06
C ILE B 223 25.87 19.80 -25.74
N ALA B 224 26.17 21.09 -25.80
CA ALA B 224 27.53 21.54 -25.48
C ALA B 224 27.45 23.00 -25.07
N ASP B 225 28.57 23.58 -24.66
CA ASP B 225 28.58 24.98 -24.32
C ASP B 225 28.19 25.80 -25.55
N ARG B 226 27.46 26.89 -25.34
CA ARG B 226 27.03 27.71 -26.48
C ARG B 226 28.18 28.21 -27.33
N TYR B 227 29.35 28.38 -26.71
CA TYR B 227 30.52 28.90 -27.43
C TYR B 227 31.07 27.94 -28.47
N GLN B 228 30.68 26.68 -28.42
CA GLN B 228 31.04 25.74 -29.48
C GLN B 228 30.62 26.26 -30.86
N ASP B 229 29.45 26.90 -30.93
CA ASP B 229 28.93 27.44 -32.18
C ASP B 229 29.36 28.89 -32.38
N LEU B 230 29.29 29.69 -31.32
CA LEU B 230 29.73 31.08 -31.40
C LEU B 230 31.18 31.17 -31.89
N ALA B 231 32.04 30.33 -31.32
CA ALA B 231 33.47 30.38 -31.64
C ALA B 231 33.79 30.07 -33.09
N ILE B 232 33.26 28.97 -33.59
CA ILE B 232 33.51 28.59 -34.96
C ILE B 232 33.02 29.67 -35.94
N LEU B 233 31.83 30.21 -35.68
CA LEU B 233 31.29 31.26 -36.53
C LEU B 233 32.10 32.55 -36.42
N TRP B 234 32.43 32.94 -35.19
CA TRP B 234 33.22 34.14 -34.94
C TRP B 234 34.53 34.06 -35.71
N ASN B 235 35.13 32.87 -35.70
CA ASN B 235 36.38 32.61 -36.42
C ASN B 235 36.23 32.82 -37.92
N CYS B 236 35.17 32.25 -38.49
CA CYS B 236 34.93 32.40 -39.93
C CYS B 236 34.78 33.85 -40.33
N LEU B 237 34.07 34.61 -39.49
CA LEU B 237 33.78 36.01 -39.76
C LEU B 237 35.04 36.87 -39.72
N GLY B 238 36.08 36.37 -39.05
CA GLY B 238 37.35 37.08 -38.96
C GLY B 238 37.97 37.38 -40.32
N GLU B 239 37.78 36.47 -41.27
CA GLU B 239 38.35 36.65 -42.61
C GLU B 239 37.64 37.72 -43.42
N PHE B 240 36.56 38.28 -42.88
CA PHE B 240 35.85 39.33 -43.57
C PHE B 240 36.07 40.67 -42.88
N SER B 241 35.76 40.73 -41.58
CA SER B 241 35.92 41.96 -40.82
C SER B 241 35.78 41.71 -39.32
N PRO B 242 36.54 42.44 -38.50
CA PRO B 242 36.42 42.33 -37.05
C PRO B 242 35.14 42.99 -36.52
N SER B 243 34.59 43.95 -37.26
CA SER B 243 33.30 44.53 -36.89
C SER B 243 32.15 43.51 -37.06
N LEU B 244 32.24 42.65 -38.07
CA LEU B 244 31.22 41.63 -38.28
C LEU B 244 31.29 40.57 -37.19
N GLN B 245 32.50 40.34 -36.68
CA GLN B 245 32.70 39.43 -35.56
C GLN B 245 31.97 39.97 -34.33
N LYS B 246 32.21 41.23 -34.03
CA LYS B 246 31.57 41.91 -32.90
C LYS B 246 30.06 41.95 -33.04
N ARG B 247 29.58 42.20 -34.27
CA ARG B 247 28.15 42.32 -34.49
C ARG B 247 27.43 40.98 -34.27
N LEU B 248 28.12 39.88 -34.56
CA LEU B 248 27.58 38.55 -34.26
C LEU B 248 27.22 38.41 -32.78
N PHE B 249 28.17 38.71 -31.91
CA PHE B 249 27.93 38.60 -30.47
C PHE B 249 26.88 39.62 -30.03
N GLN B 250 26.96 40.82 -30.59
CA GLN B 250 25.99 41.88 -30.32
C GLN B 250 24.57 41.39 -30.55
N LYS B 251 24.31 40.92 -31.77
CA LYS B 251 22.97 40.52 -32.18
C LYS B 251 22.52 39.23 -31.51
N TYR B 252 23.47 38.35 -31.24
CA TYR B 252 23.17 37.11 -30.53
C TYR B 252 22.67 37.43 -29.13
N GLY B 253 23.24 38.47 -28.54
CA GLY B 253 22.77 38.95 -27.24
C GLY B 253 23.83 38.89 -26.15
N ILE B 254 25.09 38.76 -26.54
CA ILE B 254 26.18 38.80 -25.57
C ILE B 254 26.96 40.11 -25.71
N ASP B 255 26.79 41.00 -24.74
CA ASP B 255 27.46 42.31 -24.76
C ASP B 255 28.97 42.19 -24.69
N ASN B 256 29.45 41.33 -23.79
CA ASN B 256 30.87 41.11 -23.63
C ASN B 256 31.27 39.64 -23.66
N PRO B 257 31.75 39.20 -24.82
CA PRO B 257 32.15 37.82 -25.10
C PRO B 257 33.17 37.30 -24.09
N ASP B 258 32.94 36.10 -23.61
CA ASP B 258 33.87 35.41 -22.73
C ASP B 258 35.04 34.92 -23.57
N MSE B 259 36.15 35.66 -23.52
CA MSE B 259 37.32 35.39 -24.34
C MSE B 259 37.91 34.00 -24.05
O MSE B 259 38.38 33.33 -24.96
CB MSE B 259 38.38 36.46 -24.16
CG MSE B 259 37.98 37.83 -24.70
SE MSE B 259 37.17 37.73 -26.48
CE MSE B 259 38.75 37.42 -27.55
N ASN B 260 37.91 33.61 -22.78
CA ASN B 260 38.45 32.30 -22.41
C ASN B 260 37.66 31.17 -23.05
N LYS B 261 36.34 31.26 -22.98
CA LYS B 261 35.47 30.27 -23.61
C LYS B 261 35.64 30.27 -25.13
N LEU B 262 35.71 31.47 -25.70
CA LEU B 262 35.97 31.62 -27.12
C LEU B 262 37.25 30.87 -27.50
N GLN B 263 38.34 31.18 -26.79
CA GLN B 263 39.63 30.55 -27.05
C GLN B 263 39.61 29.04 -26.85
N PHE B 264 38.99 28.57 -25.78
CA PHE B 264 38.90 27.13 -25.59
C PHE B 264 38.28 26.41 -26.78
N HIS B 265 37.16 26.91 -27.28
CA HIS B 265 36.47 26.22 -28.37
C HIS B 265 37.19 26.35 -29.70
N LEU B 266 37.87 27.48 -29.92
CA LEU B 266 38.68 27.61 -31.12
C LEU B 266 39.80 26.57 -31.11
N MSE B 267 40.47 26.43 -29.97
CA MSE B 267 41.56 25.47 -29.87
C MSE B 267 41.04 24.03 -29.99
O MSE B 267 41.68 23.18 -30.61
CB MSE B 267 42.33 25.65 -28.57
CG MSE B 267 42.93 27.06 -28.43
SE MSE B 267 44.00 27.19 -26.82
CE MSE B 267 45.60 26.34 -27.45
N LEU B 268 39.90 23.75 -29.38
CA LEU B 268 39.30 22.40 -29.47
C LEU B 268 38.99 22.02 -30.91
N ASP B 269 38.51 22.97 -31.73
CA ASP B 269 38.19 22.65 -33.11
C ASP B 269 39.45 22.38 -33.93
N GLU B 270 40.61 22.83 -33.44
CA GLU B 270 41.88 22.52 -34.13
C GLU B 270 42.08 21.00 -34.30
N PHE B 271 41.44 20.22 -33.43
CA PHE B 271 41.69 18.78 -33.39
C PHE B 271 40.83 17.97 -34.36
N PHE B 272 39.87 18.63 -35.01
CA PHE B 272 38.88 17.91 -35.81
C PHE B 272 38.88 18.28 -37.27
N ASN C 19 8.91 -42.02 -2.31
CA ASN C 19 9.79 -40.90 -2.67
C ASN C 19 9.05 -39.57 -2.79
N LEU C 20 9.79 -38.47 -2.67
CA LEU C 20 9.21 -37.15 -2.91
C LEU C 20 8.74 -37.09 -4.36
N ASP C 21 9.59 -37.57 -5.26
CA ASP C 21 9.29 -37.61 -6.70
C ASP C 21 8.01 -38.37 -7.01
N ALA C 22 7.56 -39.19 -6.06
CA ALA C 22 6.34 -39.98 -6.22
C ALA C 22 5.12 -39.14 -5.84
N ASP C 23 5.25 -38.39 -4.74
CA ASP C 23 4.19 -37.49 -4.30
C ASP C 23 4.07 -36.27 -5.21
N LEU C 24 5.13 -35.97 -5.95
CA LEU C 24 5.18 -34.78 -6.78
C LEU C 24 4.74 -35.03 -8.22
N TYR C 25 4.64 -36.30 -8.59
CA TYR C 25 4.43 -36.69 -9.98
C TYR C 25 3.11 -36.18 -10.59
N GLY C 26 3.16 -35.79 -11.86
CA GLY C 26 1.97 -35.42 -12.63
C GLY C 26 1.39 -34.02 -12.44
N TYR C 27 2.08 -33.17 -11.70
CA TYR C 27 1.54 -31.86 -11.36
C TYR C 27 2.09 -30.73 -12.23
N ARG C 28 1.28 -29.69 -12.42
CA ARG C 28 1.79 -28.43 -12.96
C ARG C 28 2.45 -27.63 -11.84
N TRP C 29 3.46 -26.85 -12.19
CA TRP C 29 4.21 -26.09 -11.20
C TRP C 29 4.09 -24.58 -11.40
N ALA C 30 3.85 -23.88 -10.30
CA ALA C 30 3.89 -22.43 -10.29
C ALA C 30 4.65 -21.97 -9.04
N ARG C 31 5.26 -20.80 -9.14
CA ARG C 31 6.01 -20.24 -8.04
C ARG C 31 5.25 -19.03 -7.45
N ASP C 32 5.01 -19.04 -6.16
CA ASP C 32 4.24 -17.96 -5.51
C ASP C 32 5.12 -17.06 -4.67
N ASN C 33 5.26 -15.80 -5.08
CA ASN C 33 6.00 -14.83 -4.27
C ASN C 33 5.11 -14.31 -3.12
N VAL C 34 5.08 -15.09 -2.04
CA VAL C 34 4.56 -14.67 -0.74
C VAL C 34 5.38 -15.37 0.34
N GLY C 35 6.69 -15.46 0.14
CA GLY C 35 7.57 -16.15 1.08
C GLY C 35 7.57 -15.60 2.50
N GLN C 36 7.10 -16.41 3.45
CA GLN C 36 7.01 -16.03 4.86
C GLN C 36 8.34 -15.60 5.47
N SER C 37 9.38 -16.40 5.23
CA SER C 37 10.71 -16.11 5.78
C SER C 37 11.77 -16.16 4.69
N GLY C 38 11.33 -16.31 3.45
CA GLY C 38 12.24 -16.31 2.30
C GLY C 38 12.29 -17.65 1.60
N ALA C 39 11.42 -18.55 2.02
CA ALA C 39 11.32 -19.84 1.34
C ALA C 39 10.82 -19.65 -0.07
N THR C 40 11.07 -20.63 -0.92
CA THR C 40 10.44 -20.59 -2.23
C THR C 40 9.18 -21.42 -2.11
N ILE C 41 8.05 -20.81 -2.47
CA ILE C 41 6.76 -21.49 -2.42
C ILE C 41 6.36 -21.98 -3.80
N TYR C 42 6.15 -23.29 -3.93
CA TYR C 42 5.60 -23.82 -5.16
C TYR C 42 4.14 -24.29 -4.97
N ARG C 43 3.30 -23.96 -5.92
CA ARG C 43 1.93 -24.46 -5.95
C ARG C 43 1.88 -25.59 -6.98
N LEU C 44 1.40 -26.76 -6.59
CA LEU C 44 1.26 -27.87 -7.53
C LEU C 44 -0.22 -28.07 -7.84
N TYR C 45 -0.56 -28.01 -9.13
CA TYR C 45 -1.95 -27.95 -9.57
C TYR C 45 -2.08 -28.60 -10.93
N GLY C 46 -3.28 -28.55 -11.50
CA GLY C 46 -3.48 -28.96 -12.88
C GLY C 46 -3.53 -30.46 -13.15
N LYS C 47 -3.36 -31.26 -12.10
CA LYS C 47 -3.37 -32.71 -12.21
C LYS C 47 -4.77 -33.27 -11.99
N PRO C 48 -5.36 -33.91 -13.02
CA PRO C 48 -6.72 -34.44 -12.93
C PRO C 48 -6.91 -35.42 -11.78
N ASN C 49 -8.06 -35.34 -11.12
CA ASN C 49 -8.38 -36.18 -9.97
C ASN C 49 -7.34 -36.16 -8.84
N ALA C 50 -6.83 -34.97 -8.57
CA ALA C 50 -5.84 -34.79 -7.52
C ALA C 50 -6.00 -33.43 -6.87
N PRO C 51 -5.72 -33.34 -5.56
CA PRO C 51 -5.83 -32.07 -4.82
C PRO C 51 -4.66 -31.15 -5.14
N GLU C 52 -4.88 -29.85 -5.05
CA GLU C 52 -3.78 -28.91 -5.17
C GLU C 52 -2.85 -29.17 -3.99
N LEU C 53 -1.55 -28.96 -4.19
CA LEU C 53 -0.63 -29.07 -3.07
C LEU C 53 0.27 -27.85 -3.08
N PHE C 54 0.96 -27.63 -1.96
CA PHE C 54 1.99 -26.61 -1.87
C PHE C 54 3.30 -27.23 -1.44
N LEU C 55 4.40 -26.76 -2.02
CA LEU C 55 5.73 -27.24 -1.64
C LEU C 55 6.60 -26.05 -1.24
N LYS C 56 7.09 -26.07 -0.02
CA LYS C 56 7.91 -24.95 0.45
C LYS C 56 9.36 -25.45 0.51
N HIS C 57 10.28 -24.69 -0.06
CA HIS C 57 11.68 -25.08 -0.10
C HIS C 57 12.51 -24.03 0.59
N GLY C 58 13.20 -24.43 1.66
CA GLY C 58 14.10 -23.52 2.35
C GLY C 58 15.52 -24.01 2.24
N LYS C 59 16.41 -23.08 1.89
CA LYS C 59 17.82 -23.38 1.72
C LYS C 59 18.64 -22.53 2.71
N GLY C 60 19.72 -23.09 3.25
CA GLY C 60 20.57 -22.38 4.21
C GLY C 60 19.82 -22.03 5.49
N SER C 61 19.93 -20.78 5.95
CA SER C 61 19.17 -20.35 7.12
C SER C 61 17.67 -20.68 7.01
N VAL C 62 17.11 -20.45 5.83
CA VAL C 62 15.66 -20.61 5.64
C VAL C 62 15.21 -22.08 5.77
N ALA C 63 16.14 -23.00 5.58
CA ALA C 63 15.86 -24.42 5.86
C ALA C 63 15.38 -24.63 7.30
N ASN C 64 15.92 -23.87 8.25
CA ASN C 64 15.48 -23.97 9.64
C ASN C 64 14.07 -23.42 9.82
N ASP C 65 13.76 -22.32 9.14
CA ASP C 65 12.40 -21.78 9.19
C ASP C 65 11.36 -22.82 8.72
N VAL C 66 11.66 -23.48 7.61
CA VAL C 66 10.75 -24.49 7.07
C VAL C 66 10.64 -25.70 8.02
N THR C 67 11.76 -26.06 8.63
CA THR C 67 11.76 -27.12 9.64
C THR C 67 10.89 -26.75 10.84
N ASP C 68 11.01 -25.50 11.29
CA ASP C 68 10.21 -24.98 12.39
C ASP C 68 8.73 -25.08 12.08
N GLU C 69 8.38 -24.80 10.84
CA GLU C 69 6.99 -24.79 10.44
C GLU C 69 6.44 -26.20 10.41
N MSE C 70 7.24 -27.12 9.88
CA MSE C 70 6.82 -28.52 9.82
C MSE C 70 6.43 -29.06 11.17
O MSE C 70 5.37 -29.68 11.33
CB MSE C 70 7.93 -29.40 9.20
CG MSE C 70 7.52 -30.87 9.02
SE MSE C 70 7.87 -31.94 10.60
CE MSE C 70 9.77 -31.67 10.65
N VAL C 71 7.26 -28.84 12.18
N VAL C 71 7.28 -28.81 12.17
CA VAL C 71 6.99 -29.44 13.48
CA VAL C 71 7.06 -29.41 13.48
C VAL C 71 5.80 -28.78 14.16
C VAL C 71 5.86 -28.77 14.18
N ARG C 72 5.64 -27.49 13.93
CA ARG C 72 4.50 -26.77 14.48
C ARG C 72 3.20 -27.19 13.80
N LEU C 73 3.26 -27.43 12.49
CA LEU C 73 2.11 -27.98 11.76
C LEU C 73 1.75 -29.34 12.39
N ASN C 74 2.75 -30.18 12.53
CA ASN C 74 2.54 -31.52 13.07
C ASN C 74 1.86 -31.47 14.45
N TRP C 75 2.25 -30.52 15.28
CA TRP C 75 1.69 -30.42 16.62
C TRP C 75 0.28 -29.82 16.64
N LEU C 76 0.13 -28.66 16.02
CA LEU C 76 -1.09 -27.89 16.18
C LEU C 76 -2.30 -28.52 15.47
N THR C 77 -2.03 -29.39 14.50
CA THR C 77 -3.11 -30.06 13.78
C THR C 77 -4.06 -30.87 14.69
N ALA C 78 -3.59 -31.23 15.88
CA ALA C 78 -4.46 -31.91 16.84
C ALA C 78 -5.56 -30.97 17.35
N PHE C 79 -5.37 -29.67 17.18
CA PHE C 79 -6.26 -28.68 17.80
C PHE C 79 -6.95 -27.73 16.83
N MSE C 80 -6.36 -27.51 15.66
CA MSE C 80 -6.84 -26.50 14.74
C MSE C 80 -6.78 -27.01 13.32
O MSE C 80 -5.94 -27.89 13.01
CB MSE C 80 -6.00 -25.23 14.86
CG MSE C 80 -5.96 -24.59 16.24
SE MSE C 80 -7.66 -23.88 16.82
CE MSE C 80 -7.78 -22.33 15.66
N PRO C 81 -7.63 -26.47 12.42
CA PRO C 81 -7.56 -26.85 11.01
C PRO C 81 -6.37 -26.18 10.32
N LEU C 82 -5.42 -26.99 9.87
CA LEU C 82 -4.20 -26.50 9.23
C LEU C 82 -3.97 -27.35 7.97
N PRO C 83 -3.02 -26.95 7.10
CA PRO C 83 -2.73 -27.87 6.00
C PRO C 83 -2.22 -29.20 6.54
N THR C 84 -2.44 -30.28 5.80
CA THR C 84 -1.93 -31.57 6.22
C THR C 84 -0.56 -31.84 5.60
N ILE C 85 0.40 -32.30 6.42
CA ILE C 85 1.73 -32.66 5.90
C ILE C 85 1.66 -33.93 5.04
N LYS C 86 2.12 -33.84 3.80
CA LYS C 86 2.21 -35.04 2.98
C LYS C 86 3.63 -35.60 2.92
N HIS C 87 4.63 -34.72 2.97
CA HIS C 87 6.01 -35.19 2.95
C HIS C 87 6.88 -34.08 3.49
N PHE C 88 7.94 -34.47 4.19
CA PHE C 88 8.95 -33.50 4.60
C PHE C 88 10.32 -34.14 4.50
N ILE C 89 11.29 -33.36 4.01
CA ILE C 89 12.67 -33.80 3.93
C ILE C 89 13.60 -32.73 4.48
N ARG C 90 14.57 -33.15 5.29
N ARG C 90 14.55 -33.15 5.32
CA ARG C 90 15.61 -32.25 5.77
CA ARG C 90 15.62 -32.26 5.75
C ARG C 90 16.97 -32.85 5.45
C ARG C 90 16.95 -32.87 5.39
N THR C 91 17.79 -32.08 4.72
CA THR C 91 19.19 -32.44 4.50
C THR C 91 20.00 -31.28 5.11
N PRO C 92 21.35 -31.39 5.15
CA PRO C 92 22.11 -30.36 5.87
C PRO C 92 21.81 -28.92 5.44
N ASP C 93 21.65 -28.68 4.15
CA ASP C 93 21.43 -27.30 3.68
C ASP C 93 20.01 -27.02 3.17
N ASP C 94 19.13 -28.01 3.21
CA ASP C 94 17.83 -27.86 2.55
C ASP C 94 16.71 -28.51 3.33
N ALA C 95 15.53 -27.89 3.25
CA ALA C 95 14.32 -28.47 3.79
C ALA C 95 13.23 -28.33 2.74
N TRP C 96 12.41 -29.37 2.61
CA TRP C 96 11.30 -29.41 1.67
C TRP C 96 10.05 -29.85 2.41
N LEU C 97 9.02 -29.00 2.39
CA LEU C 97 7.76 -29.27 3.08
C LEU C 97 6.58 -29.24 2.09
N LEU C 98 5.97 -30.42 1.89
CA LEU C 98 4.86 -30.62 0.96
C LEU C 98 3.56 -30.80 1.76
N THR C 99 2.58 -29.95 1.53
CA THR C 99 1.34 -29.99 2.29
C THR C 99 0.16 -29.93 1.35
N THR C 100 -1.03 -30.26 1.87
CA THR C 100 -2.26 -30.10 1.11
C THR C 100 -2.63 -28.63 1.07
N ALA C 101 -3.35 -28.22 0.02
CA ALA C 101 -3.85 -26.87 -0.07
C ALA C 101 -5.15 -26.76 0.69
N ILE C 102 -5.30 -25.69 1.46
CA ILE C 102 -6.60 -25.35 2.02
C ILE C 102 -7.35 -24.53 0.97
N PRO C 103 -8.45 -25.08 0.43
CA PRO C 103 -9.17 -24.40 -0.66
C PRO C 103 -9.72 -23.06 -0.20
N GLY C 104 -9.85 -22.11 -1.12
CA GLY C 104 -10.45 -20.82 -0.85
C GLY C 104 -9.48 -19.66 -1.03
N LYS C 105 -9.72 -18.57 -0.32
CA LYS C 105 -8.92 -17.36 -0.50
C LYS C 105 -8.58 -16.81 0.87
N THR C 106 -7.55 -15.94 0.93
CA THR C 106 -7.16 -15.38 2.21
C THR C 106 -8.26 -14.45 2.71
N ALA C 107 -8.32 -14.26 4.03
CA ALA C 107 -9.23 -13.31 4.65
C ALA C 107 -9.10 -11.95 3.98
N PHE C 108 -7.87 -11.54 3.69
CA PHE C 108 -7.64 -10.27 3.01
C PHE C 108 -8.40 -10.20 1.69
N GLN C 109 -8.24 -11.23 0.86
CA GLN C 109 -8.90 -11.26 -0.43
C GLN C 109 -10.42 -11.25 -0.31
N VAL C 110 -10.95 -12.02 0.64
CA VAL C 110 -12.41 -12.10 0.80
C VAL C 110 -12.99 -10.78 1.32
N LEU C 111 -12.26 -10.11 2.20
CA LEU C 111 -12.68 -8.79 2.66
C LEU C 111 -12.77 -7.81 1.49
N GLU C 112 -11.76 -7.81 0.61
CA GLU C 112 -11.82 -6.91 -0.54
C GLU C 112 -12.95 -7.30 -1.48
N GLU C 113 -13.20 -8.59 -1.61
CA GLU C 113 -14.22 -9.09 -2.53
C GLU C 113 -15.63 -8.87 -2.00
N TYR C 114 -15.79 -8.96 -0.68
CA TYR C 114 -17.10 -8.76 -0.06
C TYR C 114 -16.99 -7.72 1.06
N PRO C 115 -16.89 -6.44 0.68
CA PRO C 115 -16.62 -5.36 1.64
C PRO C 115 -17.74 -5.27 2.68
N ASP C 116 -18.97 -5.49 2.25
CA ASP C 116 -20.12 -5.41 3.16
C ASP C 116 -20.20 -6.62 4.12
N SER C 117 -19.26 -7.56 4.01
CA SER C 117 -19.17 -8.71 4.91
C SER C 117 -18.09 -8.54 5.98
N GLY C 118 -17.56 -7.33 6.11
CA GLY C 118 -16.48 -7.09 7.05
C GLY C 118 -16.79 -7.51 8.48
N GLU C 119 -18.00 -7.20 8.94
CA GLU C 119 -18.37 -7.56 10.30
C GLU C 119 -18.41 -9.08 10.49
N ASN C 120 -18.98 -9.77 9.52
CA ASN C 120 -19.04 -11.23 9.58
C ASN C 120 -17.64 -11.85 9.55
N ILE C 121 -16.79 -11.31 8.68
CA ILE C 121 -15.42 -11.80 8.58
C ILE C 121 -14.66 -11.65 9.91
N VAL C 122 -14.80 -10.49 10.53
CA VAL C 122 -14.13 -10.25 11.80
C VAL C 122 -14.68 -11.13 12.94
N ASP C 123 -15.99 -11.32 12.97
CA ASP C 123 -16.60 -12.21 13.96
C ASP C 123 -16.04 -13.62 13.86
N ALA C 124 -15.92 -14.10 12.61
CA ALA C 124 -15.32 -15.41 12.36
C ALA C 124 -13.86 -15.47 12.79
N LEU C 125 -13.10 -14.43 12.47
CA LEU C 125 -11.71 -14.34 12.91
C LEU C 125 -11.61 -14.40 14.44
N ALA C 126 -12.53 -13.70 15.12
CA ALA C 126 -12.50 -13.66 16.57
C ALA C 126 -12.79 -15.04 17.16
N VAL C 127 -13.77 -15.74 16.58
CA VAL C 127 -14.13 -17.07 17.06
C VAL C 127 -12.95 -18.04 16.93
N PHE C 128 -12.29 -17.98 15.77
CA PHE C 128 -11.15 -18.84 15.46
C PHE C 128 -10.01 -18.55 16.43
N LEU C 129 -9.77 -17.27 16.66
CA LEU C 129 -8.72 -16.84 17.58
C LEU C 129 -9.05 -17.22 19.03
N ARG C 130 -10.31 -17.08 19.43
CA ARG C 130 -10.73 -17.57 20.75
C ARG C 130 -10.43 -19.07 20.91
N ARG C 131 -10.68 -19.84 19.84
CA ARG C 131 -10.40 -21.27 19.83
CA ARG C 131 -10.41 -21.27 19.84
C ARG C 131 -8.92 -21.54 20.04
N LEU C 132 -8.09 -20.87 19.25
CA LEU C 132 -6.64 -21.03 19.35
C LEU C 132 -6.13 -20.73 20.75
N HIS C 133 -6.63 -19.64 21.32
CA HIS C 133 -6.15 -19.18 22.62
C HIS C 133 -6.79 -19.92 23.78
N SER C 134 -7.64 -20.89 23.45
CA SER C 134 -8.26 -21.72 24.47
C SER C 134 -7.50 -23.01 24.72
N ILE C 135 -6.49 -23.28 23.88
CA ILE C 135 -5.70 -24.50 24.03
C ILE C 135 -4.88 -24.41 25.31
N PRO C 136 -5.09 -25.33 26.26
CA PRO C 136 -4.29 -25.30 27.49
C PRO C 136 -2.80 -25.22 27.14
N VAL C 137 -2.07 -24.26 27.70
CA VAL C 137 -0.67 -24.10 27.33
C VAL C 137 0.18 -25.30 27.76
N CYS C 138 -0.35 -26.11 28.66
CA CYS C 138 0.36 -27.32 29.09
C CYS C 138 0.54 -28.31 27.94
N ASN C 139 -0.17 -28.11 26.84
CA ASN C 139 -0.07 -28.96 25.67
C ASN C 139 1.05 -28.59 24.73
N CYS C 140 1.61 -27.39 24.88
CA CYS C 140 2.41 -26.79 23.83
C CYS C 140 3.89 -26.86 24.15
N PRO C 141 4.69 -27.52 23.30
CA PRO C 141 6.13 -27.73 23.52
C PRO C 141 6.96 -26.63 22.91
N PHE C 142 6.30 -25.59 22.38
CA PHE C 142 7.02 -24.50 21.73
C PHE C 142 6.99 -23.21 22.55
N ASN C 143 8.16 -22.58 22.67
CA ASN C 143 8.32 -21.31 23.36
C ASN C 143 8.43 -20.20 22.34
N SER C 144 7.46 -19.27 22.35
CA SER C 144 7.58 -18.07 21.53
C SER C 144 7.46 -16.81 22.38
N ASP C 145 7.92 -16.86 23.61
CA ASP C 145 7.73 -15.73 24.51
C ASP C 145 8.52 -14.48 24.17
N ARG C 146 8.23 -13.41 24.90
CA ARG C 146 8.81 -12.10 24.63
C ARG C 146 10.34 -12.15 24.56
N VAL C 147 10.97 -12.74 25.58
N VAL C 147 10.94 -12.75 25.59
CA VAL C 147 12.44 -12.75 25.64
CA VAL C 147 12.38 -12.84 25.71
C VAL C 147 13.07 -13.56 24.50
C VAL C 147 13.00 -13.52 24.50
N PHE C 148 12.38 -14.61 24.08
CA PHE C 148 12.82 -15.37 22.91
C PHE C 148 12.73 -14.52 21.63
N ARG C 149 11.58 -13.90 21.41
CA ARG C 149 11.35 -13.13 20.19
C ARG C 149 12.24 -11.91 20.12
N LEU C 150 12.49 -11.28 21.27
CA LEU C 150 13.32 -10.09 21.29
C LEU C 150 14.78 -10.42 20.91
N ALA C 151 15.29 -11.55 21.37
CA ALA C 151 16.64 -11.96 20.99
C ALA C 151 16.65 -12.33 19.50
N GLN C 152 15.55 -12.91 19.02
CA GLN C 152 15.45 -13.17 17.59
C GLN C 152 15.50 -11.86 16.82
N ALA C 153 14.79 -10.86 17.33
CA ALA C 153 14.73 -9.56 16.66
C ALA C 153 16.09 -8.87 16.72
N GLN C 154 16.77 -9.00 17.85
CA GLN C 154 18.10 -8.42 17.97
C GLN C 154 19.04 -8.98 16.90
N SER C 155 19.01 -10.30 16.72
CA SER C 155 19.90 -10.97 15.77
C SER C 155 19.58 -10.58 14.33
N ARG C 156 18.28 -10.50 14.02
CA ARG C 156 17.85 -10.02 12.70
C ARG C 156 18.36 -8.61 12.41
N MSE C 157 18.18 -7.70 13.36
CA MSE C 157 18.69 -6.35 13.21
C MSE C 157 20.20 -6.31 13.02
O MSE C 157 20.70 -5.59 12.16
CB MSE C 157 18.35 -5.50 14.43
CG MSE C 157 19.01 -4.11 14.42
SE MSE C 157 18.42 -3.01 15.93
CE MSE C 157 19.14 -4.10 17.38
N ASN C 158 20.93 -7.08 13.81
CA ASN C 158 22.37 -7.12 13.74
C ASN C 158 22.90 -7.77 12.46
N ASN C 159 22.13 -8.71 11.92
CA ASN C 159 22.49 -9.41 10.69
C ASN C 159 22.04 -8.63 9.45
N GLY C 160 21.37 -7.50 9.65
CA GLY C 160 20.99 -6.61 8.58
C GLY C 160 19.71 -7.01 7.88
N LEU C 161 18.94 -7.87 8.54
CA LEU C 161 17.80 -8.54 7.91
C LEU C 161 16.46 -7.81 8.03
N VAL C 162 16.37 -6.81 8.90
CA VAL C 162 15.13 -6.06 9.08
C VAL C 162 14.80 -5.21 7.86
N ASP C 163 13.60 -5.39 7.31
CA ASP C 163 13.11 -4.58 6.19
C ASP C 163 12.67 -3.20 6.71
N ALA C 164 13.56 -2.21 6.69
CA ALA C 164 13.23 -0.89 7.25
C ALA C 164 12.23 -0.12 6.40
N SER C 165 12.01 -0.58 5.17
CA SER C 165 11.09 0.11 4.29
C SER C 165 9.68 -0.41 4.47
N ASP C 166 9.49 -1.38 5.36
CA ASP C 166 8.16 -1.98 5.55
C ASP C 166 7.56 -1.63 6.92
N PHE C 167 8.09 -0.61 7.59
CA PHE C 167 7.58 -0.25 8.91
C PHE C 167 6.14 0.29 8.83
N ASP C 168 5.39 0.22 9.92
CA ASP C 168 4.08 0.89 9.96
C ASP C 168 4.21 2.41 9.77
N ASP C 169 3.09 3.09 9.52
CA ASP C 169 3.15 4.52 9.22
C ASP C 169 3.72 5.37 10.36
N GLU C 170 3.38 5.01 11.60
CA GLU C 170 3.92 5.71 12.78
C GLU C 170 5.44 5.67 12.88
N ARG C 171 6.07 4.72 12.20
CA ARG C 171 7.52 4.54 12.32
C ARG C 171 8.19 4.65 10.95
N ASN C 172 7.50 5.28 10.02
CA ASN C 172 8.03 5.45 8.68
C ASN C 172 9.34 6.24 8.68
N GLY C 173 10.37 5.69 8.05
CA GLY C 173 11.67 6.33 8.00
C GLY C 173 12.46 6.28 9.30
N TRP C 174 11.92 5.64 10.33
CA TRP C 174 12.70 5.45 11.55
C TRP C 174 13.86 4.54 11.19
N PRO C 175 15.06 4.84 11.72
CA PRO C 175 16.13 3.86 11.63
C PRO C 175 15.74 2.65 12.46
N VAL C 176 16.15 1.45 12.05
CA VAL C 176 15.80 0.25 12.78
C VAL C 176 16.24 0.34 14.26
N GLU C 177 17.42 0.91 14.49
CA GLU C 177 17.92 1.13 15.84
C GLU C 177 16.98 1.99 16.70
N GLN C 178 16.30 2.95 16.09
CA GLN C 178 15.36 3.80 16.82
C GLN C 178 14.11 2.98 17.21
N VAL C 179 13.64 2.12 16.32
CA VAL C 179 12.53 1.23 16.67
C VAL C 179 12.90 0.37 17.88
N TRP C 180 14.10 -0.21 17.82
CA TRP C 180 14.63 -1.03 18.90
C TRP C 180 14.63 -0.30 20.26
N LYS C 181 15.27 0.86 20.29
CA LYS C 181 15.40 1.64 21.52
C LYS C 181 14.04 2.03 22.12
N GLU C 182 13.18 2.56 21.27
CA GLU C 182 11.85 3.00 21.69
C GLU C 182 10.96 1.83 22.15
N MSE C 183 11.07 0.69 21.47
CA MSE C 183 10.31 -0.49 21.87
C MSE C 183 10.68 -0.86 23.32
O MSE C 183 9.82 -1.21 24.12
CB MSE C 183 10.59 -1.68 20.95
CG MSE C 183 9.77 -2.91 21.27
SE MSE C 183 10.06 -4.33 19.99
CE MSE C 183 12.01 -4.26 20.04
N HIS C 184 11.97 -0.75 23.64
CA HIS C 184 12.40 -1.09 24.98
C HIS C 184 11.93 -0.08 26.03
N LYS C 185 11.50 1.10 25.57
CA LYS C 185 10.98 2.12 26.47
C LYS C 185 9.55 1.80 26.91
N LEU C 186 8.85 1.00 26.12
CA LEU C 186 7.55 0.50 26.56
C LEU C 186 7.80 -0.33 27.80
N LEU C 187 6.99 -0.13 28.82
CA LEU C 187 7.19 -0.82 30.09
C LEU C 187 7.08 -2.32 29.90
N PRO C 188 7.98 -3.09 30.55
CA PRO C 188 7.80 -4.54 30.69
C PRO C 188 6.44 -4.86 31.29
N PHE C 189 5.91 -6.05 31.03
CA PHE C 189 4.56 -6.38 31.46
C PHE C 189 4.43 -7.86 31.78
N SER C 190 3.46 -8.20 32.62
CA SER C 190 3.17 -9.59 32.92
C SER C 190 2.56 -10.21 31.67
N PRO C 191 3.20 -11.26 31.15
CA PRO C 191 2.60 -11.96 30.01
C PRO C 191 1.31 -12.66 30.40
N ASP C 192 0.30 -12.48 29.56
CA ASP C 192 -0.93 -13.25 29.64
C ASP C 192 -0.76 -14.34 28.57
N SER C 193 -0.17 -15.45 28.96
CA SER C 193 0.37 -16.44 28.01
C SER C 193 -0.66 -17.43 27.48
N VAL C 194 -0.67 -17.60 26.17
CA VAL C 194 -1.55 -18.56 25.51
C VAL C 194 -0.79 -19.19 24.35
N VAL C 195 -1.37 -20.23 23.76
CA VAL C 195 -0.87 -20.74 22.49
C VAL C 195 -1.19 -19.73 21.38
N THR C 196 -0.15 -19.21 20.73
CA THR C 196 -0.33 -18.18 19.71
C THR C 196 0.12 -18.67 18.34
N HIS C 197 -0.39 -18.02 17.31
CA HIS C 197 -0.03 -18.35 15.93
C HIS C 197 1.31 -17.71 15.56
N GLY C 198 1.51 -16.46 15.96
CA GLY C 198 2.76 -15.78 15.67
C GLY C 198 2.77 -14.85 14.44
N ASP C 199 1.86 -15.08 13.51
CA ASP C 199 1.70 -14.20 12.34
C ASP C 199 0.23 -14.26 11.91
N PHE C 200 -0.64 -13.85 12.83
CA PHE C 200 -2.07 -13.98 12.64
C PHE C 200 -2.54 -12.77 11.82
N SER C 201 -2.20 -12.76 10.54
CA SER C 201 -2.53 -11.65 9.63
C SER C 201 -3.70 -12.06 8.74
N LEU C 202 -4.24 -11.11 7.98
CA LEU C 202 -5.30 -11.43 7.02
C LEU C 202 -4.82 -12.31 5.88
N ASP C 203 -3.50 -12.38 5.67
CA ASP C 203 -2.97 -13.25 4.62
C ASP C 203 -2.92 -14.72 5.05
N ASN C 204 -3.00 -14.98 6.34
CA ASN C 204 -2.74 -16.34 6.87
C ASN C 204 -3.96 -17.10 7.34
N LEU C 205 -5.13 -16.59 7.01
CA LEU C 205 -6.38 -17.23 7.39
C LEU C 205 -7.17 -17.43 6.12
N ILE C 206 -7.70 -18.63 5.93
CA ILE C 206 -8.28 -18.99 4.65
C ILE C 206 -9.76 -19.19 4.81
N PHE C 207 -10.52 -18.43 4.01
CA PHE C 207 -11.97 -18.51 3.95
C PHE C 207 -12.42 -19.28 2.71
N ASP C 208 -13.46 -20.08 2.85
CA ASP C 208 -13.95 -20.90 1.76
C ASP C 208 -15.47 -21.01 1.87
N GLU C 209 -16.17 -20.55 0.83
CA GLU C 209 -17.63 -20.54 0.83
C GLU C 209 -18.17 -19.88 2.10
N GLY C 210 -17.61 -18.72 2.45
CA GLY C 210 -18.08 -17.96 3.60
C GLY C 210 -17.59 -18.45 4.95
N LYS C 211 -16.86 -19.56 4.98
CA LYS C 211 -16.39 -20.08 6.24
C LYS C 211 -14.87 -19.98 6.34
N LEU C 212 -14.40 -19.59 7.52
CA LEU C 212 -12.97 -19.65 7.83
C LEU C 212 -12.62 -21.10 8.15
N ILE C 213 -11.87 -21.75 7.26
CA ILE C 213 -11.64 -23.19 7.43
C ILE C 213 -10.20 -23.61 7.71
N GLY C 214 -9.28 -22.65 7.80
CA GLY C 214 -7.92 -23.00 8.14
C GLY C 214 -6.98 -21.82 8.32
N CYS C 215 -5.87 -22.05 8.99
CA CYS C 215 -4.78 -21.08 9.00
C CYS C 215 -3.52 -21.69 8.43
N ILE C 216 -2.61 -20.84 7.95
CA ILE C 216 -1.38 -21.30 7.34
C ILE C 216 -0.20 -20.50 7.90
N ASP C 217 1.00 -20.87 7.48
CA ASP C 217 2.20 -20.14 7.87
CA ASP C 217 2.22 -20.17 7.87
C ASP C 217 2.39 -20.20 9.38
N VAL C 218 2.51 -21.41 9.91
CA VAL C 218 2.53 -21.59 11.36
C VAL C 218 3.94 -21.68 11.99
N GLY C 219 4.97 -21.21 11.29
CA GLY C 219 6.35 -21.34 11.76
C GLY C 219 6.69 -20.63 13.08
N ARG C 220 5.85 -19.69 13.49
CA ARG C 220 6.11 -18.94 14.72
C ARG C 220 5.18 -19.36 15.85
N VAL C 221 4.43 -20.45 15.65
CA VAL C 221 3.56 -20.95 16.70
C VAL C 221 4.32 -21.21 18.00
N GLY C 222 3.73 -20.79 19.12
CA GLY C 222 4.26 -21.11 20.43
C GLY C 222 3.58 -20.30 21.51
N ILE C 223 3.93 -20.60 22.76
CA ILE C 223 3.38 -19.88 23.89
C ILE C 223 3.92 -18.46 23.87
N ALA C 224 3.02 -17.50 23.88
CA ALA C 224 3.38 -16.09 23.93
C ALA C 224 2.20 -15.33 24.49
N ASP C 225 2.33 -14.02 24.60
CA ASP C 225 1.22 -13.21 25.08
C ASP C 225 0.12 -13.16 24.02
N ARG C 226 -1.15 -13.13 24.44
CA ARG C 226 -2.25 -13.17 23.48
C ARG C 226 -2.20 -12.00 22.47
N TYR C 227 -1.62 -10.88 22.89
CA TYR C 227 -1.54 -9.71 22.03
C TYR C 227 -0.57 -9.90 20.85
N GLN C 228 0.26 -10.94 20.90
CA GLN C 228 1.09 -11.27 19.73
C GLN C 228 0.18 -11.44 18.51
N ASP C 229 -0.93 -12.14 18.72
CA ASP C 229 -1.89 -12.40 17.65
C ASP C 229 -2.88 -11.26 17.47
N LEU C 230 -3.46 -10.78 18.58
CA LEU C 230 -4.37 -9.66 18.51
C LEU C 230 -3.76 -8.46 17.78
N ALA C 231 -2.50 -8.15 18.07
CA ALA C 231 -1.88 -6.96 17.51
C ALA C 231 -1.71 -7.05 16.01
N ILE C 232 -1.24 -8.20 15.52
CA ILE C 232 -0.95 -8.32 14.10
C ILE C 232 -2.22 -8.21 13.27
N LEU C 233 -3.29 -8.85 13.75
CA LEU C 233 -4.56 -8.83 13.03
C LEU C 233 -5.20 -7.46 13.14
N TRP C 234 -5.13 -6.85 14.32
CA TRP C 234 -5.62 -5.49 14.53
C TRP C 234 -4.99 -4.49 13.54
N ASN C 235 -3.67 -4.60 13.38
CA ASN C 235 -2.93 -3.77 12.42
C ASN C 235 -3.47 -3.97 11.00
N CYS C 236 -3.65 -5.22 10.62
CA CYS C 236 -4.19 -5.54 9.30
C CYS C 236 -5.55 -4.89 9.10
N LEU C 237 -6.40 -5.01 10.11
CA LEU C 237 -7.75 -4.43 10.05
C LEU C 237 -7.75 -2.92 9.92
N GLY C 238 -6.68 -2.28 10.38
CA GLY C 238 -6.56 -0.84 10.31
C GLY C 238 -6.41 -0.32 8.90
N GLU C 239 -6.17 -1.20 7.95
CA GLU C 239 -6.16 -0.81 6.54
C GLU C 239 -7.58 -0.57 6.04
N PHE C 240 -8.55 -1.16 6.72
CA PHE C 240 -9.93 -1.13 6.25
C PHE C 240 -10.86 -0.23 7.06
N SER C 241 -10.82 -0.33 8.38
CA SER C 241 -11.81 0.34 9.21
C SER C 241 -11.45 0.31 10.69
N PRO C 242 -11.56 1.47 11.36
CA PRO C 242 -11.38 1.51 12.81
C PRO C 242 -12.48 0.72 13.50
N SER C 243 -13.65 0.69 12.89
CA SER C 243 -14.79 -0.07 13.43
C SER C 243 -14.49 -1.57 13.49
N LEU C 244 -13.91 -2.12 12.42
CA LEU C 244 -13.54 -3.54 12.42
C LEU C 244 -12.41 -3.81 13.42
N GLN C 245 -11.55 -2.83 13.64
CA GLN C 245 -10.47 -3.00 14.60
C GLN C 245 -11.01 -3.15 16.01
N LYS C 246 -11.92 -2.24 16.37
CA LYS C 246 -12.57 -2.31 17.67
C LYS C 246 -13.41 -3.58 17.78
N ARG C 247 -14.06 -3.95 16.68
CA ARG C 247 -14.92 -5.15 16.68
C ARG C 247 -14.13 -6.43 16.97
N LEU C 248 -12.89 -6.49 16.50
CA LEU C 248 -12.05 -7.64 16.79
C LEU C 248 -11.86 -7.83 18.28
N PHE C 249 -11.57 -6.75 18.99
CA PHE C 249 -11.42 -6.85 20.44
C PHE C 249 -12.73 -7.18 21.14
N GLN C 250 -13.81 -6.50 20.75
CA GLN C 250 -15.13 -6.70 21.36
C GLN C 250 -15.60 -8.16 21.28
N LYS C 251 -15.45 -8.76 20.11
CA LYS C 251 -15.91 -10.13 19.92
C LYS C 251 -14.98 -11.15 20.54
N TYR C 252 -13.68 -10.85 20.57
CA TYR C 252 -12.71 -11.74 21.17
C TYR C 252 -12.96 -11.84 22.67
N GLY C 253 -13.41 -10.73 23.26
CA GLY C 253 -13.77 -10.72 24.67
C GLY C 253 -12.97 -9.72 25.50
N ILE C 254 -12.38 -8.72 24.86
CA ILE C 254 -11.64 -7.70 25.59
C ILE C 254 -12.27 -6.33 25.43
N ASP C 255 -12.80 -5.79 26.53
CA ASP C 255 -13.49 -4.49 26.48
C ASP C 255 -12.59 -3.26 26.57
N ASN C 256 -11.40 -3.43 27.16
CA ASN C 256 -10.46 -2.32 27.27
C ASN C 256 -9.07 -2.74 26.82
N PRO C 257 -8.80 -2.64 25.52
CA PRO C 257 -7.54 -3.12 24.93
C PRO C 257 -6.31 -2.48 25.61
N ASP C 258 -5.31 -3.31 25.91
CA ASP C 258 -4.09 -2.81 26.53
C ASP C 258 -3.23 -2.20 25.43
N MSE C 259 -3.18 -0.87 25.39
CA MSE C 259 -2.49 -0.17 24.30
C MSE C 259 -0.96 -0.36 24.38
O MSE C 259 -0.28 -0.32 23.36
CB MSE C 259 -2.86 1.31 24.31
CG MSE C 259 -4.36 1.52 24.17
SE MSE C 259 -5.04 0.56 22.65
CE MSE C 259 -4.27 1.64 21.23
N ASN C 260 -0.44 -0.57 25.59
CA ASN C 260 0.97 -0.84 25.78
C ASN C 260 1.39 -2.18 25.17
N LYS C 261 0.58 -3.22 25.39
CA LYS C 261 0.87 -4.54 24.86
C LYS C 261 0.66 -4.56 23.36
N LEU C 262 -0.35 -3.81 22.93
CA LEU C 262 -0.63 -3.65 21.50
C LEU C 262 0.59 -3.04 20.80
N GLN C 263 1.00 -1.88 21.31
CA GLN C 263 2.14 -1.17 20.75
C GLN C 263 3.39 -2.04 20.78
N PHE C 264 3.61 -2.73 21.90
CA PHE C 264 4.78 -3.58 21.98
C PHE C 264 4.82 -4.58 20.83
N HIS C 265 3.72 -5.30 20.63
CA HIS C 265 3.73 -6.38 19.65
C HIS C 265 3.80 -5.89 18.21
N LEU C 266 3.20 -4.73 17.95
CA LEU C 266 3.31 -4.07 16.66
C LEU C 266 4.76 -3.69 16.36
N MSE C 267 5.42 -3.11 17.36
CA MSE C 267 6.82 -2.73 17.18
C MSE C 267 7.65 -4.00 17.02
O MSE C 267 8.52 -4.08 16.15
CB MSE C 267 7.30 -1.88 18.35
CG MSE C 267 6.71 -0.48 18.35
SE MSE C 267 7.32 0.65 19.81
CE MSE C 267 8.88 1.38 18.96
N LEU C 268 7.38 -5.01 17.82
CA LEU C 268 8.17 -6.24 17.71
C LEU C 268 8.09 -6.84 16.32
N ASP C 269 6.91 -6.75 15.69
CA ASP C 269 6.71 -7.37 14.37
C ASP C 269 7.47 -6.61 13.27
N GLU C 270 7.82 -5.36 13.53
CA GLU C 270 8.68 -4.60 12.60
C GLU C 270 9.99 -5.33 12.25
N PHE C 271 10.42 -6.22 13.15
CA PHE C 271 11.72 -6.86 13.03
C PHE C 271 11.71 -8.16 12.22
N PHE C 272 10.53 -8.59 11.79
CA PHE C 272 10.39 -9.92 11.19
C PHE C 272 9.86 -9.87 9.77
N MSE D 2 5.44 -4.36 -0.86
CA MSE D 2 4.11 -4.09 -0.34
C MSE D 2 3.65 -5.17 0.64
O MSE D 2 4.37 -6.13 0.92
CB MSE D 2 3.07 -3.99 -1.47
CG MSE D 2 3.20 -2.78 -2.36
SE MSE D 2 1.81 -2.77 -3.75
CE MSE D 2 0.53 -1.55 -2.93
N SER D 3 2.44 -4.98 1.14
CA SER D 3 1.77 -5.99 1.94
C SER D 3 0.70 -6.68 1.08
N HIS D 4 0.38 -7.92 1.43
CA HIS D 4 -0.64 -8.72 0.73
C HIS D 4 -0.26 -8.99 -0.72
N ILE D 5 1.04 -9.01 -0.99
CA ILE D 5 1.57 -9.37 -2.29
C ILE D 5 1.36 -10.86 -2.52
N GLN D 6 0.78 -11.20 -3.68
CA GLN D 6 0.67 -12.59 -4.11
C GLN D 6 0.89 -12.68 -5.61
N ARG D 7 2.15 -12.89 -5.99
CA ARG D 7 2.55 -12.85 -7.39
C ARG D 7 3.01 -14.22 -7.83
N GLU D 8 2.30 -14.77 -8.80
CA GLU D 8 2.57 -16.13 -9.26
C GLU D 8 3.26 -16.11 -10.62
N THR D 9 4.31 -16.90 -10.74
CA THR D 9 4.97 -17.08 -12.02
C THR D 9 5.05 -18.55 -12.38
N SER D 10 4.95 -18.85 -13.67
CA SER D 10 5.12 -20.21 -14.15
C SER D 10 6.57 -20.68 -13.89
N CYS D 11 6.75 -21.96 -13.61
CA CYS D 11 8.11 -22.48 -13.46
C CYS D 11 8.20 -23.95 -13.80
N SER D 12 9.42 -24.40 -14.04
CA SER D 12 9.68 -25.81 -14.25
C SER D 12 9.90 -26.44 -12.90
N ARG D 13 9.72 -27.75 -12.82
CA ARG D 13 9.99 -28.48 -11.59
C ARG D 13 11.39 -28.15 -11.09
N PRO D 14 11.50 -27.73 -9.83
CA PRO D 14 12.82 -27.48 -9.24
C PRO D 14 13.67 -28.75 -9.21
N ARG D 15 14.95 -28.63 -8.84
CA ARG D 15 15.81 -29.79 -8.74
C ARG D 15 15.55 -30.55 -7.45
N ASP D 21 17.72 -42.48 0.55
CA ASP D 21 18.08 -43.70 -0.18
C ASP D 21 19.56 -43.67 -0.58
N ALA D 22 19.98 -42.59 -1.21
CA ALA D 22 21.38 -42.42 -1.57
C ALA D 22 22.20 -42.05 -0.34
N ASP D 23 23.51 -42.29 -0.40
CA ASP D 23 24.41 -42.14 0.74
C ASP D 23 24.03 -43.06 1.90
N LEU D 24 23.16 -44.01 1.61
CA LEU D 24 22.91 -45.13 2.49
C LEU D 24 23.62 -46.30 1.82
N TYR D 25 24.25 -45.99 0.70
CA TYR D 25 24.88 -46.99 -0.15
C TYR D 25 26.05 -47.67 0.56
N GLY D 26 26.13 -48.99 0.39
CA GLY D 26 27.23 -49.77 0.92
C GLY D 26 27.48 -49.60 2.40
N TYR D 27 26.62 -50.19 3.22
CA TYR D 27 26.80 -50.19 4.67
C TYR D 27 26.38 -51.54 5.23
N ARG D 28 27.05 -51.98 6.28
CA ARG D 28 26.54 -53.10 7.05
C ARG D 28 25.48 -52.56 7.99
N TRP D 29 24.57 -53.43 8.44
CA TRP D 29 23.40 -53.00 9.21
C TRP D 29 23.23 -53.80 10.49
N ALA D 30 23.05 -53.10 11.62
CA ALA D 30 22.84 -53.77 12.89
C ALA D 30 21.62 -53.23 13.63
N ARG D 31 20.77 -54.12 14.09
CA ARG D 31 19.58 -53.79 14.87
C ARG D 31 19.97 -53.49 16.32
N ASP D 32 20.17 -52.22 16.63
CA ASP D 32 20.75 -51.85 17.92
C ASP D 32 19.81 -52.08 19.11
N ASN D 33 18.70 -51.34 19.14
CA ASN D 33 17.81 -51.34 20.31
C ASN D 33 16.63 -52.30 20.24
N VAL D 34 16.94 -53.59 20.10
CA VAL D 34 15.93 -54.64 20.08
C VAL D 34 15.12 -54.68 21.37
N GLY D 35 13.80 -54.70 21.23
CA GLY D 35 12.89 -54.82 22.37
C GLY D 35 12.57 -53.49 23.04
N GLN D 36 13.37 -52.47 22.76
CA GLN D 36 13.18 -51.16 23.39
C GLN D 36 11.89 -50.47 22.96
N SER D 37 11.31 -49.70 23.87
CA SER D 37 10.16 -48.89 23.54
C SER D 37 10.61 -47.69 22.71
N GLY D 38 9.93 -47.45 21.60
CA GLY D 38 10.23 -46.31 20.78
C GLY D 38 10.66 -46.72 19.38
N ALA D 39 11.61 -45.97 18.83
CA ALA D 39 12.02 -46.19 17.45
C ALA D 39 12.83 -47.46 17.30
N THR D 40 12.79 -48.00 16.08
CA THR D 40 13.73 -49.02 15.68
C THR D 40 15.04 -48.30 15.38
N ILE D 41 16.13 -48.80 15.93
CA ILE D 41 17.42 -48.15 15.70
C ILE D 41 18.32 -49.06 14.88
N TYR D 42 18.92 -48.50 13.84
CA TYR D 42 19.89 -49.24 13.04
C TYR D 42 21.24 -48.57 13.15
N ARG D 43 22.28 -49.38 13.27
N ARG D 43 22.28 -49.39 13.26
CA ARG D 43 23.66 -48.90 13.25
CA ARG D 43 23.66 -48.91 13.25
C ARG D 43 24.27 -49.26 11.89
C ARG D 43 24.27 -49.26 11.89
N LEU D 44 24.66 -48.24 11.13
CA LEU D 44 25.27 -48.46 9.82
C LEU D 44 26.79 -48.31 9.91
N TYR D 45 27.53 -49.32 9.47
CA TYR D 45 28.97 -49.34 9.68
C TYR D 45 29.69 -50.13 8.60
N GLY D 46 31.01 -50.16 8.70
CA GLY D 46 31.83 -51.00 7.83
C GLY D 46 32.11 -50.48 6.43
N LYS D 47 31.57 -49.30 6.10
CA LYS D 47 31.81 -48.71 4.78
C LYS D 47 33.18 -48.06 4.71
N PRO D 48 33.99 -48.49 3.72
CA PRO D 48 35.34 -47.96 3.51
C PRO D 48 35.31 -46.44 3.34
N ASN D 49 36.06 -45.74 4.19
CA ASN D 49 36.12 -44.28 4.19
C ASN D 49 34.76 -43.60 4.35
N ALA D 50 34.02 -44.01 5.36
CA ALA D 50 32.74 -43.37 5.65
C ALA D 50 32.47 -43.46 7.15
N PRO D 51 31.93 -42.38 7.72
CA PRO D 51 31.69 -42.39 9.17
C PRO D 51 30.54 -43.32 9.51
N GLU D 52 30.55 -43.84 10.73
CA GLU D 52 29.48 -44.69 11.20
C GLU D 52 28.20 -43.85 11.30
N LEU D 53 27.08 -44.44 10.95
CA LEU D 53 25.81 -43.72 11.06
C LEU D 53 24.80 -44.48 11.90
N PHE D 54 23.81 -43.75 12.41
CA PHE D 54 22.64 -44.30 13.06
C PHE D 54 21.38 -43.90 12.31
N LEU D 55 20.40 -44.79 12.30
CA LEU D 55 19.12 -44.51 11.66
C LEU D 55 17.98 -44.88 12.61
N LYS D 56 17.17 -43.90 12.96
CA LYS D 56 15.98 -44.16 13.78
C LYS D 56 14.75 -44.16 12.88
N HIS D 57 13.92 -45.19 13.01
CA HIS D 57 12.64 -45.23 12.31
C HIS D 57 11.52 -45.19 13.33
N GLY D 58 10.66 -44.18 13.24
CA GLY D 58 9.49 -44.10 14.08
C GLY D 58 8.21 -44.28 13.29
N LYS D 59 7.31 -45.10 13.81
CA LYS D 59 6.01 -45.31 13.18
C LYS D 59 4.91 -44.86 14.14
N GLY D 60 3.80 -44.36 13.60
CA GLY D 60 2.71 -43.89 14.44
C GLY D 60 3.14 -42.80 15.40
N SER D 61 2.79 -42.96 16.67
CA SER D 61 3.13 -41.98 17.71
C SER D 61 4.66 -41.80 17.81
N VAL D 62 5.39 -42.89 17.61
CA VAL D 62 6.85 -42.86 17.68
C VAL D 62 7.44 -41.96 16.59
N ALA D 63 6.74 -41.83 15.46
CA ALA D 63 7.18 -40.91 14.41
C ALA D 63 7.27 -39.49 14.97
N ASN D 64 6.34 -39.14 15.84
CA ASN D 64 6.38 -37.84 16.51
C ASN D 64 7.58 -37.72 17.43
N ASP D 65 7.90 -38.79 18.16
CA ASP D 65 9.11 -38.84 18.99
C ASP D 65 10.39 -38.57 18.19
N VAL D 66 10.50 -39.23 17.05
CA VAL D 66 11.68 -39.06 16.22
C VAL D 66 11.76 -37.66 15.61
N THR D 67 10.60 -37.09 15.28
CA THR D 67 10.54 -35.74 14.76
C THR D 67 10.98 -34.76 15.82
N ASP D 68 10.50 -34.95 17.05
CA ASP D 68 10.88 -34.09 18.18
C ASP D 68 12.39 -34.09 18.35
N GLU D 69 13.02 -35.28 18.29
CA GLU D 69 14.47 -35.32 18.38
C GLU D 69 15.17 -34.60 17.24
N MSE D 70 14.64 -34.74 16.02
CA MSE D 70 15.29 -34.10 14.88
C MSE D 70 15.38 -32.60 15.05
O MSE D 70 16.45 -32.04 14.84
CB MSE D 70 14.60 -34.48 13.55
CG MSE D 70 15.27 -33.92 12.30
SE MSE D 70 14.66 -32.10 11.89
CE MSE D 70 12.78 -32.46 11.93
N VAL D 71 14.29 -31.93 15.42
CA VAL D 71 14.34 -30.47 15.53
CA VAL D 71 14.29 -30.47 15.55
C VAL D 71 15.21 -30.02 16.69
N ARG D 72 15.18 -30.79 17.78
CA ARG D 72 16.06 -30.48 18.91
C ARG D 72 17.53 -30.68 18.54
N LEU D 73 17.84 -31.74 17.78
CA LEU D 73 19.17 -31.90 17.22
C LEU D 73 19.51 -30.70 16.34
N ASN D 74 18.60 -30.32 15.47
CA ASN D 74 18.87 -29.22 14.55
C ASN D 74 19.17 -27.91 15.26
N TRP D 75 18.41 -27.64 16.32
CA TRP D 75 18.60 -26.39 17.07
C TRP D 75 19.83 -26.43 17.99
N LEU D 76 19.94 -27.46 18.83
CA LEU D 76 20.99 -27.48 19.87
C LEU D 76 22.42 -27.64 19.34
N THR D 77 22.59 -28.14 18.11
CA THR D 77 23.94 -28.39 17.59
C THR D 77 24.74 -27.08 17.39
N ALA D 78 24.06 -25.96 17.30
CA ALA D 78 24.73 -24.67 17.20
C ALA D 78 25.46 -24.34 18.51
N PHE D 79 25.10 -25.01 19.59
CA PHE D 79 25.65 -24.69 20.91
C PHE D 79 26.47 -25.81 21.53
N MSE D 80 26.20 -27.05 21.14
CA MSE D 80 26.74 -28.22 21.83
C MSE D 80 27.19 -29.33 20.87
O MSE D 80 26.67 -29.44 19.76
CB MSE D 80 25.69 -28.78 22.80
CG MSE D 80 25.30 -27.81 23.92
SE MSE D 80 26.75 -27.45 25.15
CE MSE D 80 26.62 -29.08 26.19
N PRO D 81 28.16 -30.15 21.27
CA PRO D 81 28.58 -31.22 20.37
C PRO D 81 27.54 -32.34 20.33
N LEU D 82 26.88 -32.49 19.18
CA LEU D 82 25.78 -33.44 18.99
C LEU D 82 25.97 -34.26 17.72
N PRO D 83 25.24 -35.38 17.59
CA PRO D 83 25.22 -36.03 16.28
C PRO D 83 24.71 -35.07 15.20
N THR D 84 25.30 -35.09 14.01
CA THR D 84 24.88 -34.24 12.91
C THR D 84 23.79 -34.93 12.09
N ILE D 85 22.75 -34.19 11.69
CA ILE D 85 21.70 -34.76 10.85
C ILE D 85 22.17 -34.92 9.40
N LYS D 86 22.17 -36.15 8.90
N LYS D 86 22.17 -36.17 8.92
CA LYS D 86 22.53 -36.37 7.50
CA LYS D 86 22.51 -36.43 7.54
C LYS D 86 21.31 -36.39 6.60
C LYS D 86 21.28 -36.26 6.67
N HIS D 87 20.18 -36.86 7.12
CA HIS D 87 18.96 -36.91 6.33
C HIS D 87 17.79 -37.17 7.28
N PHE D 88 16.67 -36.52 7.02
CA PHE D 88 15.43 -36.76 7.77
C PHE D 88 14.24 -36.74 6.81
N ILE D 89 13.32 -37.65 7.04
CA ILE D 89 12.16 -37.79 6.17
C ILE D 89 10.95 -37.95 7.08
N ARG D 90 9.93 -37.13 6.88
CA ARG D 90 8.64 -37.34 7.55
C ARG D 90 7.54 -37.57 6.51
N THR D 91 6.81 -38.67 6.67
CA THR D 91 5.61 -38.95 5.90
C THR D 91 4.49 -39.08 6.93
N PRO D 92 3.21 -39.15 6.51
CA PRO D 92 2.14 -39.13 7.50
C PRO D 92 2.29 -40.10 8.69
N ASP D 93 2.76 -41.32 8.46
CA ASP D 93 2.81 -42.31 9.53
CA ASP D 93 2.82 -42.28 9.55
C ASP D 93 4.24 -42.76 9.89
N ASP D 94 5.24 -42.13 9.28
CA ASP D 94 6.64 -42.55 9.50
C ASP D 94 7.61 -41.38 9.56
N ALA D 95 8.67 -41.58 10.32
CA ALA D 95 9.79 -40.63 10.38
C ALA D 95 11.07 -41.46 10.36
N TRP D 96 12.02 -41.00 9.57
CA TRP D 96 13.32 -41.62 9.42
C TRP D 96 14.36 -40.56 9.73
N LEU D 97 15.27 -40.87 10.65
CA LEU D 97 16.29 -39.90 11.10
C LEU D 97 17.68 -40.51 11.00
N LEU D 98 18.47 -40.03 10.04
CA LEU D 98 19.80 -40.55 9.77
C LEU D 98 20.79 -39.56 10.35
N THR D 99 21.62 -40.00 11.28
CA THR D 99 22.60 -39.10 11.92
C THR D 99 23.97 -39.74 11.94
N THR D 100 25.00 -38.90 12.05
CA THR D 100 26.37 -39.38 12.19
C THR D 100 26.60 -39.89 13.61
N ALA D 101 27.32 -41.01 13.73
CA ALA D 101 27.59 -41.59 15.03
C ALA D 101 28.66 -40.77 15.73
N ILE D 102 28.48 -40.52 17.02
CA ILE D 102 29.56 -39.97 17.82
C ILE D 102 30.40 -41.11 18.34
N PRO D 103 31.67 -41.16 17.92
CA PRO D 103 32.52 -42.27 18.30
C PRO D 103 32.79 -42.27 19.80
N GLY D 104 32.92 -43.45 20.37
CA GLY D 104 33.27 -43.59 21.78
C GLY D 104 32.34 -44.51 22.54
N LYS D 105 32.36 -44.35 23.87
CA LYS D 105 31.57 -45.18 24.76
C LYS D 105 30.74 -44.26 25.63
N THR D 106 29.71 -44.79 26.26
CA THR D 106 28.91 -43.97 27.16
C THR D 106 29.68 -43.69 28.45
N ALA D 107 29.28 -42.64 29.15
CA ALA D 107 29.80 -42.33 30.48
C ALA D 107 29.65 -43.51 31.42
N PHE D 108 28.51 -44.19 31.36
CA PHE D 108 28.32 -45.42 32.13
C PHE D 108 29.43 -46.44 31.81
N GLN D 109 29.63 -46.75 30.52
CA GLN D 109 30.68 -47.71 30.15
C GLN D 109 32.06 -47.30 30.64
N VAL D 110 32.39 -46.01 30.52
CA VAL D 110 33.73 -45.53 30.87
C VAL D 110 33.95 -45.53 32.37
N LEU D 111 32.91 -45.20 33.12
CA LEU D 111 32.94 -45.26 34.58
C LEU D 111 33.15 -46.71 35.04
N GLU D 112 32.53 -47.67 34.34
CA GLU D 112 32.73 -49.08 34.66
C GLU D 112 34.15 -49.55 34.32
N GLU D 113 34.69 -49.09 33.20
CA GLU D 113 35.97 -49.57 32.74
C GLU D 113 37.12 -48.87 33.50
N TYR D 114 36.87 -47.61 33.88
CA TYR D 114 37.89 -46.84 34.59
C TYR D 114 37.40 -46.36 35.96
N PRO D 115 37.07 -47.28 36.87
CA PRO D 115 36.46 -46.89 38.14
C PRO D 115 37.35 -45.97 39.00
N ASP D 116 38.67 -46.11 38.89
CA ASP D 116 39.59 -45.23 39.60
C ASP D 116 39.57 -43.79 39.08
N SER D 117 38.87 -43.58 37.98
CA SER D 117 38.76 -42.24 37.41
C SER D 117 37.41 -41.61 37.72
N GLY D 118 36.64 -42.24 38.61
CA GLY D 118 35.27 -41.82 38.88
C GLY D 118 35.17 -40.32 39.14
N GLU D 119 36.10 -39.82 39.95
CA GLU D 119 36.06 -38.41 40.32
C GLU D 119 36.35 -37.47 39.13
N ASN D 120 37.35 -37.80 38.31
CA ASN D 120 37.63 -37.00 37.13
C ASN D 120 36.49 -37.07 36.11
N ILE D 121 35.86 -38.24 36.03
CA ILE D 121 34.74 -38.40 35.11
C ILE D 121 33.57 -37.49 35.50
N VAL D 122 33.30 -37.41 36.81
CA VAL D 122 32.20 -36.59 37.27
C VAL D 122 32.54 -35.12 37.04
N ASP D 123 33.80 -34.75 37.28
CA ASP D 123 34.26 -33.39 36.98
C ASP D 123 33.95 -33.04 35.53
N ALA D 124 34.24 -33.96 34.62
CA ALA D 124 33.98 -33.74 33.21
C ALA D 124 32.47 -33.64 32.91
N LEU D 125 31.64 -34.45 33.59
CA LEU D 125 30.21 -34.37 33.42
C LEU D 125 29.66 -33.01 33.88
N ALA D 126 30.13 -32.55 35.04
CA ALA D 126 29.69 -31.28 35.59
C ALA D 126 30.03 -30.10 34.68
N VAL D 127 31.25 -30.08 34.15
CA VAL D 127 31.66 -29.02 33.23
C VAL D 127 30.76 -28.97 32.00
N PHE D 128 30.46 -30.14 31.45
CA PHE D 128 29.63 -30.26 30.27
C PHE D 128 28.22 -29.76 30.57
N LEU D 129 27.68 -30.17 31.72
CA LEU D 129 26.34 -29.74 32.12
C LEU D 129 26.31 -28.23 32.40
N ARG D 130 27.41 -27.70 32.93
CA ARG D 130 27.55 -26.25 33.10
C ARG D 130 27.49 -25.51 31.76
N ARG D 131 28.13 -26.08 30.74
CA ARG D 131 28.12 -25.52 29.39
C ARG D 131 26.69 -25.51 28.87
N LEU D 132 26.01 -26.65 29.00
CA LEU D 132 24.62 -26.76 28.53
C LEU D 132 23.74 -25.70 29.17
N HIS D 133 23.85 -25.56 30.48
CA HIS D 133 23.03 -24.62 31.23
C HIS D 133 23.48 -23.16 31.15
N SER D 134 24.58 -22.91 30.45
CA SER D 134 25.01 -21.53 30.27
C SER D 134 24.47 -20.93 28.97
N ILE D 135 23.80 -21.74 28.16
CA ILE D 135 23.13 -21.21 26.96
C ILE D 135 21.97 -20.31 27.39
N PRO D 136 21.99 -19.04 26.98
CA PRO D 136 20.92 -18.12 27.38
C PRO D 136 19.54 -18.64 26.92
N VAL D 137 18.57 -18.68 27.83
CA VAL D 137 17.29 -19.33 27.53
C VAL D 137 16.55 -18.65 26.39
N CYS D 138 16.88 -17.38 26.16
CA CYS D 138 16.29 -16.58 25.09
C CYS D 138 16.59 -17.15 23.72
N ASN D 139 17.55 -18.06 23.64
CA ASN D 139 17.85 -18.74 22.38
C ASN D 139 17.01 -19.99 22.14
N CYS D 140 16.25 -20.45 23.14
CA CYS D 140 15.62 -21.77 23.04
C CYS D 140 14.11 -21.74 22.73
N PRO D 141 13.69 -22.35 21.61
CA PRO D 141 12.30 -22.31 21.14
C PRO D 141 11.45 -23.45 21.69
N PHE D 142 12.05 -24.27 22.55
CA PHE D 142 11.36 -25.42 23.11
C PHE D 142 11.03 -25.26 24.58
N ASN D 143 9.78 -25.57 24.89
CA ASN D 143 9.26 -25.57 26.25
C ASN D 143 9.25 -26.98 26.86
N SER D 144 10.02 -27.17 27.92
CA SER D 144 9.98 -28.43 28.69
C SER D 144 9.65 -28.17 30.16
N ASP D 145 8.86 -27.14 30.43
CA ASP D 145 8.61 -26.72 31.81
C ASP D 145 7.73 -27.71 32.60
N ARG D 146 7.60 -27.49 33.90
CA ARG D 146 6.96 -28.54 34.70
C ARG D 146 5.46 -28.68 34.43
N VAL D 147 4.82 -27.59 34.06
CA VAL D 147 3.41 -27.63 33.69
C VAL D 147 3.21 -28.58 32.49
N PHE D 148 4.06 -28.43 31.48
CA PHE D 148 4.05 -29.29 30.30
C PHE D 148 4.35 -30.75 30.63
N ARG D 149 5.41 -30.99 31.42
CA ARG D 149 5.80 -32.35 31.78
C ARG D 149 4.78 -33.04 32.72
N LEU D 150 4.19 -32.29 33.64
CA LEU D 150 3.19 -32.85 34.54
C LEU D 150 1.94 -33.31 33.78
N ALA D 151 1.54 -32.55 32.76
CA ALA D 151 0.40 -32.97 31.93
C ALA D 151 0.74 -34.24 31.15
N GLN D 152 1.96 -34.30 30.63
CA GLN D 152 2.43 -35.52 29.98
C GLN D 152 2.42 -36.70 30.96
N ALA D 153 2.88 -36.48 32.19
CA ALA D 153 2.95 -37.57 33.16
C ALA D 153 1.56 -38.03 33.56
N GLN D 154 0.67 -37.07 33.75
CA GLN D 154 -0.70 -37.38 34.12
C GLN D 154 -1.30 -38.28 33.03
N SER D 155 -1.02 -37.92 31.78
CA SER D 155 -1.55 -38.65 30.63
C SER D 155 -1.00 -40.08 30.58
N ARG D 156 0.31 -40.23 30.73
CA ARG D 156 0.94 -41.55 30.77
C ARG D 156 0.38 -42.42 31.90
N MSE D 157 0.17 -41.82 33.07
CA MSE D 157 -0.43 -42.52 34.19
C MSE D 157 -1.83 -42.96 33.81
O MSE D 157 -2.19 -44.12 34.01
CB MSE D 157 -0.49 -41.61 35.42
CG MSE D 157 -1.30 -42.20 36.56
SE MSE D 157 -1.36 -41.08 38.16
CE MSE D 157 -2.29 -39.50 37.45
N ASN D 158 -2.61 -42.05 33.23
CA ASN D 158 -3.99 -42.39 32.84
C ASN D 158 -4.08 -43.45 31.75
N ASN D 159 -3.09 -43.49 30.86
CA ASN D 159 -3.04 -44.49 29.80
C ASN D 159 -2.36 -45.79 30.18
N GLY D 160 -1.94 -45.94 31.43
CA GLY D 160 -1.26 -47.15 31.85
C GLY D 160 0.15 -47.32 31.30
N LEU D 161 0.81 -46.22 30.98
CA LEU D 161 2.11 -46.31 30.34
C LEU D 161 3.25 -46.15 31.32
N VAL D 162 2.93 -45.94 32.60
CA VAL D 162 4.00 -45.75 33.58
C VAL D 162 4.66 -47.09 33.91
N ASP D 163 5.99 -47.14 33.86
CA ASP D 163 6.70 -48.36 34.17
C ASP D 163 6.90 -48.47 35.69
N ALA D 164 5.93 -49.08 36.36
CA ALA D 164 5.93 -49.12 37.81
C ALA D 164 7.04 -50.01 38.35
N SER D 165 7.55 -50.90 37.50
CA SER D 165 8.63 -51.81 37.90
C SER D 165 9.99 -51.12 37.99
N ASP D 166 10.05 -49.90 37.49
CA ASP D 166 11.33 -49.19 37.33
C ASP D 166 11.47 -47.97 38.27
N PHE D 167 10.64 -47.89 39.32
CA PHE D 167 10.77 -46.75 40.22
C PHE D 167 12.09 -46.86 41.00
N ASP D 168 12.63 -45.72 41.41
CA ASP D 168 13.74 -45.73 42.38
C ASP D 168 13.41 -46.52 43.66
N ASP D 169 14.46 -47.02 44.32
CA ASP D 169 14.29 -47.87 45.49
C ASP D 169 13.33 -47.32 46.52
N GLU D 170 13.39 -46.01 46.76
CA GLU D 170 12.56 -45.38 47.79
C GLU D 170 11.07 -45.39 47.42
N ARG D 171 10.74 -45.74 46.19
CA ARG D 171 9.34 -45.78 45.75
C ARG D 171 8.98 -47.17 45.22
N ASN D 172 9.79 -48.16 45.56
CA ASN D 172 9.58 -49.51 45.06
C ASN D 172 8.23 -50.08 45.52
N GLY D 173 7.45 -50.58 44.57
CA GLY D 173 6.15 -51.13 44.89
C GLY D 173 5.07 -50.09 45.08
N TRP D 174 5.39 -48.80 44.97
CA TRP D 174 4.35 -47.78 45.16
C TRP D 174 3.37 -47.84 44.00
N PRO D 175 2.05 -47.71 44.29
CA PRO D 175 1.12 -47.52 43.18
C PRO D 175 1.48 -46.21 42.48
N VAL D 176 1.35 -46.15 41.16
CA VAL D 176 1.64 -44.94 40.40
C VAL D 176 0.93 -43.74 41.02
N GLU D 177 -0.31 -43.96 41.44
CA GLU D 177 -1.16 -42.92 41.99
C GLU D 177 -0.58 -42.30 43.25
N GLN D 178 0.04 -43.13 44.09
CA GLN D 178 0.72 -42.64 45.29
C GLN D 178 1.90 -41.75 44.91
N VAL D 179 2.65 -42.13 43.87
CA VAL D 179 3.78 -41.34 43.44
C VAL D 179 3.25 -39.97 42.97
N TRP D 180 2.13 -39.98 42.27
CA TRP D 180 1.54 -38.76 41.72
C TRP D 180 1.11 -37.80 42.85
N LYS D 181 0.44 -38.33 43.87
CA LYS D 181 -0.07 -37.51 44.96
C LYS D 181 1.05 -36.91 45.81
N GLU D 182 2.03 -37.74 46.15
CA GLU D 182 3.09 -37.30 47.03
C GLU D 182 3.94 -36.24 46.34
N MSE D 183 4.14 -36.41 45.03
CA MSE D 183 4.96 -35.49 44.26
C MSE D 183 4.36 -34.08 44.29
O MSE D 183 5.08 -33.09 44.40
CB MSE D 183 5.11 -35.97 42.81
CG MSE D 183 5.81 -34.99 41.89
SE MSE D 183 6.07 -35.69 40.11
CE MSE D 183 4.18 -35.94 39.61
N HIS D 184 3.03 -34.01 44.20
CA HIS D 184 2.37 -32.71 44.21
C HIS D 184 2.46 -31.99 45.55
N LYS D 185 2.78 -32.72 46.61
CA LYS D 185 3.03 -32.10 47.91
C LYS D 185 4.34 -31.28 47.92
N LEU D 186 5.23 -31.53 46.96
CA LEU D 186 6.46 -30.74 46.87
C LEU D 186 6.27 -29.44 46.10
N LEU D 187 5.07 -29.24 45.57
CA LEU D 187 4.77 -28.05 44.78
C LEU D 187 4.07 -27.01 45.65
N PRO D 188 4.26 -25.72 45.32
CA PRO D 188 5.07 -25.22 44.20
C PRO D 188 6.46 -24.78 44.65
N PHE D 189 7.34 -24.60 43.67
CA PHE D 189 8.63 -23.94 43.89
C PHE D 189 8.90 -23.06 42.68
N SER D 190 9.78 -22.07 42.82
CA SER D 190 10.04 -21.15 41.73
C SER D 190 11.08 -21.76 40.81
N PRO D 191 10.76 -21.88 39.52
CA PRO D 191 11.71 -22.51 38.61
C PRO D 191 12.97 -21.68 38.42
N ASP D 192 14.10 -22.37 38.40
CA ASP D 192 15.36 -21.77 38.03
C ASP D 192 15.68 -22.29 36.63
N SER D 193 15.20 -21.57 35.62
CA SER D 193 15.05 -22.14 34.28
C SER D 193 16.29 -22.02 33.43
N VAL D 194 16.68 -23.13 32.82
CA VAL D 194 17.80 -23.15 31.88
C VAL D 194 17.43 -24.01 30.69
N VAL D 195 18.32 -24.05 29.70
CA VAL D 195 18.21 -25.01 28.63
C VAL D 195 18.59 -26.39 29.18
N THR D 196 17.63 -27.33 29.18
CA THR D 196 17.91 -28.67 29.69
C THR D 196 17.91 -29.74 28.60
N HIS D 197 18.64 -30.80 28.86
CA HIS D 197 18.69 -31.97 27.99
C HIS D 197 17.41 -32.81 28.09
N GLY D 198 16.96 -33.01 29.32
CA GLY D 198 15.74 -33.78 29.59
C GLY D 198 15.90 -35.25 29.94
N ASP D 199 17.03 -35.84 29.55
CA ASP D 199 17.38 -37.20 29.96
C ASP D 199 18.88 -37.28 30.09
N PHE D 200 19.41 -36.50 31.02
CA PHE D 200 20.85 -36.32 31.14
C PHE D 200 21.43 -37.48 31.95
N SER D 201 21.37 -38.69 31.38
CA SER D 201 21.81 -39.85 32.11
C SER D 201 23.19 -40.29 31.61
N LEU D 202 23.78 -41.24 32.33
CA LEU D 202 25.11 -41.72 31.99
C LEU D 202 25.12 -42.44 30.65
N ASP D 203 23.95 -42.89 30.18
CA ASP D 203 23.87 -43.56 28.87
C ASP D 203 23.88 -42.57 27.73
N ASN D 204 23.60 -41.30 28.02
CA ASN D 204 23.39 -40.33 26.96
C ASN D 204 24.54 -39.34 26.74
N LEU D 205 25.67 -39.59 27.40
CA LEU D 205 26.86 -38.76 27.21
C LEU D 205 27.98 -39.66 26.71
N ILE D 206 28.76 -39.16 25.74
CA ILE D 206 29.71 -40.02 25.05
C ILE D 206 31.14 -39.53 25.24
N PHE D 207 32.00 -40.45 25.66
CA PHE D 207 33.44 -40.19 25.86
C PHE D 207 34.26 -40.86 24.78
N ASP D 208 35.28 -40.17 24.27
CA ASP D 208 36.19 -40.79 23.33
C ASP D 208 37.65 -40.43 23.64
N GLU D 209 38.47 -41.45 23.82
CA GLU D 209 39.85 -41.27 24.26
C GLU D 209 39.92 -40.32 25.46
N GLY D 210 39.25 -40.67 26.55
CA GLY D 210 39.38 -39.94 27.79
C GLY D 210 38.58 -38.66 27.96
N LYS D 211 38.07 -38.10 26.87
CA LYS D 211 37.34 -36.83 26.98
C LYS D 211 35.87 -36.95 26.59
N LEU D 212 35.05 -36.10 27.19
CA LEU D 212 33.62 -36.06 26.94
C LEU D 212 33.35 -35.24 25.69
N ILE D 213 32.84 -35.88 24.65
CA ILE D 213 32.78 -35.20 23.36
C ILE D 213 31.38 -34.99 22.81
N GLY D 214 30.35 -35.47 23.51
CA GLY D 214 29.01 -35.24 23.01
C GLY D 214 27.92 -35.83 23.86
N CYS D 215 26.69 -35.43 23.56
CA CYS D 215 25.51 -36.04 24.15
C CYS D 215 24.54 -36.49 23.04
N ILE D 216 23.67 -37.44 23.37
CA ILE D 216 22.73 -38.00 22.41
C ILE D 216 21.32 -38.06 23.01
N ASP D 217 20.35 -38.53 22.23
CA ASP D 217 18.97 -38.70 22.74
CA ASP D 217 18.96 -38.70 22.71
C ASP D 217 18.40 -37.37 23.24
N VAL D 218 18.33 -36.38 22.38
CA VAL D 218 17.96 -35.03 22.81
C VAL D 218 16.49 -34.69 22.61
N GLY D 219 15.64 -35.69 22.39
CA GLY D 219 14.21 -35.48 22.21
C GLY D 219 13.44 -34.69 23.27
N ARG D 220 13.96 -34.61 24.50
CA ARG D 220 13.24 -33.85 25.53
C ARG D 220 13.85 -32.49 25.80
N VAL D 221 14.78 -32.08 24.94
CA VAL D 221 15.46 -30.78 25.13
C VAL D 221 14.44 -29.64 25.20
N GLY D 222 14.65 -28.75 26.16
CA GLY D 222 13.84 -27.55 26.27
C GLY D 222 14.10 -26.80 27.56
N ILE D 223 13.45 -25.63 27.70
CA ILE D 223 13.54 -24.84 28.93
C ILE D 223 12.84 -25.55 30.10
N ALA D 224 13.59 -25.77 31.18
CA ALA D 224 13.04 -26.35 32.40
C ALA D 224 13.96 -25.98 33.56
N ASP D 225 13.57 -26.35 34.77
CA ASP D 225 14.42 -26.10 35.92
C ASP D 225 15.74 -26.88 35.79
N ARG D 226 16.84 -26.27 36.24
CA ARG D 226 18.13 -26.92 36.08
C ARG D 226 18.15 -28.29 36.76
N TYR D 227 17.30 -28.51 37.76
CA TYR D 227 17.34 -29.79 38.48
C TYR D 227 16.77 -30.92 37.65
N GLN D 228 16.12 -30.59 36.53
CA GLN D 228 15.73 -31.65 35.60
C GLN D 228 16.94 -32.48 35.17
N ASP D 229 18.05 -31.81 34.86
CA ASP D 229 19.25 -32.55 34.44
C ASP D 229 20.09 -33.05 35.62
N LEU D 230 20.28 -32.20 36.63
CA LEU D 230 20.99 -32.62 37.83
C LEU D 230 20.40 -33.89 38.45
N ALA D 231 19.07 -33.94 38.58
CA ALA D 231 18.42 -35.07 39.25
C ALA D 231 18.68 -36.37 38.52
N ILE D 232 18.42 -36.38 37.22
CA ILE D 232 18.62 -37.60 36.44
C ILE D 232 20.08 -38.09 36.51
N LEU D 233 21.06 -37.20 36.42
CA LEU D 233 22.46 -37.62 36.49
C LEU D 233 22.86 -38.05 37.91
N TRP D 234 22.42 -37.29 38.90
CA TRP D 234 22.65 -37.62 40.30
C TRP D 234 22.14 -39.04 40.60
N ASN D 235 20.94 -39.33 40.09
CA ASN D 235 20.34 -40.65 40.25
C ASN D 235 21.29 -41.73 39.72
N CYS D 236 21.78 -41.54 38.48
CA CYS D 236 22.70 -42.49 37.83
C CYS D 236 23.98 -42.73 38.63
N LEU D 237 24.53 -41.67 39.23
CA LEU D 237 25.80 -41.78 39.95
C LEU D 237 25.66 -42.60 41.23
N GLY D 238 24.40 -42.82 41.65
CA GLY D 238 24.10 -43.65 42.79
C GLY D 238 24.46 -45.11 42.58
N GLU D 239 24.53 -45.54 41.33
CA GLU D 239 25.03 -46.88 41.05
C GLU D 239 26.54 -46.97 41.34
N PHE D 240 27.16 -45.84 41.67
CA PHE D 240 28.61 -45.80 41.85
C PHE D 240 29.01 -45.44 43.27
N SER D 241 28.61 -44.25 43.72
CA SER D 241 28.75 -43.91 45.14
C SER D 241 28.06 -42.60 45.51
N PRO D 242 27.73 -42.43 46.80
CA PRO D 242 27.14 -41.16 47.24
C PRO D 242 28.16 -40.03 47.17
N SER D 243 29.44 -40.36 47.28
CA SER D 243 30.46 -39.35 47.15
C SER D 243 30.45 -38.74 45.74
N LEU D 244 30.32 -39.59 44.73
CA LEU D 244 30.28 -39.12 43.36
C LEU D 244 28.98 -38.35 43.13
N GLN D 245 27.88 -38.81 43.73
CA GLN D 245 26.62 -38.06 43.67
C GLN D 245 26.77 -36.63 44.21
N LYS D 246 27.37 -36.51 45.39
CA LYS D 246 27.60 -35.20 45.98
C LYS D 246 28.55 -34.38 45.12
N ARG D 247 29.56 -35.05 44.57
CA ARG D 247 30.58 -34.36 43.79
C ARG D 247 30.00 -33.71 42.55
N LEU D 248 28.95 -34.29 41.97
CA LEU D 248 28.28 -33.67 40.83
C LEU D 248 27.83 -32.25 41.15
N PHE D 249 27.08 -32.08 42.24
CA PHE D 249 26.63 -30.76 42.68
C PHE D 249 27.78 -29.82 42.96
N GLN D 250 28.75 -30.27 43.74
CA GLN D 250 29.88 -29.41 44.10
C GLN D 250 30.56 -28.86 42.86
N LYS D 251 30.87 -29.73 41.90
CA LYS D 251 31.62 -29.29 40.75
C LYS D 251 30.76 -28.47 39.81
N TYR D 252 29.47 -28.78 39.77
CA TYR D 252 28.52 -27.99 38.99
C TYR D 252 28.41 -26.57 39.53
N GLY D 253 28.63 -26.42 40.84
CA GLY D 253 28.59 -25.11 41.49
C GLY D 253 27.52 -24.93 42.57
N ILE D 254 26.90 -26.02 43.01
CA ILE D 254 25.86 -25.91 44.02
C ILE D 254 26.33 -26.54 45.32
N ASP D 255 26.53 -25.72 46.35
CA ASP D 255 27.03 -26.18 47.65
C ASP D 255 25.94 -26.75 48.55
N ASN D 256 24.76 -26.17 48.44
CA ASN D 256 23.60 -26.57 49.23
C ASN D 256 22.46 -27.05 48.33
N PRO D 257 22.52 -28.31 47.93
CA PRO D 257 21.55 -28.81 46.95
C PRO D 257 20.12 -28.76 47.48
N ASP D 258 19.23 -28.25 46.65
CA ASP D 258 17.82 -28.13 47.01
C ASP D 258 17.14 -29.50 47.01
N MSE D 259 17.00 -30.09 48.18
CA MSE D 259 16.48 -31.46 48.28
C MSE D 259 15.05 -31.59 47.74
O MSE D 259 14.70 -32.62 47.18
CB MSE D 259 16.56 -31.96 49.71
CG MSE D 259 18.00 -32.08 50.24
SE MSE D 259 19.03 -33.43 49.29
CE MSE D 259 19.70 -32.43 47.78
N ASN D 260 14.25 -30.55 47.88
CA ASN D 260 12.87 -30.59 47.42
C ASN D 260 12.82 -30.64 45.91
N LYS D 261 13.58 -29.78 45.26
CA LYS D 261 13.66 -29.78 43.80
C LYS D 261 14.30 -31.07 43.28
N LEU D 262 15.26 -31.61 44.03
CA LEU D 262 15.85 -32.89 43.62
C LEU D 262 14.78 -33.96 43.67
N GLN D 263 14.10 -34.08 44.81
CA GLN D 263 13.03 -35.07 44.95
C GLN D 263 11.94 -34.90 43.90
N PHE D 264 11.51 -33.67 43.67
CA PHE D 264 10.47 -33.47 42.64
C PHE D 264 10.88 -34.02 41.27
N HIS D 265 12.07 -33.69 40.81
CA HIS D 265 12.51 -34.11 39.49
C HIS D 265 12.77 -35.61 39.39
N LEU D 266 13.27 -36.21 40.48
CA LEU D 266 13.40 -37.67 40.54
C LEU D 266 12.02 -38.33 40.40
N MSE D 267 11.05 -37.77 41.12
CA MSE D 267 9.70 -38.31 41.14
C MSE D 267 9.03 -38.13 39.79
O MSE D 267 8.38 -39.04 39.29
CB MSE D 267 8.86 -37.66 42.23
CG MSE D 267 9.28 -38.12 43.63
SE MSE D 267 8.18 -37.36 45.05
CE MSE D 267 6.83 -38.76 45.19
N LEU D 268 9.21 -36.95 39.22
CA LEU D 268 8.65 -36.66 37.91
C LEU D 268 9.20 -37.63 36.87
N ASP D 269 10.47 -37.99 36.96
CA ASP D 269 11.04 -38.91 35.97
C ASP D 269 10.49 -40.34 36.07
N GLU D 270 9.86 -40.67 37.19
CA GLU D 270 9.19 -41.95 37.37
C GLU D 270 8.12 -42.22 36.31
N PHE D 271 7.54 -41.15 35.76
CA PHE D 271 6.41 -41.27 34.85
C PHE D 271 6.85 -41.42 33.41
N PHE D 272 8.15 -41.36 33.16
CA PHE D 272 8.64 -41.37 31.80
C PHE D 272 9.47 -42.59 31.41
N ASN E 19 -32.70 1.43 -6.86
CA ASN E 19 -31.68 1.24 -7.88
C ASN E 19 -30.61 2.33 -7.86
N LEU E 20 -29.51 2.03 -7.15
CA LEU E 20 -28.34 2.88 -7.21
C LEU E 20 -27.65 2.65 -8.53
N ASP E 21 -27.89 1.46 -9.08
CA ASP E 21 -27.16 0.93 -10.23
C ASP E 21 -26.95 1.93 -11.37
N ALA E 22 -28.03 2.60 -11.77
CA ALA E 22 -27.96 3.55 -12.88
C ALA E 22 -26.99 4.68 -12.55
N ASP E 23 -26.97 5.08 -11.29
CA ASP E 23 -26.03 6.10 -10.84
C ASP E 23 -24.58 5.58 -10.71
N LEU E 24 -24.39 4.26 -10.81
CA LEU E 24 -23.07 3.69 -10.50
C LEU E 24 -22.33 3.08 -11.68
N TYR E 25 -23.04 2.90 -12.79
CA TYR E 25 -22.47 2.36 -14.01
C TYR E 25 -21.17 3.07 -14.39
N GLY E 26 -20.16 2.30 -14.77
CA GLY E 26 -18.95 2.86 -15.34
C GLY E 26 -17.89 3.34 -14.36
N TYR E 27 -18.16 3.22 -13.06
CA TYR E 27 -17.19 3.63 -12.04
C TYR E 27 -16.29 2.50 -11.58
N ARG E 28 -15.05 2.85 -11.23
N ARG E 28 -15.05 2.84 -11.24
CA ARG E 28 -14.18 1.93 -10.51
CA ARG E 28 -14.20 1.92 -10.50
C ARG E 28 -14.34 2.17 -9.01
C ARG E 28 -14.49 2.13 -9.02
N TRP E 29 -14.24 1.09 -8.23
CA TRP E 29 -14.52 1.15 -6.80
C TRP E 29 -13.27 1.00 -5.95
N ALA E 30 -13.16 1.81 -4.91
CA ALA E 30 -12.16 1.57 -3.88
C ALA E 30 -12.80 1.82 -2.52
N ARG E 31 -12.18 1.33 -1.47
CA ARG E 31 -12.67 1.50 -0.12
C ARG E 31 -11.74 2.41 0.66
N ASP E 32 -12.28 3.43 1.33
CA ASP E 32 -11.44 4.40 2.03
C ASP E 32 -11.55 4.35 3.53
N ASN E 33 -10.41 4.20 4.19
CA ASN E 33 -10.38 4.40 5.62
C ASN E 33 -9.82 5.77 5.95
N VAL E 34 -10.71 6.69 6.30
CA VAL E 34 -10.31 8.05 6.67
C VAL E 34 -10.41 8.27 8.19
N GLY E 35 -10.22 7.19 8.95
CA GLY E 35 -10.27 7.25 10.40
C GLY E 35 -11.65 7.59 10.94
N GLN E 36 -12.67 7.42 10.11
CA GLN E 36 -14.04 7.80 10.45
C GLN E 36 -14.65 6.92 11.53
N SER E 37 -15.95 7.11 11.76
CA SER E 37 -16.67 6.32 12.74
C SER E 37 -18.16 6.42 12.48
N GLY E 38 -18.73 5.37 11.90
CA GLY E 38 -17.98 4.23 11.44
C GLY E 38 -18.60 3.69 10.16
N ALA E 39 -18.98 4.60 9.27
CA ALA E 39 -19.60 4.19 8.03
C ALA E 39 -18.55 3.53 7.14
N THR E 40 -18.98 2.63 6.28
CA THR E 40 -18.08 2.15 5.24
C THR E 40 -18.08 3.19 4.14
N ILE E 41 -16.89 3.60 3.69
CA ILE E 41 -16.75 4.61 2.65
C ILE E 41 -16.14 4.07 1.36
N TYR E 42 -16.86 4.22 0.25
CA TYR E 42 -16.35 3.87 -1.06
C TYR E 42 -16.08 5.09 -1.92
N ARG E 43 -14.96 5.06 -2.63
CA ARG E 43 -14.64 6.09 -3.61
C ARG E 43 -14.97 5.51 -4.98
N LEU E 44 -15.75 6.26 -5.76
CA LEU E 44 -16.11 5.82 -7.10
C LEU E 44 -15.39 6.73 -8.10
N TYR E 45 -14.55 6.15 -8.94
CA TYR E 45 -13.66 6.98 -9.74
C TYR E 45 -13.49 6.41 -11.14
N GLY E 46 -12.79 7.16 -12.00
CA GLY E 46 -12.41 6.64 -13.30
C GLY E 46 -13.50 6.56 -14.35
N LYS E 47 -14.60 7.29 -14.16
CA LYS E 47 -15.67 7.29 -15.16
C LYS E 47 -15.56 8.52 -16.06
N PRO E 48 -15.34 8.30 -17.35
CA PRO E 48 -15.22 9.41 -18.30
C PRO E 48 -16.48 10.30 -18.33
N ASN E 49 -16.29 11.60 -18.44
CA ASN E 49 -17.39 12.58 -18.44
C ASN E 49 -18.29 12.49 -17.24
N ALA E 50 -17.74 12.06 -16.10
CA ALA E 50 -18.54 11.95 -14.88
C ALA E 50 -17.71 12.24 -13.63
N PRO E 51 -18.31 12.93 -12.65
CA PRO E 51 -17.52 13.34 -11.48
C PRO E 51 -17.17 12.14 -10.61
N GLU E 52 -16.08 12.26 -9.86
CA GLU E 52 -15.78 11.29 -8.83
C GLU E 52 -16.89 11.36 -7.79
N LEU E 53 -17.28 10.22 -7.24
CA LEU E 53 -18.32 10.20 -6.19
C LEU E 53 -17.81 9.50 -4.93
N PHE E 54 -18.53 9.69 -3.83
CA PHE E 54 -18.34 8.87 -2.63
C PHE E 54 -19.65 8.22 -2.22
N LEU E 55 -19.56 7.01 -1.68
CA LEU E 55 -20.73 6.30 -1.19
C LEU E 55 -20.49 5.86 0.26
N LYS E 56 -21.27 6.40 1.18
CA LYS E 56 -21.21 5.95 2.57
C LYS E 56 -22.30 4.92 2.81
N HIS E 57 -21.95 3.82 3.46
CA HIS E 57 -22.94 2.83 3.86
C HIS E 57 -22.89 2.61 5.37
N GLY E 58 -23.99 2.92 6.05
CA GLY E 58 -24.09 2.69 7.49
C GLY E 58 -25.12 1.63 7.80
N LYS E 59 -24.82 0.79 8.78
CA LYS E 59 -25.80 -0.18 9.27
C LYS E 59 -26.00 -0.04 10.78
N GLY E 60 -27.11 -0.57 11.28
CA GLY E 60 -27.44 -0.42 12.68
C GLY E 60 -27.43 1.05 13.05
N SER E 61 -26.83 1.36 14.20
CA SER E 61 -26.81 2.75 14.67
C SER E 61 -26.08 3.67 13.70
N VAL E 62 -25.15 3.11 12.93
CA VAL E 62 -24.40 3.90 11.95
C VAL E 62 -25.33 4.38 10.82
N ALA E 63 -26.40 3.64 10.55
CA ALA E 63 -27.37 4.11 9.54
C ALA E 63 -27.94 5.47 9.95
N ASN E 64 -28.22 5.62 11.24
CA ASN E 64 -28.68 6.90 11.76
C ASN E 64 -27.65 8.00 11.54
N ASP E 65 -26.39 7.70 11.83
CA ASP E 65 -25.30 8.64 11.59
C ASP E 65 -25.25 9.12 10.14
N VAL E 66 -25.43 8.20 9.21
CA VAL E 66 -25.41 8.54 7.79
C VAL E 66 -26.65 9.32 7.38
N THR E 67 -27.80 8.95 7.94
CA THR E 67 -29.01 9.71 7.75
C THR E 67 -28.80 11.14 8.26
N ASP E 68 -28.26 11.26 9.48
CA ASP E 68 -27.92 12.57 10.03
C ASP E 68 -27.12 13.42 9.04
N GLU E 69 -26.06 12.83 8.46
CA GLU E 69 -25.28 13.59 7.48
C GLU E 69 -26.08 13.99 6.26
N MSE E 70 -26.91 13.07 5.76
CA MSE E 70 -27.70 13.39 4.58
C MSE E 70 -28.57 14.65 4.74
O MSE E 70 -28.58 15.53 3.87
CB MSE E 70 -28.59 12.20 4.18
CG MSE E 70 -29.37 12.44 2.87
SE MSE E 70 -31.08 13.35 3.09
CE MSE E 70 -31.88 12.05 4.25
N VAL E 71 -29.34 14.76 5.83
CA VAL E 71 -30.21 15.92 5.97
C VAL E 71 -29.44 17.21 6.21
N ARG E 72 -28.30 17.10 6.87
CA ARG E 72 -27.45 18.27 7.08
C ARG E 72 -26.78 18.72 5.78
N LEU E 73 -26.38 17.77 4.94
CA LEU E 73 -25.89 18.13 3.61
C LEU E 73 -26.97 18.85 2.86
N ASN E 74 -28.17 18.26 2.90
CA ASN E 74 -29.30 18.78 2.16
C ASN E 74 -29.63 20.19 2.59
N TRP E 75 -29.56 20.44 3.90
CA TRP E 75 -29.90 21.77 4.41
C TRP E 75 -28.81 22.80 4.15
N LEU E 76 -27.59 22.50 4.59
CA LEU E 76 -26.49 23.47 4.60
C LEU E 76 -26.01 23.87 3.20
N THR E 77 -26.27 23.02 2.20
CA THR E 77 -25.71 23.28 0.88
C THR E 77 -26.30 24.54 0.28
N ALA E 78 -27.46 24.95 0.78
CA ALA E 78 -28.05 26.20 0.32
C ALA E 78 -27.20 27.41 0.75
N PHE E 79 -26.27 27.19 1.68
CA PHE E 79 -25.49 28.27 2.25
C PHE E 79 -23.98 28.16 2.04
N MSE E 80 -23.48 26.94 1.89
CA MSE E 80 -22.03 26.72 1.88
C MSE E 80 -21.70 25.72 0.79
O MSE E 80 -22.56 24.93 0.40
CB MSE E 80 -21.56 26.16 3.22
CG MSE E 80 -21.75 27.10 4.39
SE MSE E 80 -20.70 28.70 4.28
CE MSE E 80 -18.93 28.02 4.71
N PRO E 81 -20.44 25.73 0.32
CA PRO E 81 -20.04 24.74 -0.70
C PRO E 81 -19.83 23.36 -0.07
N LEU E 82 -20.69 22.40 -0.41
CA LEU E 82 -20.66 21.06 0.17
C LEU E 82 -20.74 20.00 -0.94
N PRO E 83 -20.41 18.73 -0.62
CA PRO E 83 -20.74 17.68 -1.58
C PRO E 83 -22.24 17.68 -1.89
N THR E 84 -22.60 17.41 -3.14
CA THR E 84 -24.00 17.36 -3.51
CA THR E 84 -24.00 17.36 -3.58
C THR E 84 -24.54 15.94 -3.43
N ILE E 85 -25.77 15.80 -2.95
CA ILE E 85 -26.40 14.50 -2.80
C ILE E 85 -26.93 14.01 -4.14
N LYS E 86 -26.42 12.88 -4.60
CA LYS E 86 -26.94 12.30 -5.83
C LYS E 86 -28.06 11.28 -5.53
N HIS E 87 -27.91 10.52 -4.44
CA HIS E 87 -28.88 9.47 -4.12
C HIS E 87 -28.74 9.09 -2.65
N PHE E 88 -29.86 8.87 -1.98
CA PHE E 88 -29.87 8.37 -0.60
C PHE E 88 -30.99 7.34 -0.41
N ILE E 89 -30.68 6.26 0.30
CA ILE E 89 -31.66 5.20 0.56
C ILE E 89 -31.62 4.82 2.02
N ARG E 90 -32.79 4.75 2.65
N ARG E 90 -32.78 4.71 2.64
CA ARG E 90 -32.89 4.28 4.03
CA ARG E 90 -32.88 4.29 4.02
C ARG E 90 -33.87 3.12 4.08
C ARG E 90 -33.88 3.15 4.17
N THR E 91 -33.40 2.00 4.65
CA THR E 91 -34.25 0.87 4.99
C THR E 91 -34.09 0.75 6.51
N PRO E 92 -34.88 -0.11 7.18
CA PRO E 92 -34.84 -0.02 8.65
C PRO E 92 -33.45 -0.19 9.27
N ASP E 93 -32.57 -0.98 8.67
CA ASP E 93 -31.26 -1.24 9.27
C ASP E 93 -30.08 -0.78 8.42
N ASP E 94 -30.36 -0.02 7.36
CA ASP E 94 -29.30 0.41 6.45
C ASP E 94 -29.50 1.80 5.89
N ALA E 95 -28.40 2.52 5.67
CA ALA E 95 -28.47 3.80 4.97
C ALA E 95 -27.32 3.91 3.98
N TRP E 96 -27.66 4.34 2.77
CA TRP E 96 -26.67 4.54 1.71
C TRP E 96 -26.74 5.98 1.26
N LEU E 97 -25.59 6.64 1.25
CA LEU E 97 -25.49 8.06 0.88
C LEU E 97 -24.43 8.28 -0.21
N LEU E 98 -24.88 8.62 -1.42
CA LEU E 98 -24.01 8.82 -2.57
C LEU E 98 -23.90 10.30 -2.83
N THR E 99 -22.69 10.82 -2.76
CA THR E 99 -22.48 12.26 -2.95
C THR E 99 -21.40 12.48 -4.01
N THR E 100 -21.38 13.67 -4.60
CA THR E 100 -20.32 14.02 -5.54
C THR E 100 -19.12 14.47 -4.71
N ALA E 101 -17.93 14.10 -5.16
CA ALA E 101 -16.70 14.49 -4.50
C ALA E 101 -16.39 15.97 -4.70
N ILE E 102 -15.89 16.62 -3.64
CA ILE E 102 -15.24 17.91 -3.80
C ILE E 102 -13.78 17.64 -4.16
N PRO E 103 -13.31 18.10 -5.33
CA PRO E 103 -11.94 17.81 -5.75
C PRO E 103 -10.89 18.46 -4.85
N GLY E 104 -9.77 17.80 -4.64
CA GLY E 104 -8.65 18.42 -3.94
C GLY E 104 -8.05 17.57 -2.83
N LYS E 105 -7.35 18.24 -1.93
CA LYS E 105 -6.70 17.58 -0.81
C LYS E 105 -7.14 18.24 0.49
N THR E 106 -6.96 17.53 1.60
CA THR E 106 -7.32 18.10 2.90
C THR E 106 -6.38 19.26 3.28
N ALA E 107 -6.90 20.15 4.13
CA ALA E 107 -6.12 21.21 4.72
C ALA E 107 -4.87 20.64 5.36
N PHE E 108 -5.03 19.54 6.09
CA PHE E 108 -3.88 18.88 6.70
C PHE E 108 -2.84 18.61 5.64
N GLN E 109 -3.26 18.00 4.53
CA GLN E 109 -2.28 17.60 3.54
C GLN E 109 -1.56 18.77 2.87
N VAL E 110 -2.29 19.85 2.59
CA VAL E 110 -1.65 21.00 1.96
C VAL E 110 -0.76 21.77 2.93
N LEU E 111 -1.08 21.73 4.20
CA LEU E 111 -0.27 22.38 5.22
C LEU E 111 1.04 21.63 5.32
N GLU E 112 0.97 20.31 5.24
CA GLU E 112 2.18 19.49 5.31
C GLU E 112 2.98 19.60 4.04
N GLU E 113 2.29 19.73 2.90
CA GLU E 113 2.98 19.82 1.62
C GLU E 113 3.54 21.22 1.33
N TYR E 114 2.93 22.26 1.89
CA TYR E 114 3.36 23.63 1.60
C TYR E 114 3.49 24.44 2.89
N PRO E 115 4.54 24.17 3.66
CA PRO E 115 4.76 24.85 4.94
C PRO E 115 4.68 26.37 4.81
N ASP E 116 5.21 26.89 3.71
CA ASP E 116 5.32 28.34 3.53
C ASP E 116 3.98 29.00 3.24
N SER E 117 2.95 28.18 3.05
CA SER E 117 1.62 28.72 2.81
C SER E 117 0.77 28.63 4.07
N GLY E 118 1.38 28.22 5.18
CA GLY E 118 0.70 28.05 6.44
C GLY E 118 -0.19 29.22 6.83
N GLU E 119 0.37 30.42 6.77
CA GLU E 119 -0.36 31.63 7.15
C GLU E 119 -1.58 31.86 6.25
N ASN E 120 -1.40 31.67 4.94
CA ASN E 120 -2.52 31.82 4.02
C ASN E 120 -3.60 30.75 4.25
N ILE E 121 -3.16 29.52 4.50
CA ILE E 121 -4.11 28.44 4.78
C ILE E 121 -4.96 28.73 6.02
N VAL E 122 -4.30 29.12 7.11
CA VAL E 122 -5.00 29.46 8.33
C VAL E 122 -5.97 30.64 8.12
N ASP E 123 -5.52 31.67 7.41
CA ASP E 123 -6.37 32.81 7.11
C ASP E 123 -7.63 32.37 6.36
N ALA E 124 -7.45 31.48 5.39
CA ALA E 124 -8.58 30.98 4.62
C ALA E 124 -9.54 30.17 5.49
N LEU E 125 -8.98 29.35 6.37
CA LEU E 125 -9.77 28.53 7.28
C LEU E 125 -10.63 29.41 8.17
N ALA E 126 -10.03 30.46 8.70
CA ALA E 126 -10.73 31.36 9.61
C ALA E 126 -11.86 32.08 8.89
N VAL E 127 -11.58 32.55 7.67
CA VAL E 127 -12.56 33.30 6.88
C VAL E 127 -13.75 32.41 6.58
N PHE E 128 -13.45 31.19 6.14
CA PHE E 128 -14.46 30.18 5.87
C PHE E 128 -15.32 29.86 7.09
N LEU E 129 -14.68 29.71 8.25
CA LEU E 129 -15.40 29.40 9.48
C LEU E 129 -16.31 30.56 9.84
N ARG E 130 -15.81 31.78 9.67
CA ARG E 130 -16.61 32.97 9.86
C ARG E 130 -17.84 32.97 8.96
N ARG E 131 -17.66 32.55 7.70
CA ARG E 131 -18.77 32.44 6.76
C ARG E 131 -19.85 31.51 7.31
N LEU E 132 -19.43 30.33 7.73
CA LEU E 132 -20.36 29.34 8.29
C LEU E 132 -21.10 29.91 9.49
N HIS E 133 -20.32 30.54 10.38
CA HIS E 133 -20.88 31.05 11.61
C HIS E 133 -21.77 32.27 11.42
N SER E 134 -21.68 32.91 10.26
CA SER E 134 -22.53 34.07 10.00
C SER E 134 -23.92 33.70 9.46
N ILE E 135 -24.15 32.41 9.21
CA ILE E 135 -25.49 32.02 8.78
C ILE E 135 -26.46 32.31 9.94
N PRO E 136 -27.45 33.19 9.72
CA PRO E 136 -28.37 33.50 10.82
C PRO E 136 -29.01 32.22 11.36
N VAL E 137 -29.03 32.07 12.69
CA VAL E 137 -29.45 30.80 13.29
C VAL E 137 -30.94 30.51 13.03
N CYS E 138 -31.70 31.54 12.67
CA CYS E 138 -33.11 31.35 12.37
C CYS E 138 -33.31 30.42 11.17
N ASN E 139 -32.25 30.18 10.41
CA ASN E 139 -32.31 29.31 9.24
C ASN E 139 -32.11 27.83 9.59
N CYS E 140 -31.59 27.57 10.79
CA CYS E 140 -31.06 26.24 11.10
C CYS E 140 -32.02 25.38 11.91
N PRO E 141 -32.41 24.22 11.38
CA PRO E 141 -33.37 23.38 12.12
C PRO E 141 -32.69 22.33 13.00
N PHE E 142 -31.37 22.40 13.14
CA PHE E 142 -30.66 21.38 13.90
C PHE E 142 -30.12 21.92 15.23
N ASN E 143 -30.27 21.12 16.26
CA ASN E 143 -29.67 21.41 17.56
C ASN E 143 -28.44 20.52 17.79
N SER E 144 -27.29 21.16 17.93
CA SER E 144 -26.04 20.47 18.29
C SER E 144 -25.42 21.04 19.56
N ASP E 145 -26.24 21.58 20.45
CA ASP E 145 -25.71 22.33 21.60
C ASP E 145 -25.05 21.43 22.66
N ARG E 146 -24.49 22.05 23.69
CA ARG E 146 -23.63 21.30 24.61
C ARG E 146 -24.42 20.27 25.41
N VAL E 147 -25.65 20.63 25.76
CA VAL E 147 -26.53 19.74 26.49
C VAL E 147 -26.79 18.46 25.69
N PHE E 148 -27.11 18.63 24.41
CA PHE E 148 -27.28 17.52 23.48
C PHE E 148 -26.01 16.66 23.37
N ARG E 149 -24.85 17.30 23.18
CA ARG E 149 -23.59 16.57 22.98
C ARG E 149 -23.16 15.85 24.26
N LEU E 150 -23.34 16.51 25.40
CA LEU E 150 -22.97 15.89 26.67
C LEU E 150 -23.77 14.59 26.89
N ALA E 151 -25.04 14.59 26.49
CA ALA E 151 -25.84 13.39 26.62
C ALA E 151 -25.28 12.28 25.71
N GLN E 152 -24.95 12.66 24.48
CA GLN E 152 -24.28 11.72 23.56
C GLN E 152 -22.99 11.19 24.18
N ALA E 153 -22.17 12.10 24.70
CA ALA E 153 -20.89 11.69 25.27
C ALA E 153 -21.10 10.74 26.45
N GLN E 154 -22.11 11.02 27.26
CA GLN E 154 -22.37 10.19 28.43
C GLN E 154 -22.79 8.78 28.04
N SER E 155 -23.54 8.68 26.94
CA SER E 155 -23.93 7.38 26.41
C SER E 155 -22.72 6.60 25.86
N ARG E 156 -21.87 7.27 25.10
CA ARG E 156 -20.67 6.63 24.54
C ARG E 156 -19.67 6.20 25.61
N MSE E 157 -19.66 6.89 26.75
CA MSE E 157 -18.79 6.49 27.87
C MSE E 157 -19.37 5.28 28.57
O MSE E 157 -18.67 4.33 28.89
CB MSE E 157 -18.62 7.64 28.86
CG MSE E 157 -18.03 7.21 30.20
SE MSE E 157 -17.78 8.68 31.44
CE MSE E 157 -19.65 9.18 31.68
N ASN E 158 -20.68 5.31 28.82
CA ASN E 158 -21.32 4.24 29.56
C ASN E 158 -21.50 2.98 28.72
N ASN E 159 -21.31 3.11 27.40
CA ASN E 159 -21.30 1.95 26.51
C ASN E 159 -19.89 1.51 26.08
N GLY E 160 -18.87 1.99 26.78
CA GLY E 160 -17.50 1.56 26.55
C GLY E 160 -16.90 2.00 25.23
N LEU E 161 -17.62 2.86 24.50
CA LEU E 161 -17.23 3.20 23.14
C LEU E 161 -16.20 4.33 23.04
N VAL E 162 -15.74 4.87 24.15
CA VAL E 162 -14.81 6.00 24.09
C VAL E 162 -13.38 5.56 23.81
N ASP E 163 -12.79 6.11 22.76
CA ASP E 163 -11.42 5.76 22.36
C ASP E 163 -10.38 6.38 23.28
N ALA E 164 -10.17 5.76 24.44
CA ALA E 164 -9.27 6.29 25.46
C ALA E 164 -7.83 6.52 25.00
N SER E 165 -7.42 5.82 23.95
CA SER E 165 -6.05 5.93 23.45
C SER E 165 -5.82 7.20 22.63
N ASP E 166 -6.90 7.86 22.23
CA ASP E 166 -6.80 8.98 21.29
C ASP E 166 -6.99 10.33 21.97
N PHE E 167 -6.84 10.37 23.29
CA PHE E 167 -6.96 11.65 24.00
C PHE E 167 -5.78 12.53 23.64
N ASP E 168 -5.97 13.84 23.77
CA ASP E 168 -4.87 14.78 23.58
C ASP E 168 -3.79 14.50 24.63
N ASP E 169 -2.59 15.00 24.37
CA ASP E 169 -1.45 14.73 25.26
C ASP E 169 -1.72 15.12 26.71
N GLU E 170 -2.36 16.27 26.96
CA GLU E 170 -2.63 16.70 28.33
C GLU E 170 -3.56 15.76 29.09
N ARG E 171 -4.18 14.82 28.38
CA ARG E 171 -5.06 13.85 29.01
C ARG E 171 -4.62 12.42 28.73
N ASN E 172 -3.38 12.29 28.27
CA ASN E 172 -2.80 10.99 27.94
C ASN E 172 -2.92 10.02 29.10
N GLY E 173 -3.48 8.85 28.84
CA GLY E 173 -3.61 7.82 29.86
C GLY E 173 -4.62 8.07 30.96
N TRP E 174 -5.33 9.20 30.89
CA TRP E 174 -6.41 9.44 31.84
C TRP E 174 -7.48 8.38 31.64
N PRO E 175 -8.16 8.00 32.73
CA PRO E 175 -9.38 7.18 32.63
C PRO E 175 -10.51 8.02 32.03
N VAL E 176 -11.36 7.42 31.20
CA VAL E 176 -12.48 8.13 30.58
C VAL E 176 -13.31 8.88 31.63
N GLU E 177 -13.58 8.20 32.74
CA GLU E 177 -14.29 8.79 33.87
C GLU E 177 -13.65 10.07 34.39
N GLN E 178 -12.33 10.13 34.39
CA GLN E 178 -11.64 11.32 34.89
C GLN E 178 -11.88 12.50 33.95
N VAL E 179 -11.80 12.25 32.65
CA VAL E 179 -12.11 13.28 31.66
C VAL E 179 -13.53 13.79 31.88
N TRP E 180 -14.47 12.87 32.07
CA TRP E 180 -15.88 13.21 32.28
C TRP E 180 -16.06 14.09 33.52
N LYS E 181 -15.36 13.74 34.59
CA LYS E 181 -15.47 14.45 35.85
C LYS E 181 -14.87 15.85 35.81
N GLU E 182 -13.67 15.96 35.25
CA GLU E 182 -12.97 17.25 35.21
C GLU E 182 -13.63 18.20 34.22
N MSE E 183 -14.17 17.65 33.15
CA MSE E 183 -14.87 18.46 32.17
C MSE E 183 -16.04 19.23 32.82
O MSE E 183 -16.28 20.40 32.51
CB MSE E 183 -15.37 17.62 31.00
CG MSE E 183 -16.08 18.43 29.91
SE MSE E 183 -16.60 17.31 28.40
CE MSE E 183 -17.59 15.98 29.38
N HIS E 184 -16.75 18.59 33.74
CA HIS E 184 -17.92 19.20 34.37
C HIS E 184 -17.59 20.33 35.34
N LYS E 185 -16.33 20.40 35.77
CA LYS E 185 -15.84 21.51 36.57
C LYS E 185 -15.80 22.84 35.80
N LEU E 186 -15.79 22.74 34.46
CA LEU E 186 -15.65 23.92 33.61
C LEU E 186 -17.00 24.59 33.32
N LEU E 187 -18.07 23.89 33.67
CA LEU E 187 -19.43 24.40 33.52
C LEU E 187 -19.82 25.21 34.75
N PRO E 188 -20.69 26.22 34.57
CA PRO E 188 -21.22 26.61 33.25
C PRO E 188 -20.42 27.77 32.66
N PHE E 189 -20.75 28.13 31.42
CA PHE E 189 -20.20 29.31 30.78
C PHE E 189 -21.30 29.94 29.95
N SER E 190 -21.07 31.17 29.49
CA SER E 190 -22.11 31.97 28.84
C SER E 190 -22.68 31.30 27.59
N PRO E 191 -24.01 31.45 27.39
CA PRO E 191 -24.65 30.92 26.17
C PRO E 191 -24.11 31.59 24.90
N ASP E 192 -23.84 30.79 23.88
CA ASP E 192 -23.49 31.31 22.56
C ASP E 192 -24.05 30.39 21.48
N SER E 193 -24.71 30.95 20.48
CA SER E 193 -25.34 30.08 19.49
C SER E 193 -25.05 30.56 18.09
N VAL E 194 -24.36 29.72 17.33
CA VAL E 194 -24.10 29.99 15.92
C VAL E 194 -24.27 28.66 15.20
N VAL E 195 -24.42 28.72 13.89
CA VAL E 195 -24.42 27.51 13.08
C VAL E 195 -23.01 26.92 13.01
N THR E 196 -22.83 25.71 13.52
CA THR E 196 -21.51 25.06 13.57
C THR E 196 -21.39 23.82 12.70
N HIS E 197 -20.16 23.48 12.32
CA HIS E 197 -19.86 22.26 11.60
C HIS E 197 -19.89 21.01 12.50
N GLY E 198 -19.25 21.10 13.67
CA GLY E 198 -19.22 19.98 14.60
C GLY E 198 -17.97 19.10 14.61
N ASP E 199 -17.27 19.05 13.48
CA ASP E 199 -15.96 18.40 13.42
C ASP E 199 -15.07 19.18 12.46
N PHE E 200 -14.81 20.43 12.82
CA PHE E 200 -14.13 21.35 11.93
C PHE E 200 -12.62 21.13 12.05
N SER E 201 -12.16 19.99 11.57
CA SER E 201 -10.74 19.62 11.66
C SER E 201 -10.03 19.84 10.34
N LEU E 202 -8.71 19.62 10.32
CA LEU E 202 -7.95 19.83 9.11
C LEU E 202 -8.23 18.74 8.09
N ASP E 203 -8.88 17.65 8.52
CA ASP E 203 -9.20 16.56 7.60
C ASP E 203 -10.49 16.81 6.83
N ASN E 204 -11.26 17.79 7.28
CA ASN E 204 -12.61 18.02 6.76
C ASN E 204 -12.79 19.28 5.91
N LEU E 205 -11.70 20.00 5.68
CA LEU E 205 -11.78 21.13 4.79
C LEU E 205 -10.91 20.81 3.60
N ILE E 206 -11.43 21.08 2.39
CA ILE E 206 -10.78 20.62 1.16
C ILE E 206 -10.27 21.81 0.35
N PHE E 207 -8.99 21.73 -0.02
CA PHE E 207 -8.34 22.75 -0.84
C PHE E 207 -8.11 22.21 -2.25
N ASP E 208 -8.36 23.03 -3.25
CA ASP E 208 -8.07 22.65 -4.63
C ASP E 208 -7.36 23.78 -5.34
N GLU E 209 -6.24 23.45 -5.98
CA GLU E 209 -5.36 24.43 -6.63
C GLU E 209 -5.23 25.78 -5.91
N GLY E 210 -4.85 25.72 -4.63
CA GLY E 210 -4.55 26.93 -3.88
C GLY E 210 -5.68 27.52 -3.06
N LYS E 211 -6.91 27.13 -3.34
CA LYS E 211 -8.05 27.76 -2.67
C LYS E 211 -8.85 26.76 -1.83
N LEU E 212 -9.41 27.25 -0.73
CA LEU E 212 -10.33 26.47 0.07
C LEU E 212 -11.69 26.45 -0.61
N ILE E 213 -12.14 25.29 -1.03
CA ILE E 213 -13.36 25.22 -1.84
C ILE E 213 -14.56 24.52 -1.20
N GLY E 214 -14.41 23.95 -0.01
CA GLY E 214 -15.55 23.30 0.63
C GLY E 214 -15.22 22.51 1.88
N CYS E 215 -16.26 22.06 2.58
CA CYS E 215 -16.08 21.22 3.76
C CYS E 215 -16.87 19.93 3.61
N ILE E 216 -16.49 18.90 4.38
CA ILE E 216 -17.14 17.60 4.31
C ILE E 216 -17.47 17.10 5.71
N ASP E 217 -18.11 15.93 5.80
N ASP E 217 -18.05 15.90 5.76
CA ASP E 217 -18.34 15.28 7.11
CA ASP E 217 -18.45 15.24 7.01
C ASP E 217 -19.24 16.16 7.98
C ASP E 217 -19.23 16.16 7.92
N VAL E 218 -20.44 16.47 7.49
CA VAL E 218 -21.30 17.43 8.15
C VAL E 218 -22.38 16.82 9.08
N GLY E 219 -22.20 15.56 9.46
CA GLY E 219 -23.13 14.86 10.32
C GLY E 219 -23.46 15.54 11.65
N ARG E 220 -22.58 16.41 12.13
CA ARG E 220 -22.84 17.07 13.41
C ARG E 220 -23.25 18.53 13.28
N VAL E 221 -23.54 18.97 12.06
CA VAL E 221 -23.95 20.35 11.84
C VAL E 221 -25.16 20.68 12.71
N GLY E 222 -25.13 21.86 13.31
CA GLY E 222 -26.23 22.34 14.12
C GLY E 222 -25.86 23.57 14.91
N ILE E 223 -26.84 24.12 15.62
CA ILE E 223 -26.58 25.28 16.44
C ILE E 223 -25.78 24.87 17.68
N ALA E 224 -24.69 25.57 17.93
CA ALA E 224 -23.86 25.31 19.10
C ALA E 224 -22.97 26.52 19.40
N ASP E 225 -22.13 26.40 20.43
CA ASP E 225 -21.14 27.43 20.70
C ASP E 225 -20.11 27.44 19.58
N ARG E 226 -19.71 28.64 19.14
CA ARG E 226 -18.70 28.76 18.08
C ARG E 226 -17.39 28.02 18.44
N TYR E 227 -17.12 27.89 19.72
CA TYR E 227 -15.91 27.19 20.16
C TYR E 227 -15.93 25.70 19.87
N GLN E 228 -17.10 25.14 19.58
CA GLN E 228 -17.16 23.77 19.09
C GLN E 228 -16.25 23.62 17.87
N ASP E 229 -16.27 24.63 17.00
CA ASP E 229 -15.46 24.60 15.79
C ASP E 229 -14.06 25.17 16.02
N LEU E 230 -13.97 26.30 16.71
CA LEU E 230 -12.66 26.91 16.97
C LEU E 230 -11.75 25.97 17.76
N ALA E 231 -12.32 25.29 18.75
CA ALA E 231 -11.48 24.39 19.57
C ALA E 231 -10.86 23.24 18.79
N ILE E 232 -11.67 22.55 17.98
CA ILE E 232 -11.19 21.42 17.22
C ILE E 232 -10.11 21.83 16.21
N LEU E 233 -10.34 22.95 15.52
CA LEU E 233 -9.36 23.43 14.56
C LEU E 233 -8.08 23.91 15.24
N TRP E 234 -8.23 24.68 16.31
CA TRP E 234 -7.10 25.13 17.14
C TRP E 234 -6.23 23.95 17.60
N ASN E 235 -6.88 22.90 18.11
CA ASN E 235 -6.16 21.70 18.51
C ASN E 235 -5.34 21.15 17.34
N CYS E 236 -5.94 21.12 16.16
CA CYS E 236 -5.26 20.59 14.97
C CYS E 236 -4.04 21.42 14.63
N LEU E 237 -4.18 22.73 14.72
CA LEU E 237 -3.07 23.62 14.39
C LEU E 237 -1.90 23.47 15.38
N GLY E 238 -2.19 22.92 16.55
CA GLY E 238 -1.16 22.68 17.54
C GLY E 238 -0.09 21.70 17.08
N GLU E 239 -0.40 20.94 16.04
CA GLU E 239 0.58 20.03 15.47
C GLU E 239 1.52 20.81 14.56
N PHE E 240 1.21 22.08 14.31
CA PHE E 240 2.07 22.88 13.44
C PHE E 240 2.89 23.97 14.16
N SER E 241 2.23 24.87 14.90
CA SER E 241 2.93 25.90 15.68
C SER E 241 1.95 26.73 16.52
N PRO E 242 2.43 27.26 17.64
CA PRO E 242 1.55 28.12 18.46
C PRO E 242 1.15 29.39 17.71
N SER E 243 2.00 29.85 16.78
CA SER E 243 1.68 31.08 16.05
C SER E 243 0.53 30.87 15.04
N LEU E 244 0.44 29.69 14.42
CA LEU E 244 -0.71 29.43 13.55
C LEU E 244 -1.97 29.29 14.41
N GLN E 245 -1.83 28.68 15.58
CA GLN E 245 -2.95 28.58 16.51
C GLN E 245 -3.44 29.98 16.87
N LYS E 246 -2.51 30.88 17.17
CA LYS E 246 -2.87 32.23 17.57
C LYS E 246 -3.54 32.96 16.42
N ARG E 247 -3.03 32.74 15.22
CA ARG E 247 -3.51 33.47 14.06
C ARG E 247 -4.95 33.09 13.70
N LEU E 248 -5.34 31.85 13.99
CA LEU E 248 -6.72 31.42 13.75
C LEU E 248 -7.68 32.38 14.48
N PHE E 249 -7.45 32.58 15.78
CA PHE E 249 -8.30 33.47 16.56
C PHE E 249 -8.23 34.93 16.08
N GLN E 250 -7.00 35.40 15.83
CA GLN E 250 -6.79 36.77 15.35
C GLN E 250 -7.52 37.06 14.04
N LYS E 251 -7.37 36.18 13.05
CA LYS E 251 -8.08 36.38 11.78
C LYS E 251 -9.60 36.27 12.00
N TYR E 252 -10.02 35.38 12.89
CA TYR E 252 -11.46 35.21 13.14
C TYR E 252 -12.04 36.43 13.85
N GLY E 253 -11.22 37.11 14.64
CA GLY E 253 -11.63 38.35 15.29
C GLY E 253 -11.69 38.30 16.81
N ILE E 254 -11.21 37.23 17.42
CA ILE E 254 -11.24 37.11 18.88
C ILE E 254 -9.92 37.56 19.50
N ASP E 255 -10.02 38.46 20.49
CA ASP E 255 -8.86 39.08 21.11
C ASP E 255 -8.29 38.24 22.23
N ASN E 256 -9.16 37.64 23.02
CA ASN E 256 -8.74 36.88 24.19
C ASN E 256 -9.43 35.54 24.12
N PRO E 257 -8.74 34.53 23.61
CA PRO E 257 -9.43 33.25 23.43
C PRO E 257 -9.89 32.72 24.80
N ASP E 258 -11.15 32.29 24.84
CA ASP E 258 -11.76 31.79 26.07
C ASP E 258 -11.23 30.39 26.34
N MSE E 259 -10.17 30.34 27.17
CA MSE E 259 -9.47 29.09 27.48
C MSE E 259 -10.37 28.06 28.16
O MSE E 259 -10.23 26.86 27.93
CB MSE E 259 -8.24 29.37 28.37
CG MSE E 259 -7.22 30.30 27.72
SE MSE E 259 -6.75 29.78 25.92
CE MSE E 259 -6.03 28.00 26.33
N ASN E 260 -11.31 28.53 28.97
CA ASN E 260 -12.27 27.63 29.59
C ASN E 260 -13.18 26.95 28.57
N LYS E 261 -13.71 27.73 27.64
CA LYS E 261 -14.54 27.21 26.57
C LYS E 261 -13.73 26.34 25.62
N LEU E 262 -12.50 26.75 25.34
CA LEU E 262 -11.63 25.99 24.45
C LEU E 262 -11.41 24.62 25.05
N GLN E 263 -10.99 24.61 26.31
CA GLN E 263 -10.74 23.38 27.05
C GLN E 263 -11.99 22.49 27.12
N PHE E 264 -13.15 23.10 27.36
CA PHE E 264 -14.36 22.31 27.47
C PHE E 264 -14.66 21.54 26.20
N HIS E 265 -14.49 22.21 25.07
CA HIS E 265 -14.83 21.62 23.78
C HIS E 265 -13.81 20.59 23.34
N LEU E 266 -12.55 20.81 23.69
CA LEU E 266 -11.53 19.80 23.46
C LEU E 266 -11.80 18.53 24.27
N MSE E 267 -12.14 18.69 25.54
CA MSE E 267 -12.46 17.53 26.36
C MSE E 267 -13.75 16.84 25.88
O MSE E 267 -13.88 15.62 25.95
CB MSE E 267 -12.58 17.91 27.82
CG MSE E 267 -11.27 18.41 28.41
SE MSE E 267 -11.53 19.01 30.23
CE MSE E 267 -11.49 17.27 31.10
N LEU E 268 -14.68 17.64 25.38
CA LEU E 268 -15.94 17.08 24.89
C LEU E 268 -15.69 16.22 23.66
N ASP E 269 -14.78 16.68 22.80
CA ASP E 269 -14.46 15.91 21.60
C ASP E 269 -13.73 14.60 21.91
N GLU E 270 -13.12 14.50 23.10
CA GLU E 270 -12.48 13.25 23.52
C GLU E 270 -13.43 12.05 23.45
N PHE E 271 -14.71 12.30 23.70
CA PHE E 271 -15.71 11.23 23.81
C PHE E 271 -16.26 10.75 22.47
N PHE E 272 -15.82 11.35 21.36
CA PHE E 272 -16.41 11.02 20.06
C PHE E 272 -15.41 10.44 19.07
N MSE F 2 -2.00 7.39 15.58
CA MSE F 2 -1.80 8.57 14.75
C MSE F 2 -3.10 9.08 14.14
O MSE F 2 -4.10 8.35 14.07
CB MSE F 2 -0.78 8.31 13.65
CG MSE F 2 -1.03 7.03 12.87
SE MSE F 2 -0.06 7.00 11.17
CE MSE F 2 1.51 8.04 11.70
N SER F 3 -3.08 10.33 13.68
CA SER F 3 -4.27 10.96 13.10
C SER F 3 -4.08 11.20 11.60
N HIS F 4 -5.08 11.80 10.97
CA HIS F 4 -5.01 12.20 9.56
C HIS F 4 -4.76 11.01 8.63
N ILE F 5 -5.27 9.86 9.04
CA ILE F 5 -5.17 8.60 8.31
C ILE F 5 -5.92 8.61 6.97
N GLN F 6 -5.21 8.24 5.90
CA GLN F 6 -5.82 8.06 4.58
C GLN F 6 -5.36 6.73 4.00
N ARG F 7 -6.21 5.70 4.08
CA ARG F 7 -5.83 4.36 3.63
CA ARG F 7 -5.83 4.36 3.62
C ARG F 7 -6.84 3.81 2.62
N GLU F 8 -6.35 3.46 1.43
CA GLU F 8 -7.23 2.99 0.36
C GLU F 8 -6.89 1.58 -0.12
N THR F 9 -7.93 0.75 -0.18
CA THR F 9 -7.81 -0.61 -0.68
C THR F 9 -8.76 -0.82 -1.85
N SER F 10 -8.35 -1.62 -2.81
CA SER F 10 -9.26 -1.98 -3.90
C SER F 10 -10.36 -2.88 -3.33
N CYS F 11 -11.56 -2.79 -3.87
CA CYS F 11 -12.65 -3.65 -3.44
C CYS F 11 -13.54 -4.00 -4.62
N SER F 12 -14.29 -5.10 -4.50
CA SER F 12 -15.31 -5.40 -5.49
C SER F 12 -16.52 -4.57 -5.12
N ARG F 13 -17.38 -4.28 -6.09
CA ARG F 13 -18.59 -3.52 -5.85
C ARG F 13 -19.42 -4.22 -4.78
N PRO F 14 -19.83 -3.47 -3.74
CA PRO F 14 -20.59 -4.05 -2.64
C PRO F 14 -21.90 -4.62 -3.13
N ARG F 15 -22.35 -5.69 -2.47
CA ARG F 15 -23.69 -6.22 -2.67
C ARG F 15 -24.68 -5.18 -2.18
N LEU F 16 -25.44 -4.61 -3.10
CA LEU F 16 -26.46 -3.64 -2.72
C LEU F 16 -27.64 -4.33 -2.04
N ALA F 22 -37.37 -2.20 -3.26
CA ALA F 22 -38.80 -1.94 -3.34
C ALA F 22 -39.59 -3.18 -3.79
N ASP F 23 -40.01 -3.96 -2.81
CA ASP F 23 -40.78 -5.17 -3.06
C ASP F 23 -42.19 -5.04 -2.48
N LEU F 24 -42.75 -3.84 -2.59
CA LEU F 24 -44.09 -3.56 -2.09
C LEU F 24 -45.18 -3.92 -3.08
N TYR F 25 -44.99 -5.05 -3.78
CA TYR F 25 -45.93 -5.45 -4.82
C TYR F 25 -47.03 -6.30 -4.21
N GLY F 26 -48.26 -6.06 -4.65
CA GLY F 26 -49.40 -6.79 -4.12
C GLY F 26 -50.47 -5.91 -3.49
N TYR F 27 -50.16 -4.65 -3.29
CA TYR F 27 -51.11 -3.73 -2.63
C TYR F 27 -52.10 -3.07 -3.59
N ARG F 28 -53.18 -2.54 -3.04
CA ARG F 28 -54.09 -1.68 -3.79
C ARG F 28 -53.69 -0.24 -3.55
N TRP F 29 -53.90 0.62 -4.54
CA TRP F 29 -53.41 2.00 -4.46
C TRP F 29 -54.54 3.04 -4.45
N ALA F 30 -54.38 4.08 -3.62
CA ALA F 30 -55.41 5.10 -3.47
C ALA F 30 -54.84 6.45 -3.02
N ARG F 31 -55.33 7.53 -3.63
CA ARG F 31 -54.89 8.86 -3.24
C ARG F 31 -55.46 9.22 -1.87
N ASP F 32 -54.69 9.98 -1.08
CA ASP F 32 -55.14 10.35 0.25
C ASP F 32 -55.42 11.85 0.41
N ASN F 33 -54.52 12.70 -0.06
CA ASN F 33 -54.73 14.14 0.04
C ASN F 33 -55.12 14.76 -1.30
N VAL F 34 -56.19 14.23 -1.87
CA VAL F 34 -56.65 14.56 -3.23
C VAL F 34 -56.48 16.02 -3.67
N GLY F 35 -57.01 16.97 -2.89
CA GLY F 35 -56.90 18.37 -3.24
C GLY F 35 -55.92 19.18 -2.41
N GLN F 36 -55.28 18.53 -1.45
CA GLN F 36 -54.40 19.23 -0.49
C GLN F 36 -53.00 19.50 -1.02
N SER F 37 -52.39 20.57 -0.49
CA SER F 37 -51.03 20.94 -0.85
C SER F 37 -50.04 19.97 -0.21
N GLY F 38 -48.78 20.08 -0.62
CA GLY F 38 -47.74 19.23 -0.08
C GLY F 38 -47.50 17.96 -0.89
N ALA F 39 -47.03 16.93 -0.21
CA ALA F 39 -46.68 15.67 -0.85
C ALA F 39 -47.90 14.93 -1.35
N THR F 40 -47.74 14.23 -2.47
CA THR F 40 -48.72 13.27 -2.92
C THR F 40 -48.71 12.10 -1.95
N ILE F 41 -49.88 11.70 -1.46
CA ILE F 41 -49.96 10.59 -0.53
C ILE F 41 -50.74 9.41 -1.11
N TYR F 42 -50.15 8.23 -1.10
CA TYR F 42 -50.83 7.01 -1.53
C TYR F 42 -51.04 6.08 -0.35
N ARG F 43 -52.22 5.46 -0.29
CA ARG F 43 -52.49 4.41 0.67
C ARG F 43 -52.37 3.05 -0.01
N LEU F 44 -51.59 2.18 0.60
CA LEU F 44 -51.40 0.82 0.09
C LEU F 44 -52.08 -0.14 1.05
N TYR F 45 -53.22 -0.67 0.62
CA TYR F 45 -54.04 -1.52 1.47
C TYR F 45 -54.35 -2.83 0.76
N GLY F 46 -55.17 -3.65 1.39
CA GLY F 46 -55.70 -4.85 0.76
C GLY F 46 -54.66 -5.82 0.26
N LYS F 47 -53.58 -5.98 1.01
CA LYS F 47 -52.62 -7.03 0.72
C LYS F 47 -52.64 -8.04 1.84
N PRO F 48 -52.94 -9.30 1.50
CA PRO F 48 -53.12 -10.37 2.48
C PRO F 48 -51.85 -10.58 3.29
N ASN F 49 -52.03 -10.92 4.56
CA ASN F 49 -50.91 -11.19 5.47
C ASN F 49 -49.98 -9.99 5.64
N ALA F 50 -50.47 -8.80 5.27
CA ALA F 50 -49.63 -7.60 5.27
C ALA F 50 -50.36 -6.34 5.75
N PRO F 51 -49.66 -5.50 6.53
CA PRO F 51 -50.25 -4.27 7.06
C PRO F 51 -50.40 -3.17 6.01
N GLU F 52 -51.39 -2.30 6.23
CA GLU F 52 -51.60 -1.14 5.37
C GLU F 52 -50.37 -0.21 5.39
N LEU F 53 -50.04 0.37 4.24
CA LEU F 53 -48.91 1.29 4.15
C LEU F 53 -49.29 2.63 3.53
N PHE F 54 -48.49 3.66 3.81
CA PHE F 54 -48.64 4.94 3.17
C PHE F 54 -47.37 5.29 2.40
N LEU F 55 -47.54 5.98 1.28
CA LEU F 55 -46.40 6.41 0.48
C LEU F 55 -46.53 7.89 0.13
N LYS F 56 -45.61 8.69 0.66
CA LYS F 56 -45.56 10.11 0.33
C LYS F 56 -44.52 10.33 -0.76
N HIS F 57 -44.86 11.19 -1.72
CA HIS F 57 -43.92 11.60 -2.75
C HIS F 57 -43.86 13.12 -2.75
N GLY F 58 -42.66 13.66 -2.56
CA GLY F 58 -42.45 15.09 -2.65
C GLY F 58 -41.48 15.46 -3.75
N LYS F 59 -41.85 16.47 -4.53
CA LYS F 59 -41.01 16.96 -5.61
C LYS F 59 -40.63 18.39 -5.29
N GLY F 60 -39.46 18.82 -5.76
CA GLY F 60 -38.99 20.17 -5.49
C GLY F 60 -38.91 20.44 -4.01
N SER F 61 -39.46 21.58 -3.60
CA SER F 61 -39.40 22.00 -2.21
C SER F 61 -40.09 20.99 -1.30
N VAL F 62 -41.11 20.32 -1.83
CA VAL F 62 -41.86 19.34 -1.05
C VAL F 62 -41.02 18.09 -0.78
N ALA F 63 -40.04 17.82 -1.64
CA ALA F 63 -39.08 16.76 -1.35
C ALA F 63 -38.38 17.04 -0.03
N ASN F 64 -38.07 18.31 0.22
CA ASN F 64 -37.50 18.72 1.50
C ASN F 64 -38.43 18.49 2.69
N ASP F 65 -39.73 18.78 2.52
CA ASP F 65 -40.68 18.50 3.60
C ASP F 65 -40.74 17.01 3.93
N VAL F 66 -40.72 16.18 2.90
CA VAL F 66 -40.82 14.74 3.10
C VAL F 66 -39.56 14.25 3.80
N THR F 67 -38.41 14.78 3.39
CA THR F 67 -37.13 14.43 4.04
C THR F 67 -37.15 14.84 5.51
N ASP F 68 -37.64 16.05 5.77
CA ASP F 68 -37.84 16.57 7.13
C ASP F 68 -38.65 15.60 7.97
N GLU F 69 -39.75 15.10 7.39
CA GLU F 69 -40.59 14.21 8.17
C GLU F 69 -39.90 12.88 8.43
N MSE F 70 -39.19 12.35 7.44
CA MSE F 70 -38.49 11.08 7.60
C MSE F 70 -37.49 11.09 8.78
O MSE F 70 -37.45 10.14 9.56
CB MSE F 70 -37.76 10.66 6.31
CG MSE F 70 -37.13 9.27 6.38
SE MSE F 70 -35.31 9.30 7.16
CE MSE F 70 -34.56 10.60 5.97
N VAL F 71 -36.68 12.13 8.90
CA VAL F 71 -35.69 12.10 9.99
C VAL F 71 -36.34 12.26 11.34
N ARG F 72 -37.44 12.99 11.37
CA ARG F 72 -38.11 13.17 12.66
C ARG F 72 -38.86 11.90 13.08
N LEU F 73 -39.44 11.21 12.11
CA LEU F 73 -40.03 9.89 12.40
C LEU F 73 -38.96 8.96 12.92
N ASN F 74 -37.80 8.98 12.28
CA ASN F 74 -36.73 8.08 12.64
C ASN F 74 -36.22 8.33 14.06
N TRP F 75 -36.10 9.60 14.42
CA TRP F 75 -35.62 9.97 15.75
C TRP F 75 -36.67 9.77 16.84
N LEU F 76 -37.87 10.32 16.64
CA LEU F 76 -38.88 10.34 17.71
C LEU F 76 -39.49 8.97 18.06
N THR F 77 -39.41 8.02 17.14
CA THR F 77 -40.07 6.72 17.39
C THR F 77 -39.41 5.98 18.55
N ALA F 78 -38.17 6.35 18.87
CA ALA F 78 -37.50 5.76 20.04
C ALA F 78 -38.27 6.13 21.31
N PHE F 79 -39.04 7.22 21.26
CA PHE F 79 -39.75 7.73 22.43
C PHE F 79 -41.29 7.63 22.42
N MSE F 80 -41.88 7.61 21.23
CA MSE F 80 -43.34 7.67 21.10
C MSE F 80 -43.82 6.67 20.05
O MSE F 80 -43.04 6.26 19.19
CB MSE F 80 -43.77 9.08 20.67
CG MSE F 80 -43.34 10.18 21.60
SE MSE F 80 -44.30 10.13 23.28
CE MSE F 80 -45.87 11.07 22.66
N PRO F 81 -45.11 6.30 20.08
CA PRO F 81 -45.62 5.43 19.01
C PRO F 81 -45.89 6.23 17.74
N LEU F 82 -45.16 5.90 16.68
CA LEU F 82 -45.23 6.61 15.41
C LEU F 82 -45.28 5.58 14.31
N PRO F 83 -45.63 6.01 13.08
CA PRO F 83 -45.52 5.10 11.94
C PRO F 83 -44.08 4.65 11.79
N THR F 84 -43.89 3.41 11.34
CA THR F 84 -42.55 2.86 11.11
C THR F 84 -42.12 3.13 9.68
N ILE F 85 -40.86 3.57 9.52
CA ILE F 85 -40.29 3.75 8.20
C ILE F 85 -39.88 2.41 7.58
N LYS F 86 -40.51 2.05 6.47
N LYS F 86 -40.52 2.05 6.47
CA LYS F 86 -40.11 0.85 5.74
CA LYS F 86 -40.11 0.85 5.73
C LYS F 86 -39.07 1.13 4.66
C LYS F 86 -39.00 1.18 4.74
N HIS F 87 -39.12 2.32 4.07
CA HIS F 87 -38.18 2.67 3.02
C HIS F 87 -38.24 4.15 2.77
N PHE F 88 -37.09 4.74 2.45
CA PHE F 88 -37.05 6.14 2.08
C PHE F 88 -36.02 6.33 1.00
N ILE F 89 -36.34 7.15 0.02
CA ILE F 89 -35.40 7.44 -1.05
C ILE F 89 -35.34 8.93 -1.27
N ARG F 90 -34.13 9.45 -1.44
CA ARG F 90 -33.95 10.83 -1.83
CA ARG F 90 -33.96 10.83 -1.84
C ARG F 90 -33.08 10.91 -3.08
N THR F 91 -33.54 11.65 -4.09
CA THR F 91 -32.74 11.97 -5.27
C THR F 91 -32.77 13.50 -5.34
N PRO F 92 -32.01 14.14 -6.27
CA PRO F 92 -31.95 15.61 -6.21
C PRO F 92 -33.30 16.33 -6.13
N ASP F 93 -34.31 15.91 -6.88
CA ASP F 93 -35.56 16.64 -6.90
C ASP F 93 -36.75 15.86 -6.29
N ASP F 94 -36.50 14.64 -5.80
CA ASP F 94 -37.62 13.83 -5.32
C ASP F 94 -37.32 13.08 -4.02
N ALA F 95 -38.35 12.92 -3.21
CA ALA F 95 -38.25 12.12 -2.00
C ALA F 95 -39.46 11.20 -1.92
N TRP F 96 -39.21 9.97 -1.48
CA TRP F 96 -40.26 8.96 -1.37
C TRP F 96 -40.16 8.37 0.01
N LEU F 97 -41.25 8.42 0.76
CA LEU F 97 -41.30 7.90 2.12
C LEU F 97 -42.40 6.87 2.23
N LEU F 98 -42.02 5.65 2.60
CA LEU F 98 -42.97 4.55 2.75
C LEU F 98 -43.05 4.18 4.22
N THR F 99 -44.23 4.33 4.80
CA THR F 99 -44.40 4.08 6.23
C THR F 99 -45.55 3.12 6.50
N THR F 100 -45.52 2.49 7.67
CA THR F 100 -46.62 1.66 8.10
C THR F 100 -47.76 2.57 8.57
N ALA F 101 -48.99 2.11 8.38
CA ALA F 101 -50.14 2.86 8.85
C ALA F 101 -50.40 2.54 10.32
N ILE F 102 -50.88 3.52 11.06
CA ILE F 102 -51.34 3.26 12.42
C ILE F 102 -52.84 3.05 12.38
N PRO F 103 -53.29 1.84 12.73
CA PRO F 103 -54.70 1.45 12.72
C PRO F 103 -55.51 2.25 13.73
N GLY F 104 -56.72 2.64 13.38
CA GLY F 104 -57.57 3.35 14.32
C GLY F 104 -58.25 4.57 13.74
N LYS F 105 -58.74 5.42 14.62
CA LYS F 105 -59.46 6.63 14.23
C LYS F 105 -58.78 7.84 14.85
N THR F 106 -58.95 9.02 14.23
CA THR F 106 -58.38 10.22 14.80
C THR F 106 -59.13 10.65 16.05
N ALA F 107 -58.48 11.50 16.82
CA ALA F 107 -59.06 12.08 18.04
C ALA F 107 -60.34 12.82 17.73
N PHE F 108 -60.36 13.54 16.61
CA PHE F 108 -61.57 14.22 16.16
C PHE F 108 -62.71 13.22 16.00
N GLN F 109 -62.45 12.14 15.25
CA GLN F 109 -63.48 11.15 14.98
C GLN F 109 -63.97 10.45 16.26
N VAL F 110 -63.04 10.20 17.17
CA VAL F 110 -63.38 9.55 18.44
C VAL F 110 -64.25 10.46 19.30
N LEU F 111 -63.90 11.74 19.32
CA LEU F 111 -64.70 12.73 20.01
C LEU F 111 -66.11 12.77 19.45
N GLU F 112 -66.22 12.71 18.12
CA GLU F 112 -67.52 12.74 17.47
C GLU F 112 -68.35 11.52 17.81
N GLU F 113 -67.69 10.37 17.90
CA GLU F 113 -68.42 9.13 18.10
C GLU F 113 -68.79 8.94 19.57
N TYR F 114 -67.97 9.48 20.47
CA TYR F 114 -68.21 9.32 21.89
C TYR F 114 -68.27 10.67 22.58
N PRO F 115 -69.26 11.49 22.22
CA PRO F 115 -69.30 12.85 22.78
C PRO F 115 -69.46 12.88 24.31
N ASP F 116 -70.14 11.87 24.87
CA ASP F 116 -70.29 11.77 26.33
C ASP F 116 -68.96 11.43 27.03
N SER F 117 -67.92 11.14 26.25
CA SER F 117 -66.60 10.79 26.82
C SER F 117 -65.60 11.92 26.59
N GLY F 118 -66.11 13.11 26.29
CA GLY F 118 -65.26 14.23 25.95
C GLY F 118 -64.15 14.47 26.95
N GLU F 119 -64.52 14.53 28.23
CA GLU F 119 -63.55 14.84 29.28
C GLU F 119 -62.50 13.73 29.42
N ASN F 120 -62.95 12.48 29.32
CA ASN F 120 -62.02 11.35 29.38
C ASN F 120 -61.06 11.36 28.21
N ILE F 121 -61.58 11.74 27.05
CA ILE F 121 -60.72 11.82 25.87
C ILE F 121 -59.68 12.93 26.02
N VAL F 122 -60.10 14.08 26.52
CA VAL F 122 -59.15 15.18 26.78
C VAL F 122 -58.09 14.75 27.82
N ASP F 123 -58.51 14.03 28.85
CA ASP F 123 -57.60 13.46 29.83
C ASP F 123 -56.56 12.60 29.15
N ALA F 124 -57.00 11.76 28.22
CA ALA F 124 -56.09 10.90 27.49
C ALA F 124 -55.13 11.73 26.65
N LEU F 125 -55.65 12.74 25.96
CA LEU F 125 -54.82 13.64 25.18
C LEU F 125 -53.76 14.33 26.03
N ALA F 126 -54.17 14.79 27.21
CA ALA F 126 -53.24 15.49 28.11
C ALA F 126 -52.13 14.56 28.61
N VAL F 127 -52.44 13.30 28.88
CA VAL F 127 -51.43 12.34 29.36
C VAL F 127 -50.40 12.12 28.25
N PHE F 128 -50.88 11.97 27.02
CA PHE F 128 -50.02 11.72 25.87
C PHE F 128 -49.12 12.93 25.60
N LEU F 129 -49.70 14.11 25.65
CA LEU F 129 -48.93 15.33 25.47
C LEU F 129 -47.89 15.49 26.58
N ARG F 130 -48.27 15.16 27.81
CA ARG F 130 -47.28 15.16 28.90
C ARG F 130 -46.12 14.22 28.62
N ARG F 131 -46.43 13.04 28.07
CA ARG F 131 -45.39 12.07 27.73
C ARG F 131 -44.40 12.67 26.72
N LEU F 132 -44.93 13.26 25.65
CA LEU F 132 -44.10 13.89 24.62
C LEU F 132 -43.15 14.92 25.24
N HIS F 133 -43.70 15.78 26.09
CA HIS F 133 -42.96 16.87 26.70
C HIS F 133 -42.10 16.45 27.87
N SER F 134 -42.15 15.18 28.24
CA SER F 134 -41.27 14.68 29.29
C SER F 134 -39.95 14.15 28.72
N ILE F 135 -39.84 14.07 27.40
CA ILE F 135 -38.55 13.68 26.82
C ILE F 135 -37.52 14.76 27.11
N PRO F 136 -36.40 14.40 27.76
CA PRO F 136 -35.39 15.44 28.02
C PRO F 136 -34.88 16.06 26.72
N VAL F 137 -34.80 17.38 26.66
CA VAL F 137 -34.42 18.04 25.40
C VAL F 137 -33.01 17.66 24.94
N CYS F 138 -32.21 17.10 25.85
CA CYS F 138 -30.86 16.69 25.50
C CYS F 138 -30.85 15.57 24.48
N ASN F 139 -31.98 14.89 24.35
CA ASN F 139 -32.16 13.85 23.33
C ASN F 139 -32.48 14.35 21.91
N CYS F 140 -32.93 15.59 21.80
CA CYS F 140 -33.49 16.08 20.53
C CYS F 140 -32.53 16.90 19.66
N PRO F 141 -32.23 16.42 18.43
CA PRO F 141 -31.29 17.10 17.53
C PRO F 141 -31.96 18.14 16.63
N PHE F 142 -33.24 18.43 16.89
CA PHE F 142 -33.99 19.35 16.06
C PHE F 142 -34.39 20.62 16.78
N ASN F 143 -34.21 21.73 16.07
CA ASN F 143 -34.60 23.05 16.54
C ASN F 143 -35.89 23.49 15.86
N SER F 144 -36.91 23.73 16.67
CA SER F 144 -38.18 24.26 16.14
C SER F 144 -38.61 25.53 16.88
N ASP F 145 -37.66 26.30 17.38
CA ASP F 145 -38.00 27.42 18.26
C ASP F 145 -38.67 28.58 17.52
N ARG F 146 -39.10 29.60 18.26
CA ARG F 146 -39.94 30.62 17.65
C ARG F 146 -39.18 31.44 16.61
N VAL F 147 -37.90 31.66 16.88
CA VAL F 147 -37.06 32.42 15.97
C VAL F 147 -37.01 31.70 14.64
N PHE F 148 -36.81 30.38 14.69
CA PHE F 148 -36.84 29.55 13.49
C PHE F 148 -38.21 29.59 12.80
N ARG F 149 -39.28 29.46 13.57
CA ARG F 149 -40.61 29.40 12.97
C ARG F 149 -41.04 30.76 12.40
N LEU F 150 -40.67 31.85 13.06
CA LEU F 150 -41.04 33.20 12.58
C LEU F 150 -40.37 33.56 11.27
N ALA F 151 -39.14 33.07 11.08
CA ALA F 151 -38.47 33.24 9.81
C ALA F 151 -39.22 32.50 8.72
N GLN F 152 -39.71 31.29 9.02
CA GLN F 152 -40.51 30.54 8.06
C GLN F 152 -41.83 31.26 7.78
N ALA F 153 -42.43 31.81 8.82
CA ALA F 153 -43.71 32.49 8.67
C ALA F 153 -43.56 33.73 7.79
N GLN F 154 -42.47 34.47 7.99
CA GLN F 154 -42.24 35.66 7.19
C GLN F 154 -42.07 35.29 5.72
N SER F 155 -41.40 34.18 5.48
CA SER F 155 -41.15 33.73 4.12
C SER F 155 -42.46 33.36 3.43
N ARG F 156 -43.26 32.55 4.10
N ARG F 156 -43.27 32.54 4.10
CA ARG F 156 -44.57 32.17 3.58
CA ARG F 156 -44.57 32.18 3.56
C ARG F 156 -45.43 33.40 3.31
C ARG F 156 -45.44 33.40 3.31
N MSE F 157 -45.40 34.37 4.23
CA MSE F 157 -46.14 35.63 4.03
C MSE F 157 -45.64 36.35 2.78
O MSE F 157 -46.42 36.71 1.90
CB MSE F 157 -45.98 36.56 5.24
CG MSE F 157 -46.52 37.98 5.00
SE MSE F 157 -46.52 39.14 6.57
CE MSE F 157 -44.59 39.28 6.84
N ASN F 158 -44.33 36.50 2.68
CA ASN F 158 -43.73 37.25 1.58
C ASN F 158 -43.95 36.56 0.25
N ASN F 159 -44.11 35.25 0.28
CA ASN F 159 -44.30 34.50 -0.94
C ASN F 159 -45.76 34.20 -1.24
N GLY F 160 -46.64 34.83 -0.48
CA GLY F 160 -48.07 34.75 -0.75
C GLY F 160 -48.68 33.38 -0.51
N LEU F 161 -48.14 32.64 0.44
CA LEU F 161 -48.57 31.26 0.67
C LEU F 161 -49.45 31.10 1.92
N VAL F 162 -49.70 32.20 2.62
CA VAL F 162 -50.52 32.13 3.83
C VAL F 162 -52.01 32.00 3.46
N ASP F 163 -52.70 31.05 4.10
CA ASP F 163 -54.11 30.82 3.78
C ASP F 163 -54.97 31.79 4.59
N ALA F 164 -55.21 32.97 4.03
CA ALA F 164 -55.95 34.01 4.73
C ALA F 164 -57.42 33.62 4.99
N SER F 165 -57.93 32.64 4.24
CA SER F 165 -59.30 32.18 4.42
C SER F 165 -59.49 31.33 5.69
N ASP F 166 -58.38 30.92 6.28
CA ASP F 166 -58.41 29.89 7.31
C ASP F 166 -57.97 30.41 8.69
N PHE F 167 -57.97 31.73 8.87
CA PHE F 167 -57.60 32.29 10.17
C PHE F 167 -58.67 31.96 11.21
N ASP F 168 -58.31 31.95 12.48
CA ASP F 168 -59.29 31.78 13.55
C ASP F 168 -60.28 32.94 13.55
N ASP F 169 -61.44 32.69 14.15
CA ASP F 169 -62.55 33.64 14.13
C ASP F 169 -62.15 35.06 14.51
N GLU F 170 -61.29 35.18 15.53
CA GLU F 170 -60.89 36.49 16.04
C GLU F 170 -60.02 37.25 15.04
N ARG F 171 -59.51 36.53 14.03
CA ARG F 171 -58.72 37.18 12.99
C ARG F 171 -59.36 37.07 11.59
N ASN F 172 -60.63 36.66 11.56
CA ASN F 172 -61.32 36.44 10.29
C ASN F 172 -61.26 37.70 9.43
N GLY F 173 -60.74 37.57 8.22
CA GLY F 173 -60.74 38.70 7.30
C GLY F 173 -59.60 39.68 7.54
N TRP F 174 -58.74 39.41 8.51
CA TRP F 174 -57.59 40.29 8.73
C TRP F 174 -56.62 40.12 7.58
N PRO F 175 -55.96 41.21 7.15
CA PRO F 175 -54.86 41.02 6.21
C PRO F 175 -53.69 40.30 6.89
N VAL F 176 -52.94 39.49 6.15
CA VAL F 176 -51.81 38.74 6.70
C VAL F 176 -50.86 39.68 7.42
N GLU F 177 -50.62 40.85 6.84
CA GLU F 177 -49.64 41.79 7.40
C GLU F 177 -50.06 42.25 8.79
N GLN F 178 -51.37 42.32 9.02
CA GLN F 178 -51.88 42.72 10.34
C GLN F 178 -51.65 41.61 11.36
N VAL F 179 -51.88 40.36 10.95
CA VAL F 179 -51.60 39.26 11.86
C VAL F 179 -50.12 39.32 12.24
N TRP F 180 -49.28 39.55 11.24
CA TRP F 180 -47.83 39.64 11.44
C TRP F 180 -47.45 40.74 12.43
N LYS F 181 -47.91 41.96 12.19
CA LYS F 181 -47.56 43.08 13.06
C LYS F 181 -48.07 42.92 14.49
N GLU F 182 -49.35 42.56 14.63
CA GLU F 182 -49.96 42.41 15.94
C GLU F 182 -49.32 41.31 16.78
N MSE F 183 -48.99 40.20 16.13
CA MSE F 183 -48.30 39.08 16.76
C MSE F 183 -46.98 39.52 17.38
O MSE F 183 -46.59 39.03 18.44
CB MSE F 183 -48.02 37.96 15.74
CG MSE F 183 -47.26 36.73 16.33
SE MSE F 183 -47.05 35.31 15.03
CE MSE F 183 -46.09 36.37 13.72
N HIS F 184 -46.29 40.45 16.73
CA HIS F 184 -45.00 40.92 17.24
C HIS F 184 -45.12 41.76 18.51
N LYS F 185 -46.32 42.27 18.78
CA LYS F 185 -46.55 42.97 20.04
C LYS F 185 -46.52 42.03 21.25
N LEU F 186 -46.64 40.73 21.01
CA LEU F 186 -46.61 39.77 22.10
C LEU F 186 -45.16 39.39 22.49
N LEU F 187 -44.20 39.81 21.67
CA LEU F 187 -42.79 39.49 21.92
C LEU F 187 -42.09 40.62 22.69
N PRO F 188 -41.12 40.28 23.54
CA PRO F 188 -40.67 38.90 23.78
C PRO F 188 -41.26 38.20 25.01
N PHE F 189 -40.95 36.92 25.13
CA PHE F 189 -41.26 36.13 26.33
C PHE F 189 -40.19 35.06 26.43
N SER F 190 -39.96 34.55 27.63
CA SER F 190 -38.94 33.52 27.83
C SER F 190 -39.50 32.15 27.52
N PRO F 191 -38.82 31.42 26.62
CA PRO F 191 -39.35 30.10 26.26
C PRO F 191 -39.30 29.13 27.43
N ASP F 192 -40.26 28.21 27.43
CA ASP F 192 -40.28 27.06 28.31
C ASP F 192 -40.14 25.86 27.37
N SER F 193 -38.90 25.46 27.10
CA SER F 193 -38.59 24.58 25.97
C SER F 193 -38.71 23.08 26.28
N VAL F 194 -39.38 22.38 25.40
CA VAL F 194 -39.58 20.93 25.49
C VAL F 194 -39.55 20.38 24.07
N VAL F 195 -39.52 19.06 23.93
CA VAL F 195 -39.68 18.43 22.64
C VAL F 195 -41.14 18.60 22.19
N THR F 196 -41.36 19.29 21.08
CA THR F 196 -42.71 19.53 20.55
C THR F 196 -43.01 18.79 19.25
N HIS F 197 -44.29 18.57 18.98
CA HIS F 197 -44.73 17.88 17.79
C HIS F 197 -44.84 18.85 16.61
N GLY F 198 -45.38 20.04 16.88
CA GLY F 198 -45.43 21.06 15.86
C GLY F 198 -46.79 21.27 15.24
N ASP F 199 -47.61 20.21 15.21
CA ASP F 199 -48.97 20.31 14.69
C ASP F 199 -49.81 19.33 15.48
N PHE F 200 -49.90 19.57 16.79
CA PHE F 200 -50.52 18.62 17.71
C PHE F 200 -52.04 18.78 17.68
N SER F 201 -52.65 18.44 16.56
CA SER F 201 -54.08 18.68 16.37
C SER F 201 -54.89 17.39 16.54
N LEU F 202 -56.22 17.52 16.59
CA LEU F 202 -57.10 16.34 16.69
C LEU F 202 -56.97 15.40 15.49
N ASP F 203 -56.61 15.93 14.33
CA ASP F 203 -56.41 15.09 13.13
C ASP F 203 -55.14 14.23 13.18
N ASN F 204 -54.16 14.60 14.01
CA ASN F 204 -52.85 13.95 13.99
C ASN F 204 -52.60 12.99 15.15
N LEU F 205 -53.67 12.67 15.89
CA LEU F 205 -53.59 11.78 17.04
C LEU F 205 -54.53 10.62 16.81
N ILE F 206 -54.04 9.40 16.98
CA ILE F 206 -54.84 8.23 16.63
C ILE F 206 -55.20 7.35 17.85
N PHE F 207 -56.49 7.04 17.98
CA PHE F 207 -56.99 6.13 19.02
C PHE F 207 -57.30 4.78 18.39
N ASP F 208 -57.08 3.72 19.13
CA ASP F 208 -57.56 2.40 18.72
C ASP F 208 -57.89 1.60 19.98
N GLU F 209 -59.06 0.97 19.98
CA GLU F 209 -59.55 0.26 21.16
C GLU F 209 -59.46 1.13 22.41
N GLY F 210 -59.91 2.38 22.28
CA GLY F 210 -60.03 3.28 23.41
C GLY F 210 -58.73 3.85 23.97
N LYS F 211 -57.60 3.51 23.35
CA LYS F 211 -56.32 4.07 23.80
C LYS F 211 -55.67 4.93 22.72
N LEU F 212 -54.97 5.97 23.13
CA LEU F 212 -54.20 6.79 22.20
C LEU F 212 -52.98 6.00 21.83
N ILE F 213 -52.91 5.58 20.57
CA ILE F 213 -51.85 4.64 20.19
C ILE F 213 -50.83 5.21 19.21
N GLY F 214 -50.91 6.51 18.92
CA GLY F 214 -49.93 7.10 18.04
C GLY F 214 -50.19 8.52 17.58
N CYS F 215 -49.13 9.15 17.07
CA CYS F 215 -49.31 10.42 16.39
C CYS F 215 -48.63 10.40 15.02
N ILE F 216 -49.11 11.23 14.11
CA ILE F 216 -48.61 11.26 12.75
C ILE F 216 -48.27 12.70 12.35
N ASP F 217 -47.71 12.89 11.14
CA ASP F 217 -47.45 14.24 10.63
C ASP F 217 -46.40 14.96 11.48
N VAL F 218 -45.22 14.37 11.62
CA VAL F 218 -44.20 14.88 12.54
C VAL F 218 -43.13 15.81 11.94
N GLY F 219 -43.37 16.33 10.74
CA GLY F 219 -42.41 17.20 10.07
C GLY F 219 -41.91 18.41 10.85
N ARG F 220 -42.67 18.87 11.84
CA ARG F 220 -42.24 20.06 12.58
C ARG F 220 -41.68 19.76 13.96
N VAL F 221 -41.42 18.49 14.23
CA VAL F 221 -40.94 18.09 15.54
C VAL F 221 -39.62 18.81 15.84
N GLY F 222 -39.46 19.22 17.08
CA GLY F 222 -38.23 19.85 17.50
C GLY F 222 -38.44 20.56 18.81
N ILE F 223 -37.35 21.13 19.33
CA ILE F 223 -37.43 21.85 20.59
C ILE F 223 -38.10 23.20 20.33
N ALA F 224 -39.12 23.50 21.12
CA ALA F 224 -39.88 24.74 21.03
C ALA F 224 -40.56 24.93 22.37
N ASP F 225 -41.30 26.02 22.50
CA ASP F 225 -42.03 26.31 23.73
C ASP F 225 -43.20 25.34 23.82
N ARG F 226 -43.50 24.87 25.03
CA ARG F 226 -44.55 23.87 25.19
C ARG F 226 -45.91 24.38 24.67
N TYR F 227 -46.08 25.70 24.63
CA TYR F 227 -47.33 26.25 24.05
C TYR F 227 -47.50 26.07 22.54
N GLN F 228 -46.45 25.70 21.83
CA GLN F 228 -46.60 25.35 20.43
C GLN F 228 -47.62 24.21 20.27
N ASP F 229 -47.56 23.22 21.15
CA ASP F 229 -48.48 22.08 21.08
C ASP F 229 -49.76 22.34 21.86
N LEU F 230 -49.63 22.94 23.03
CA LEU F 230 -50.83 23.26 23.79
C LEU F 230 -51.80 24.11 22.98
N ALA F 231 -51.28 25.14 22.30
CA ALA F 231 -52.15 26.07 21.57
C ALA F 231 -52.95 25.40 20.45
N ILE F 232 -52.25 24.61 19.65
CA ILE F 232 -52.87 24.01 18.50
C ILE F 232 -53.97 23.02 18.92
N LEU F 233 -53.70 22.24 19.97
CA LEU F 233 -54.68 21.30 20.48
C LEU F 233 -55.84 22.03 21.15
N TRP F 234 -55.50 23.08 21.91
CA TRP F 234 -56.50 23.91 22.57
C TRP F 234 -57.43 24.50 21.51
N ASN F 235 -56.84 24.98 20.42
CA ASN F 235 -57.63 25.53 19.33
C ASN F 235 -58.66 24.48 18.83
N CYS F 236 -58.19 23.28 18.52
CA CYS F 236 -59.09 22.24 17.99
C CYS F 236 -60.20 21.89 18.97
N LEU F 237 -59.91 21.94 20.26
CA LEU F 237 -60.90 21.60 21.29
C LEU F 237 -62.01 22.64 21.34
N GLY F 238 -61.76 23.81 20.74
CA GLY F 238 -62.78 24.84 20.62
C GLY F 238 -64.01 24.38 19.84
N GLU F 239 -63.83 23.47 18.88
CA GLU F 239 -64.97 22.93 18.13
C GLU F 239 -65.86 22.08 19.02
N PHE F 240 -65.44 21.86 20.25
CA PHE F 240 -66.21 21.00 21.13
C PHE F 240 -66.79 21.79 22.29
N SER F 241 -65.93 22.34 23.16
CA SER F 241 -66.42 23.21 24.24
C SER F 241 -65.28 23.95 24.93
N PRO F 242 -65.59 25.14 25.50
CA PRO F 242 -64.58 25.90 26.25
C PRO F 242 -64.16 25.14 27.49
N SER F 243 -65.08 24.32 28.01
CA SER F 243 -64.80 23.52 29.18
C SER F 243 -63.70 22.51 28.86
N LEU F 244 -63.81 21.87 27.69
CA LEU F 244 -62.78 20.92 27.29
C LEU F 244 -61.44 21.60 27.02
N GLN F 245 -61.49 22.79 26.42
CA GLN F 245 -60.28 23.61 26.20
C GLN F 245 -59.56 23.82 27.52
N LYS F 246 -60.32 24.28 28.54
CA LYS F 246 -59.74 24.54 29.85
C LYS F 246 -59.21 23.27 30.50
N ARG F 247 -59.93 22.17 30.32
CA ARG F 247 -59.56 20.91 30.93
C ARG F 247 -58.23 20.43 30.40
N LEU F 248 -57.95 20.71 29.14
CA LEU F 248 -56.67 20.32 28.57
C LEU F 248 -55.52 20.92 29.38
N PHE F 249 -55.58 22.21 29.68
CA PHE F 249 -54.53 22.84 30.51
C PHE F 249 -54.48 22.27 31.91
N GLN F 250 -55.67 22.10 32.53
CA GLN F 250 -55.74 21.56 33.90
C GLN F 250 -55.09 20.19 34.00
N LYS F 251 -55.46 19.29 33.09
CA LYS F 251 -54.94 17.93 33.16
C LYS F 251 -53.48 17.88 32.75
N TYR F 252 -53.08 18.80 31.90
CA TYR F 252 -51.67 18.86 31.50
C TYR F 252 -50.83 19.32 32.68
N GLY F 253 -51.40 20.16 33.54
CA GLY F 253 -50.71 20.59 34.74
C GLY F 253 -50.54 22.08 34.92
N ILE F 254 -51.19 22.88 34.07
CA ILE F 254 -51.07 24.33 34.19
C ILE F 254 -52.35 24.95 34.74
N ASP F 255 -52.27 25.55 35.92
CA ASP F 255 -53.46 26.15 36.54
C ASP F 255 -53.79 27.53 35.97
N ASN F 256 -52.76 28.32 35.69
CA ASN F 256 -52.95 29.64 35.12
C ASN F 256 -52.31 29.72 33.75
N PRO F 257 -53.06 29.37 32.69
CA PRO F 257 -52.55 29.42 31.32
C PRO F 257 -52.02 30.81 30.99
N ASP F 258 -50.88 30.84 30.33
CA ASP F 258 -50.27 32.09 29.88
C ASP F 258 -50.98 32.54 28.59
N MSE F 259 -51.89 33.49 28.71
CA MSE F 259 -52.70 33.89 27.56
C MSE F 259 -51.85 34.51 26.46
O MSE F 259 -52.16 34.36 25.28
CB MSE F 259 -53.79 34.88 28.00
CG MSE F 259 -54.79 34.29 28.95
SE MSE F 259 -55.58 32.65 28.30
CE MSE F 259 -56.21 33.27 26.57
N ASN F 260 -50.77 35.19 26.87
CA ASN F 260 -49.80 35.76 25.92
C ASN F 260 -49.13 34.70 25.06
N LYS F 261 -48.61 33.65 25.70
CA LYS F 261 -47.99 32.57 24.94
C LYS F 261 -49.02 31.81 24.10
N LEU F 262 -50.20 31.62 24.67
CA LEU F 262 -51.30 30.98 23.95
C LEU F 262 -51.60 31.73 22.65
N GLN F 263 -51.84 33.04 22.79
CA GLN F 263 -52.18 33.88 21.66
C GLN F 263 -51.05 33.92 20.63
N PHE F 264 -49.81 34.05 21.11
CA PHE F 264 -48.68 34.08 20.18
C PHE F 264 -48.64 32.84 19.31
N HIS F 265 -48.80 31.67 19.93
CA HIS F 265 -48.71 30.43 19.17
C HIS F 265 -49.89 30.16 18.24
N LEU F 266 -51.06 30.65 18.62
CA LEU F 266 -52.24 30.57 17.77
C LEU F 266 -52.03 31.47 16.55
N MSE F 267 -51.52 32.68 16.80
CA MSE F 267 -51.24 33.60 15.70
C MSE F 267 -50.16 33.04 14.80
O MSE F 267 -50.28 33.11 13.57
CB MSE F 267 -50.85 34.97 16.22
CG MSE F 267 -52.02 35.67 16.87
SE MSE F 267 -51.57 37.39 17.56
CE MSE F 267 -52.02 38.40 15.99
N LEU F 268 -49.13 32.45 15.40
CA LEU F 268 -48.02 31.90 14.63
C LEU F 268 -48.51 30.82 13.68
N ASP F 269 -49.44 29.98 14.15
CA ASP F 269 -49.95 28.89 13.32
C ASP F 269 -50.78 29.38 12.12
N GLU F 270 -51.22 30.65 12.16
CA GLU F 270 -51.97 31.25 11.02
C GLU F 270 -51.18 31.25 9.71
N PHE F 271 -49.85 31.24 9.82
CA PHE F 271 -48.96 31.35 8.65
C PHE F 271 -48.65 30.03 7.98
N PHE F 272 -49.11 28.93 8.56
CA PHE F 272 -48.70 27.63 8.07
C PHE F 272 -49.86 26.84 7.50
C1 KAN G . 7.09 -3.01 -20.51
C2 KAN G . 8.36 -3.54 -21.17
C3 KAN G . 9.14 -2.45 -21.90
C4 KAN G . 8.26 -1.84 -22.96
C5 KAN G . 7.04 -1.25 -22.26
C6 KAN G . 6.15 -0.62 -23.33
C7 KAN G . 5.91 -1.15 -15.68
C8 KAN G . 5.68 -2.53 -16.18
C9 KAN G . 6.71 -2.79 -17.33
C10 KAN G . 6.55 -1.79 -18.49
C11 KAN G . 6.83 -0.39 -17.93
C12 KAN G . 5.83 -0.14 -16.83
C13 KAN G . 5.10 -4.72 -15.22
C14 KAN G . 4.72 -5.20 -13.83
C15 KAN G . 5.95 -5.40 -12.95
C16 KAN G . 6.79 -6.48 -13.64
C17 KAN G . 7.15 -5.99 -15.02
C18 KAN G . 8.13 -6.95 -15.73
N1 KAN G . 4.99 -0.02 -22.65
N2 KAN G . 6.58 0.56 -19.03
N3 KAN G . 4.84 -0.90 -14.69
N4 KAN G . 5.56 -5.76 -11.58
O5 KAN G . 6.32 -2.33 -21.52
O6 KAN G . 9.19 -4.13 -20.16
O7 KAN G . 10.29 -3.01 -22.55
O8 KAN G . 9.01 -0.85 -23.66
O9 KAN G . 7.50 -2.03 -19.54
O10 KAN G . 6.59 -4.14 -17.81
O11 KAN G . 5.76 -3.41 -15.05
O12 KAN G . 5.95 -5.72 -15.82
O13 KAN G . 3.86 -4.21 -13.28
O14 KAN G . 7.95 -6.77 -12.89
O15 KAN G . 8.57 -6.35 -16.97
C1 PP2 H . 16.76 -10.16 -30.02
N2 PP2 H . 17.86 -9.66 -30.60
C3 PP2 H . 18.97 -10.37 -30.61
N4 PP2 H . 19.03 -11.56 -30.04
C5 PP2 H . 17.97 -12.11 -29.44
C6 PP2 H . 16.76 -11.40 -29.41
C8 PP2 H . 15.46 -11.55 -28.93
N9 PP2 H . 14.79 -10.45 -29.26
N10 PP2 H . 15.52 -9.67 -29.88
C11 PP2 H . 14.88 -12.62 -28.23
C12 PP2 H . 15.57 -13.77 -27.90
C13 PP2 H . 14.96 -14.81 -27.22
C14 PP2 H . 13.63 -14.70 -26.88
C15 PP2 H . 12.91 -13.56 -27.22
C16 PP2 H . 13.54 -12.52 -27.90
C22 PP2 H . 15.07 -8.34 -30.37
C23 PP2 H . 15.11 -8.31 -31.89
C24 PP2 H . 13.64 -8.14 -29.85
C25 PP2 H . 15.97 -7.24 -29.77
N25 PP2 H . 18.14 -13.31 -28.90
CL PP2 H . 12.86 -15.99 -26.03
NA NA I . 30.31 -6.23 -28.92
CL CL J . 5.56 -0.22 -36.51
C ACT K . 32.53 -6.69 -26.67
O ACT K . 31.72 -7.32 -27.39
OXT ACT K . 32.50 -6.96 -25.45
CH3 ACT K . 33.50 -5.68 -27.23
C1 KAN L . 37.59 22.57 -41.31
C2 KAN L . 36.14 22.41 -41.71
C3 KAN L . 35.40 21.35 -40.91
C4 KAN L . 36.12 20.04 -41.12
C5 KAN L . 37.56 20.19 -40.63
C6 KAN L . 38.26 18.87 -40.88
C7 KAN L . 40.46 25.49 -38.00
C8 KAN L . 40.24 25.74 -39.46
C9 KAN L . 38.90 25.08 -39.82
C10 KAN L . 38.91 23.54 -39.61
C11 KAN L . 39.11 23.34 -38.10
C12 KAN L . 40.44 23.98 -37.69
C13 KAN L . 40.57 27.69 -40.95
C14 KAN L . 41.12 29.11 -40.72
C15 KAN L . 40.11 30.07 -40.12
C16 KAN L . 38.94 30.10 -41.08
C17 KAN L . 38.36 28.70 -41.23
C18 KAN L . 37.14 28.69 -42.18
N1 KAN L . 39.65 18.93 -40.40
N2 KAN L . 39.16 21.90 -37.82
N3 KAN L . 41.77 26.08 -37.66
N4 KAN L . 40.75 31.39 -39.99
O5 KAN L . 38.20 21.26 -41.39
O6 KAN L . 35.46 23.66 -41.50
O7 KAN L . 34.06 21.24 -41.39
O8 KAN L . 35.45 19.00 -40.40
O9 KAN L . 37.65 22.93 -39.94
O10 KAN L . 38.56 25.38 -41.17
O11 KAN L . 40.29 27.18 -39.64
O12 KAN L . 39.39 27.82 -41.75
O13 KAN L . 42.29 28.98 -39.91
O14 KAN L . 37.96 31.02 -40.62
O15 KAN L . 36.63 27.35 -42.28
C1 PP2 M . 24.43 19.78 -48.70
N2 PP2 M . 23.37 19.08 -48.25
C3 PP2 M . 22.15 19.52 -48.46
N4 PP2 M . 21.92 20.64 -49.12
C5 PP2 M . 22.92 21.39 -49.61
C6 PP2 M . 24.24 20.97 -49.40
C8 PP2 M . 25.55 21.39 -49.69
N9 PP2 M . 26.38 20.48 -49.17
N10 PP2 M . 25.74 19.57 -48.62
C11 PP2 M . 26.00 22.53 -50.39
C12 PP2 M . 25.15 23.48 -50.94
C13 PP2 M . 25.65 24.59 -51.62
C14 PP2 M . 27.01 24.76 -51.76
C15 PP2 M . 27.87 23.82 -51.21
C16 PP2 M . 27.37 22.71 -50.54
C22 PP2 M . 26.40 18.40 -47.94
C23 PP2 M . 26.04 18.43 -46.44
C24 PP2 M . 25.88 17.12 -48.61
C25 PP2 M . 27.91 18.52 -48.11
N25 PP2 M . 22.60 22.50 -50.25
CL PP2 M . 27.63 26.14 -52.60
NA NA N . 13.04 20.42 -40.54
C ACT O . 11.32 22.89 -39.40
O ACT O . 11.59 22.58 -40.58
OXT ACT O . 10.62 22.07 -38.76
CH3 ACT O . 11.81 24.17 -38.78
C1 KAN P . 4.97 -8.98 6.46
C2 KAN P . 4.25 -10.35 6.41
C3 KAN P . 4.97 -11.41 7.22
C4 KAN P . 6.38 -11.56 6.67
C5 KAN P . 7.09 -10.21 6.82
C6 KAN P . 8.53 -10.41 6.29
C7 KAN P . 4.67 -4.59 9.46
C8 KAN P . 4.11 -4.79 8.08
C9 KAN P . 3.88 -6.32 7.88
C10 KAN P . 5.20 -7.13 8.00
C11 KAN P . 5.71 -6.92 9.43
C12 KAN P . 5.94 -5.43 9.63
C13 KAN P . 2.46 -3.61 6.69
C14 KAN P . 1.72 -2.30 6.95
C15 KAN P . 0.50 -2.44 7.82
C16 KAN P . -0.44 -3.40 7.14
C17 KAN P . 0.30 -4.73 7.00
C18 KAN P . -0.55 -5.86 6.45
N1 KAN P . 9.30 -9.16 6.42
N2 KAN P . 7.03 -7.57 9.57
N3 KAN P . 5.00 -3.16 9.62
N4 KAN P . -0.14 -1.15 8.05
O5 KAN P . 6.35 -9.20 6.04
O6 KAN P . 2.92 -10.19 6.91
O7 KAN P . 4.25 -12.66 7.05
O8 KAN P . 7.08 -12.53 7.47
O9 KAN P . 4.99 -8.55 7.82
O10 KAN P . 3.20 -6.57 6.61
O11 KAN P . 2.94 -3.96 7.99
O12 KAN P . 1.51 -4.55 6.19
O13 KAN P . 2.73 -1.40 7.48
O14 KAN P . -1.65 -3.54 7.88
O15 KAN P . 0.24 -7.07 6.50
C1 PP2 Q . -0.70 -22.44 1.60
C1 PP2 Q . -2.05 -21.16 0.85
N2 PP2 Q . -0.64 -23.64 2.17
N2 PP2 Q . -3.35 -21.11 0.56
C3 PP2 Q . -1.66 -24.46 2.20
C3 PP2 Q . -4.17 -22.08 0.90
N4 PP2 Q . -2.81 -24.12 1.66
N4 PP2 Q . -3.72 -23.15 1.55
C5 PP2 Q . -2.98 -22.94 1.06
C5 PP2 Q . -2.42 -23.28 1.86
C6 PP2 Q . -1.90 -22.04 1.01
C6 PP2 Q . -1.52 -22.26 1.51
C8 PP2 Q . -1.58 -20.76 0.51
C8 PP2 Q . -0.16 -21.93 1.64
N9 PP2 Q . -0.31 -20.49 0.85
N9 PP2 Q . 0.04 -20.76 1.02
N10 PP2 Q . 0.18 -21.45 1.46
N10 PP2 Q . -1.04 -20.31 0.60
C11 PP2 Q . -2.43 -19.87 -0.15
C11 PP2 Q . 0.86 -22.71 2.20
C12 PP2 Q . -3.71 -20.19 -0.57
C12 PP2 Q . 0.63 -23.88 2.91
C13 PP2 Q . -4.52 -19.26 -1.21
C13 PP2 Q . 1.67 -24.63 3.44
C14 PP2 Q . -4.04 -17.98 -1.37
C14 PP2 Q . 2.96 -24.21 3.21
C15 PP2 Q . -2.77 -17.63 -0.93
C15 PP2 Q . 3.21 -23.06 2.46
C16 PP2 Q . -1.97 -18.57 -0.31
C16 PP2 Q . 2.16 -22.31 1.96
C22 PP2 Q . 1.60 -21.49 1.94
C22 PP2 Q . -1.21 -19.00 -0.10
C23 PP2 Q . 1.59 -21.70 3.45
C23 PP2 Q . -1.66 -19.28 -1.55
C24 PP2 Q . 2.26 -22.68 1.24
C24 PP2 Q . -2.26 -18.14 0.61
C25 PP2 Q . 2.35 -20.20 1.57
C25 PP2 Q . 0.14 -18.28 -0.10
N25 PP2 Q . -4.18 -22.72 0.56
N25 PP2 Q . -2.10 -24.39 2.51
CL PP2 Q . -5.02 -16.79 -2.15
CL PP2 Q . 4.28 -25.13 3.81
C1 PEG R . -10.21 -18.16 25.34
O1 PEG R . -10.66 -18.70 26.51
C2 PEG R . -10.21 -16.65 25.14
O2 PEG R . -10.66 -15.87 26.15
C3 PEG R . -10.59 -14.56 25.80
C4 PEG R . -11.06 -13.51 26.80
O4 PEG R . -10.99 -12.20 26.49
C1 KAN S . 14.82 -45.25 32.04
C2 KAN S . 15.80 -44.73 30.99
C3 KAN S . 15.19 -43.61 30.14
C4 KAN S . 13.94 -44.16 29.47
C5 KAN S . 12.95 -44.60 30.55
C6 KAN S . 11.79 -45.24 29.78
C7 KAN S . 13.87 -44.09 37.10
C8 KAN S . 14.73 -45.23 36.59
C9 KAN S . 15.20 -44.81 35.19
C10 KAN S . 14.04 -44.58 34.20
C11 KAN S . 13.24 -43.39 34.75
C12 KAN S . 12.71 -43.77 36.12
C13 KAN S . 16.56 -46.64 37.54
C14 KAN S . 17.10 -46.84 38.96
C15 KAN S . 17.97 -45.71 39.44
C16 KAN S . 19.13 -45.62 38.50
C17 KAN S . 18.58 -45.35 37.10
C18 KAN S . 19.76 -45.39 36.18
N1 KAN S . 10.76 -45.69 30.74
N2 KAN S . 12.11 -43.18 33.82
N3 KAN S . 13.39 -44.49 38.43
N4 KAN S . 18.47 -46.05 40.79
O5 KAN S . 13.59 -45.63 31.36
O6 KAN S . 17.00 -44.28 31.66
O7 KAN S . 16.14 -43.18 29.16
O8 KAN S . 13.34 -43.19 28.60
O9 KAN S . 14.52 -44.18 32.91
O10 KAN S . 15.99 -45.86 34.67
O11 KAN S . 15.77 -45.45 37.60
O12 KAN S . 17.67 -46.45 36.68
O13 KAN S . 15.97 -46.97 39.84
O14 KAN S . 19.90 -44.51 38.91
O15 KAN S . 19.26 -45.18 34.87
C1 PP2 T . 23.63 -42.51 19.06
N2 PP2 T . 23.64 -41.45 18.24
C3 PP2 T . 24.77 -40.89 17.86
N4 PP2 T . 25.93 -41.35 18.27
C5 PP2 T . 26.01 -42.41 19.09
C6 PP2 T . 24.84 -43.04 19.53
C8 PP2 T . 24.43 -44.12 20.34
N9 PP2 T . 23.09 -44.15 20.31
N10 PP2 T . 22.65 -43.25 19.59
C11 PP2 T . 25.24 -45.01 21.08
C12 PP2 T . 26.62 -44.94 21.04
C13 PP2 T . 27.43 -45.80 21.77
C14 PP2 T . 26.86 -46.75 22.60
C15 PP2 T . 25.47 -46.84 22.67
C16 PP2 T . 24.67 -45.97 21.92
C22 PP2 T . 21.17 -43.03 19.33
C23 PP2 T . 20.90 -43.24 17.84
C24 PP2 T . 20.41 -44.03 20.19
C25 PP2 T . 20.73 -41.61 19.75
N25 PP2 T . 27.25 -42.76 19.43
CL PP2 T . 27.93 -47.80 23.49
NA NA U . 18.58 -42.68 43.45
NA NA V . 27.26 -29.21 17.27
C ACT W . 16.10 -37.10 47.42
O ACT W . 16.41 -35.93 47.74
OXT ACT W . 14.95 -37.23 46.96
CH3 ACT W . 17.05 -38.26 47.57
C ACT X . 29.38 -26.84 18.88
O ACT X . 29.25 -27.92 18.27
OXT ACT X . 29.91 -26.91 20.01
CH3 ACT X . 28.94 -25.52 18.30
C1 KAN Y . -10.78 11.92 15.35
C2 KAN Y . -11.41 12.41 14.05
C3 KAN Y . -12.92 12.45 14.12
C4 KAN Y . -13.41 11.05 14.41
C5 KAN Y . -12.82 10.58 15.75
C6 KAN Y . -13.47 9.22 16.07
C7 KAN Y . -9.00 14.01 19.93
C8 KAN Y . -8.17 13.50 18.79
C9 KAN Y . -9.07 13.57 17.52
C10 KAN Y . -10.33 12.70 17.64
C11 KAN Y . -11.15 13.30 18.81
C12 KAN Y . -10.30 13.22 20.06
C13 KAN Y . -5.84 13.77 18.02
C14 KAN Y . -4.63 14.46 18.64
C15 KAN Y . -4.60 15.95 18.44
C16 KAN Y . -4.59 16.21 16.93
C17 KAN Y . -5.86 15.59 16.34
C18 KAN Y . -6.03 15.88 14.84
N1 KAN Y . -12.99 8.71 17.37
N2 KAN Y . -12.36 12.48 19.02
N3 KAN Y . -8.20 13.88 21.17
N4 KAN Y . -3.35 16.45 19.04
O5 KAN Y . -11.36 10.59 15.65
O6 KAN Y . -10.96 13.74 13.77
O7 KAN Y . -13.43 12.90 12.87
O8 KAN Y . -14.82 11.06 14.45
O9 KAN Y . -11.15 12.79 16.45
O10 KAN Y . -8.33 13.24 16.35
O11 KAN Y . -6.97 14.29 18.76
O12 KAN Y . -5.88 14.14 16.61
O13 KAN Y . -4.64 14.10 20.03
O14 KAN Y . -4.51 17.61 16.67
O15 KAN Y . -7.29 15.36 14.41
C1 PP2 Z . -15.59 13.18 0.90
N2 PP2 Z . -16.76 13.63 0.42
C3 PP2 Z . -16.78 14.49 -0.59
N4 PP2 Z . -15.66 14.96 -1.14
C5 PP2 Z . -14.45 14.56 -0.69
C6 PP2 Z . -14.39 13.64 0.37
C8 PP2 Z . -13.40 12.93 1.08
N9 PP2 Z . -14.05 12.23 2.00
N10 PP2 Z . -15.27 12.33 1.87
C11 PP2 Z . -11.99 13.03 0.99
C12 PP2 Z . -11.36 13.61 -0.09
C13 PP2 Z . -9.98 13.71 -0.19
C14 PP2 Z . -9.19 13.30 0.86
C15 PP2 Z . -9.80 12.76 1.99
C16 PP2 Z . -11.19 12.63 2.06
C22 PP2 Z . -16.24 11.61 2.73
C23 PP2 Z . -17.07 10.65 1.89
C24 PP2 Z . -15.43 10.84 3.77
C25 PP2 Z . -17.19 12.59 3.45
N25 PP2 Z . -13.40 15.07 -1.30
CL PP2 Z . -7.46 13.47 0.73
NA NA AA . -23.76 24.47 -1.78
C ACT BA . -22.98 27.78 -1.85
O ACT BA . -22.79 26.61 -2.28
OXT ACT BA . -24.17 28.09 -1.55
CH3 ACT BA . -21.85 28.75 -1.71
C1 KAN CA . -54.67 23.53 9.06
C2 KAN CA . -54.25 22.10 9.37
C3 KAN CA . -52.73 21.89 9.28
C4 KAN CA . -52.30 22.26 7.88
C5 KAN CA . -52.65 23.72 7.63
C6 KAN CA . -52.17 24.02 6.22
C7 KAN CA . -55.66 27.87 11.88
C8 KAN CA . -56.65 26.86 11.41
C9 KAN CA . -55.90 25.53 11.18
C10 KAN CA . -54.73 25.64 10.20
C11 KAN CA . -53.73 26.65 10.75
C12 KAN CA . -54.47 27.98 10.92
C13 KAN CA . -59.05 26.32 11.91
C14 KAN CA . -60.07 27.03 12.82
C15 KAN CA . -59.94 26.67 14.27
C16 KAN CA . -60.11 25.16 14.40
C17 KAN CA . -59.04 24.49 13.56
C18 KAN CA . -59.13 23.00 13.69
N1 KAN CA . -52.44 25.42 5.88
N2 KAN CA . -52.67 26.78 9.76
N3 KAN CA . -56.40 29.16 11.99
N4 KAN CA . -61.08 27.31 14.97
O5 KAN CA . -54.10 23.87 7.77
O6 KAN CA . -54.69 21.76 10.70
O7 KAN CA . -52.44 20.50 9.52
O8 KAN CA . -50.88 22.10 7.76
O9 KAN CA . -54.07 24.38 10.02
O10 KAN CA . -56.84 24.63 10.63
O11 KAN CA . -57.78 26.79 12.36
O12 KAN CA . -59.17 24.88 12.15
O13 KAN CA . -59.92 28.46 12.63
O14 KAN CA . -59.82 24.83 15.76
O15 KAN CA . -58.06 22.46 12.95
C1 PP2 DA . -50.99 8.34 8.44
N2 PP2 DA . -49.81 7.76 8.64
C3 PP2 DA . -49.69 6.67 9.39
N4 PP2 DA . -50.76 6.14 9.97
C5 PP2 DA . -51.99 6.66 9.80
C6 PP2 DA . -52.14 7.81 9.00
C8 PP2 DA . -53.16 8.67 8.56
N9 PP2 DA . -52.57 9.62 7.80
N10 PP2 DA . -51.35 9.41 7.73
C11 PP2 DA . -54.53 8.62 8.86
C12 PP2 DA . -55.08 7.60 9.61
C13 PP2 DA . -56.43 7.54 9.89
C14 PP2 DA . -57.27 8.53 9.44
C15 PP2 DA . -56.75 9.58 8.69
C16 PP2 DA . -55.38 9.63 8.41
C22 PP2 DA . -50.40 10.29 6.94
C23 PP2 DA . -49.73 9.45 5.85
C24 PP2 DA . -51.23 11.41 6.30
C25 PP2 DA . -49.33 10.88 7.87
N25 PP2 DA . -52.97 6.03 10.42
CL PP2 DA . -58.95 8.40 9.83
NA NA EA . -59.88 29.18 18.77
NA NA FA . -42.03 4.11 18.44
C ACT GA . -42.25 3.98 21.80
O ACT GA . -43.44 3.94 22.16
OXT ACT GA . -42.05 4.12 20.58
CH3 ACT GA . -41.11 3.87 22.79
C1 PEG HA . -64.46 5.71 25.06
O1 PEG HA . -65.68 5.11 25.02
C2 PEG HA . -63.71 6.05 23.77
O2 PEG HA . -62.49 6.64 23.83
C3 PEG HA . -62.10 6.86 25.13
C4 PEG HA . -60.74 7.52 25.40
O4 PEG HA . -60.32 7.77 26.68
#